data_2KHQ
#
_entry.id   2KHQ
#
_entity_poly.entity_id   1
_entity_poly.type   'polypeptide(L)'
_entity_poly.pdbx_seq_one_letter_code
;MITFADYFYQWYEVNKLPHVSESTKRHYESAYKHIKDHFRHKLLKDIKRTEYQKFLNEYGLTHSYETIRKLNSYIRNAFD
DAIHEGYVIKNPTYKAELHASVLEHHHHHH
;
_entity_poly.pdbx_strand_id   A
#
# COMPACT_ATOMS: atom_id res chain seq x y z
N MET A 1 -2.82 -20.02 -1.65
CA MET A 1 -2.00 -18.80 -1.56
C MET A 1 -2.88 -17.57 -1.76
N ILE A 2 -2.82 -16.65 -0.80
CA ILE A 2 -3.70 -15.50 -0.79
C ILE A 2 -3.12 -14.35 -1.61
N THR A 3 -4.01 -13.57 -2.23
CA THR A 3 -3.61 -12.43 -3.05
C THR A 3 -3.23 -11.24 -2.17
N PHE A 4 -2.50 -10.29 -2.74
CA PHE A 4 -2.04 -9.12 -1.99
C PHE A 4 -3.22 -8.31 -1.47
N ALA A 5 -4.25 -8.17 -2.30
CA ALA A 5 -5.44 -7.40 -1.94
C ALA A 5 -6.13 -8.01 -0.72
N ASP A 6 -6.49 -9.28 -0.82
CA ASP A 6 -7.21 -9.95 0.25
C ASP A 6 -6.34 -10.08 1.48
N TYR A 7 -5.05 -10.28 1.27
CA TYR A 7 -4.11 -10.39 2.38
C TYR A 7 -4.02 -9.07 3.13
N PHE A 8 -3.97 -7.97 2.39
CA PHE A 8 -3.87 -6.65 3.01
C PHE A 8 -5.03 -6.42 3.97
N TYR A 9 -6.23 -6.75 3.53
CA TYR A 9 -7.41 -6.60 4.37
C TYR A 9 -7.37 -7.56 5.55
N GLN A 10 -6.98 -8.80 5.28
CA GLN A 10 -6.90 -9.83 6.31
C GLN A 10 -5.86 -9.45 7.36
N TRP A 11 -4.67 -9.12 6.89
CA TRP A 11 -3.56 -8.69 7.75
C TRP A 11 -4.00 -7.55 8.65
N TYR A 12 -4.70 -6.59 8.07
CA TYR A 12 -5.21 -5.45 8.81
C TYR A 12 -6.20 -5.91 9.88
N GLU A 13 -7.25 -6.58 9.47
CA GLU A 13 -8.35 -6.95 10.37
C GLU A 13 -7.85 -7.83 11.52
N VAL A 14 -6.88 -8.68 11.25
CA VAL A 14 -6.36 -9.60 12.24
C VAL A 14 -5.35 -8.92 13.17
N ASN A 15 -4.60 -7.96 12.66
CA ASN A 15 -3.46 -7.43 13.40
C ASN A 15 -3.67 -5.99 13.88
N LYS A 16 -3.94 -5.09 12.96
CA LYS A 16 -3.98 -3.66 13.27
C LYS A 16 -5.35 -3.23 13.76
N LEU A 17 -6.38 -3.98 13.36
CA LEU A 17 -7.77 -3.61 13.63
C LEU A 17 -8.02 -3.28 15.12
N PRO A 18 -7.67 -4.18 16.06
CA PRO A 18 -7.94 -3.97 17.50
C PRO A 18 -7.20 -2.77 18.10
N HIS A 19 -6.25 -2.22 17.35
CA HIS A 19 -5.45 -1.11 17.85
C HIS A 19 -5.89 0.20 17.23
N VAL A 20 -6.72 0.13 16.20
CA VAL A 20 -7.11 1.31 15.46
C VAL A 20 -8.62 1.57 15.57
N SER A 21 -9.08 2.62 14.91
CA SER A 21 -10.48 2.98 14.95
C SER A 21 -11.07 2.97 13.54
N GLU A 22 -12.35 3.25 13.42
CA GLU A 22 -13.03 3.30 12.13
C GLU A 22 -12.44 4.42 11.26
N SER A 23 -11.97 5.48 11.92
CA SER A 23 -11.30 6.58 11.24
C SER A 23 -10.06 6.06 10.54
N THR A 24 -9.44 5.06 11.16
CA THR A 24 -8.26 4.42 10.60
C THR A 24 -8.65 3.41 9.53
N LYS A 25 -9.80 2.77 9.74
CA LYS A 25 -10.30 1.75 8.81
C LYS A 25 -10.45 2.32 7.41
N ARG A 26 -11.06 3.49 7.31
CA ARG A 26 -11.31 4.09 6.00
C ARG A 26 -10.00 4.39 5.27
N HIS A 27 -8.94 4.68 6.02
CA HIS A 27 -7.62 4.87 5.42
C HIS A 27 -7.13 3.57 4.79
N TYR A 28 -7.15 2.50 5.58
CA TYR A 28 -6.71 1.18 5.11
C TYR A 28 -7.59 0.68 3.97
N GLU A 29 -8.90 0.82 4.14
CA GLU A 29 -9.85 0.30 3.16
C GLU A 29 -9.77 1.06 1.84
N SER A 30 -9.52 2.36 1.89
CA SER A 30 -9.33 3.13 0.65
C SER A 30 -8.06 2.69 -0.05
N ALA A 31 -7.01 2.43 0.74
CA ALA A 31 -5.78 1.90 0.22
C ALA A 31 -6.02 0.51 -0.37
N TYR A 32 -6.74 -0.31 0.38
CA TYR A 32 -7.14 -1.64 -0.04
C TYR A 32 -7.90 -1.61 -1.36
N LYS A 33 -8.74 -0.61 -1.55
CA LYS A 33 -9.49 -0.44 -2.80
C LYS A 33 -8.56 -0.24 -3.98
N HIS A 34 -7.54 0.58 -3.79
CA HIS A 34 -6.59 0.81 -4.85
C HIS A 34 -5.72 -0.43 -5.06
N ILE A 35 -5.43 -1.13 -3.97
CA ILE A 35 -4.67 -2.36 -4.02
C ILE A 35 -5.44 -3.44 -4.78
N LYS A 36 -6.70 -3.66 -4.41
CA LYS A 36 -7.52 -4.68 -5.05
C LYS A 36 -7.81 -4.31 -6.50
N ASP A 37 -7.79 -3.02 -6.79
CA ASP A 37 -7.94 -2.53 -8.15
C ASP A 37 -6.83 -3.04 -9.05
N HIS A 38 -5.59 -2.90 -8.59
CA HIS A 38 -4.43 -3.30 -9.38
C HIS A 38 -4.09 -4.77 -9.16
N PHE A 39 -4.02 -5.17 -7.90
CA PHE A 39 -3.60 -6.52 -7.54
C PHE A 39 -4.81 -7.38 -7.21
N ARG A 40 -5.51 -7.81 -8.25
CA ARG A 40 -6.76 -8.54 -8.08
C ARG A 40 -6.50 -10.03 -7.81
N HIS A 41 -5.97 -10.71 -8.80
CA HIS A 41 -5.58 -12.11 -8.63
C HIS A 41 -4.07 -12.19 -8.46
N LYS A 42 -3.51 -11.06 -8.12
CA LYS A 42 -2.08 -10.93 -7.89
C LYS A 42 -1.71 -11.44 -6.51
N LEU A 43 -0.95 -12.53 -6.47
CA LEU A 43 -0.53 -13.12 -5.21
C LEU A 43 0.43 -12.20 -4.46
N LEU A 44 0.41 -12.29 -3.14
CA LEU A 44 1.23 -11.43 -2.27
C LEU A 44 2.72 -11.54 -2.61
N LYS A 45 3.15 -12.73 -2.98
CA LYS A 45 4.56 -13.02 -3.16
C LYS A 45 5.03 -12.80 -4.59
N ASP A 46 4.17 -12.23 -5.43
CA ASP A 46 4.49 -12.07 -6.84
C ASP A 46 4.67 -10.60 -7.21
N ILE A 47 4.49 -9.71 -6.23
CA ILE A 47 4.55 -8.28 -6.48
C ILE A 47 5.95 -7.86 -6.92
N LYS A 48 6.07 -7.30 -8.11
CA LYS A 48 7.33 -6.74 -8.57
C LYS A 48 7.41 -5.27 -8.16
N ARG A 49 8.63 -4.79 -7.94
CA ARG A 49 8.83 -3.44 -7.45
C ARG A 49 8.50 -2.40 -8.52
N THR A 50 8.56 -2.82 -9.78
CA THR A 50 8.29 -1.93 -10.89
C THR A 50 6.81 -1.56 -10.93
N GLU A 51 5.93 -2.55 -10.77
CA GLU A 51 4.50 -2.32 -10.77
C GLU A 51 4.06 -1.66 -9.46
N TYR A 52 4.78 -1.98 -8.39
CA TYR A 52 4.55 -1.35 -7.10
C TYR A 52 4.77 0.16 -7.21
N GLN A 53 5.81 0.52 -7.95
CA GLN A 53 6.12 1.91 -8.22
C GLN A 53 4.95 2.56 -8.98
N LYS A 54 4.43 1.84 -9.96
CA LYS A 54 3.33 2.34 -10.79
C LYS A 54 2.06 2.52 -9.96
N PHE A 55 1.89 1.65 -8.98
CA PHE A 55 0.77 1.73 -8.05
C PHE A 55 0.83 3.04 -7.26
N LEU A 56 2.03 3.38 -6.80
CA LEU A 56 2.23 4.57 -5.99
C LEU A 56 2.04 5.84 -6.80
N ASN A 57 2.53 5.83 -8.04
CA ASN A 57 2.40 6.99 -8.92
C ASN A 57 0.94 7.34 -9.15
N GLU A 58 0.12 6.32 -9.35
CA GLU A 58 -1.30 6.52 -9.58
C GLU A 58 -2.00 6.96 -8.29
N TYR A 59 -1.57 6.39 -7.17
CA TYR A 59 -2.15 6.73 -5.87
C TYR A 59 -1.80 8.16 -5.49
N GLY A 60 -0.60 8.57 -5.87
CA GLY A 60 -0.14 9.92 -5.58
C GLY A 60 -0.81 10.98 -6.43
N LEU A 61 -1.62 10.54 -7.38
CA LEU A 61 -2.40 11.45 -8.21
C LEU A 61 -3.76 11.72 -7.58
N THR A 62 -4.18 10.81 -6.72
CA THR A 62 -5.52 10.87 -6.15
C THR A 62 -5.52 11.24 -4.67
N HIS A 63 -4.36 11.12 -4.03
CA HIS A 63 -4.28 11.33 -2.58
C HIS A 63 -3.06 12.16 -2.22
N SER A 64 -3.07 12.71 -1.01
CA SER A 64 -2.00 13.57 -0.54
C SER A 64 -0.80 12.76 -0.08
N TYR A 65 0.28 13.46 0.27
CA TYR A 65 1.52 12.81 0.69
C TYR A 65 1.30 11.97 1.94
N GLU A 66 0.60 12.53 2.93
CA GLU A 66 0.37 11.82 4.18
C GLU A 66 -0.38 10.51 3.91
N THR A 67 -1.26 10.54 2.93
CA THR A 67 -2.07 9.38 2.58
C THR A 67 -1.23 8.30 1.91
N ILE A 68 -0.38 8.71 0.97
CA ILE A 68 0.46 7.75 0.26
C ILE A 68 1.60 7.25 1.16
N ARG A 69 2.10 8.13 2.03
CA ARG A 69 3.17 7.76 2.95
C ARG A 69 2.71 6.67 3.91
N LYS A 70 1.54 6.85 4.52
CA LYS A 70 1.02 5.87 5.45
C LYS A 70 0.69 4.58 4.72
N LEU A 71 0.20 4.70 3.48
CA LEU A 71 -0.06 3.53 2.65
C LEU A 71 1.19 2.68 2.52
N ASN A 72 2.31 3.34 2.20
CA ASN A 72 3.59 2.67 2.05
C ASN A 72 3.96 1.91 3.32
N SER A 73 3.82 2.55 4.47
CA SER A 73 4.17 1.93 5.73
C SER A 73 3.28 0.71 6.03
N TYR A 74 2.02 0.77 5.58
CA TYR A 74 1.12 -0.37 5.76
C TYR A 74 1.60 -1.54 4.92
N ILE A 75 1.86 -1.27 3.64
CA ILE A 75 2.32 -2.28 2.71
C ILE A 75 3.66 -2.85 3.16
N ARG A 76 4.56 -1.97 3.57
CA ARG A 76 5.87 -2.38 4.07
C ARG A 76 5.73 -3.34 5.25
N ASN A 77 4.84 -3.01 6.19
CA ASN A 77 4.60 -3.85 7.34
C ASN A 77 3.86 -5.14 6.95
N ALA A 78 3.03 -5.04 5.93
CA ALA A 78 2.30 -6.21 5.43
C ALA A 78 3.29 -7.27 4.92
N PHE A 79 4.28 -6.83 4.15
CA PHE A 79 5.32 -7.73 3.68
C PHE A 79 6.26 -8.11 4.80
N ASP A 80 6.51 -7.17 5.71
CA ASP A 80 7.38 -7.41 6.85
C ASP A 80 6.79 -8.49 7.76
N ASP A 81 5.47 -8.44 7.93
CA ASP A 81 4.76 -9.44 8.72
C ASP A 81 4.80 -10.79 8.00
N ALA A 82 4.44 -10.76 6.73
CA ALA A 82 4.38 -11.99 5.93
C ALA A 82 5.75 -12.65 5.80
N ILE A 83 6.80 -11.84 5.68
CA ILE A 83 8.16 -12.37 5.59
C ILE A 83 8.59 -12.93 6.94
N HIS A 84 8.09 -12.31 8.00
CA HIS A 84 8.37 -12.76 9.35
C HIS A 84 7.77 -14.14 9.57
N GLU A 85 6.61 -14.36 8.97
CA GLU A 85 5.89 -15.62 9.14
C GLU A 85 6.37 -16.65 8.14
N GLY A 86 7.20 -16.20 7.20
CA GLY A 86 7.80 -17.11 6.23
C GLY A 86 6.88 -17.39 5.07
N TYR A 87 6.02 -16.42 4.76
CA TYR A 87 5.05 -16.58 3.69
C TYR A 87 5.48 -15.83 2.43
N VAL A 88 5.86 -14.58 2.57
CA VAL A 88 6.30 -13.80 1.43
C VAL A 88 7.83 -13.76 1.38
N ILE A 89 8.38 -13.54 0.20
CA ILE A 89 9.82 -13.52 0.01
C ILE A 89 10.27 -12.29 -0.77
N LYS A 90 9.38 -11.78 -1.61
CA LYS A 90 9.69 -10.61 -2.43
C LYS A 90 9.06 -9.35 -1.84
N ASN A 91 9.90 -8.43 -1.41
CA ASN A 91 9.42 -7.16 -0.90
C ASN A 91 9.70 -6.07 -1.94
N PRO A 92 8.65 -5.58 -2.61
CA PRO A 92 8.78 -4.62 -3.71
C PRO A 92 8.97 -3.18 -3.24
N THR A 93 9.26 -3.02 -1.96
CA THR A 93 9.36 -1.71 -1.34
C THR A 93 10.65 -0.97 -1.71
N TYR A 94 11.47 -1.58 -2.56
CA TYR A 94 12.69 -0.95 -3.03
C TYR A 94 12.37 0.35 -3.77
N LYS A 95 11.32 0.32 -4.58
CA LYS A 95 10.91 1.49 -5.34
C LYS A 95 9.64 2.09 -4.75
N ALA A 96 9.58 2.14 -3.43
CA ALA A 96 8.46 2.75 -2.73
C ALA A 96 8.58 4.27 -2.75
N GLU A 97 8.53 4.84 -3.95
CA GLU A 97 8.64 6.27 -4.12
C GLU A 97 7.36 6.99 -3.72
N LEU A 98 7.43 7.75 -2.64
CA LEU A 98 6.28 8.51 -2.15
C LEU A 98 6.11 9.79 -2.93
N HIS A 99 5.79 9.66 -4.22
CA HIS A 99 5.60 10.82 -5.08
C HIS A 99 4.14 11.23 -5.13
N ALA A 100 3.73 12.04 -4.17
CA ALA A 100 2.41 12.65 -4.23
C ALA A 100 2.41 13.69 -5.34
N SER A 101 2.01 13.27 -6.52
CA SER A 101 2.11 14.09 -7.71
C SER A 101 1.11 15.24 -7.68
N VAL A 102 0.19 15.18 -6.72
CA VAL A 102 -0.70 16.29 -6.45
C VAL A 102 0.11 17.52 -6.05
N LEU A 103 1.22 17.28 -5.36
CA LEU A 103 2.09 18.33 -4.88
C LEU A 103 3.55 18.04 -5.24
N GLU A 104 3.74 17.42 -6.41
CA GLU A 104 5.08 17.16 -6.93
C GLU A 104 5.77 18.50 -7.20
N HIS A 105 6.55 18.95 -6.25
CA HIS A 105 7.09 20.30 -6.28
C HIS A 105 8.41 20.37 -7.05
N HIS A 106 8.39 21.12 -8.13
CA HIS A 106 9.58 21.41 -8.91
C HIS A 106 9.60 22.89 -9.21
N HIS A 107 10.43 23.33 -10.14
CA HIS A 107 10.48 24.74 -10.50
C HIS A 107 9.99 24.96 -11.91
N HIS A 108 8.70 25.26 -12.02
CA HIS A 108 8.07 25.52 -13.31
C HIS A 108 8.01 27.02 -13.55
N HIS A 109 9.17 27.63 -13.80
CA HIS A 109 9.24 29.07 -14.01
C HIS A 109 10.05 29.38 -15.25
N HIS A 110 9.62 30.39 -15.99
CA HIS A 110 10.33 30.81 -17.20
C HIS A 110 10.02 32.28 -17.49
N MET A 1 -3.05 -20.39 -1.69
CA MET A 1 -2.33 -19.24 -2.27
C MET A 1 -3.19 -17.99 -2.17
N ILE A 2 -2.87 -17.14 -1.20
CA ILE A 2 -3.66 -15.96 -0.95
C ILE A 2 -3.18 -14.78 -1.79
N THR A 3 -4.15 -14.00 -2.26
CA THR A 3 -3.88 -12.82 -3.04
C THR A 3 -3.55 -11.64 -2.13
N PHE A 4 -2.78 -10.68 -2.65
CA PHE A 4 -2.34 -9.54 -1.85
C PHE A 4 -3.52 -8.75 -1.29
N ALA A 5 -4.53 -8.54 -2.12
CA ALA A 5 -5.72 -7.80 -1.69
C ALA A 5 -6.38 -8.48 -0.49
N ASP A 6 -6.62 -9.77 -0.63
CA ASP A 6 -7.23 -10.57 0.43
C ASP A 6 -6.33 -10.63 1.65
N TYR A 7 -5.02 -10.72 1.41
CA TYR A 7 -4.04 -10.79 2.49
C TYR A 7 -4.00 -9.49 3.26
N PHE A 8 -3.96 -8.36 2.55
CA PHE A 8 -3.88 -7.05 3.18
C PHE A 8 -5.06 -6.83 4.12
N TYR A 9 -6.26 -7.11 3.63
CA TYR A 9 -7.46 -6.92 4.43
C TYR A 9 -7.49 -7.91 5.59
N GLN A 10 -7.13 -9.16 5.31
CA GLN A 10 -7.12 -10.20 6.33
C GLN A 10 -6.11 -9.86 7.42
N TRP A 11 -4.90 -9.50 6.99
CA TRP A 11 -3.84 -9.08 7.89
C TRP A 11 -4.31 -7.94 8.77
N TYR A 12 -4.94 -6.95 8.15
CA TYR A 12 -5.49 -5.81 8.88
C TYR A 12 -6.53 -6.26 9.90
N GLU A 13 -7.47 -7.09 9.47
CA GLU A 13 -8.59 -7.51 10.30
C GLU A 13 -8.12 -8.37 11.48
N VAL A 14 -6.98 -9.01 11.33
CA VAL A 14 -6.41 -9.82 12.41
C VAL A 14 -5.50 -8.97 13.30
N ASN A 15 -4.94 -7.92 12.72
CA ASN A 15 -3.87 -7.20 13.38
C ASN A 15 -4.33 -5.90 14.03
N LYS A 16 -4.97 -5.03 13.24
CA LYS A 16 -5.28 -3.68 13.71
C LYS A 16 -6.77 -3.47 13.95
N LEU A 17 -7.61 -4.39 13.47
CA LEU A 17 -9.06 -4.21 13.48
C LEU A 17 -9.60 -3.71 14.84
N PRO A 18 -9.34 -4.42 15.95
CA PRO A 18 -9.89 -4.03 17.25
C PRO A 18 -9.12 -2.88 17.92
N HIS A 19 -8.08 -2.42 17.26
CA HIS A 19 -7.20 -1.42 17.86
C HIS A 19 -7.37 -0.06 17.21
N VAL A 20 -7.76 -0.05 15.94
CA VAL A 20 -7.86 1.20 15.19
C VAL A 20 -9.30 1.73 15.19
N SER A 21 -9.42 3.04 15.27
CA SER A 21 -10.71 3.69 15.22
C SER A 21 -11.19 3.83 13.77
N GLU A 22 -12.42 4.30 13.60
CA GLU A 22 -13.01 4.45 12.28
C GLU A 22 -12.16 5.32 11.37
N SER A 23 -11.54 6.35 11.96
CA SER A 23 -10.66 7.24 11.23
C SER A 23 -9.53 6.47 10.56
N THR A 24 -8.97 5.49 11.27
CA THR A 24 -7.88 4.69 10.75
C THR A 24 -8.41 3.61 9.80
N LYS A 25 -9.63 3.15 10.07
CA LYS A 25 -10.27 2.15 9.21
C LYS A 25 -10.43 2.69 7.80
N ARG A 26 -10.76 3.97 7.70
CA ARG A 26 -10.93 4.63 6.41
C ARG A 26 -9.64 4.55 5.59
N HIS A 27 -8.51 4.68 6.27
CA HIS A 27 -7.20 4.58 5.61
C HIS A 27 -7.02 3.20 4.97
N TYR A 28 -7.19 2.16 5.79
CA TYR A 28 -6.97 0.80 5.34
C TYR A 28 -7.97 0.39 4.26
N GLU A 29 -9.24 0.75 4.45
CA GLU A 29 -10.29 0.33 3.53
C GLU A 29 -10.18 1.07 2.18
N SER A 30 -9.66 2.29 2.21
CA SER A 30 -9.41 3.02 0.97
C SER A 30 -8.18 2.45 0.27
N ALA A 31 -7.17 2.07 1.06
CA ALA A 31 -6.00 1.42 0.52
C ALA A 31 -6.37 0.09 -0.13
N TYR A 32 -7.23 -0.66 0.57
CA TYR A 32 -7.68 -1.95 0.10
C TYR A 32 -8.36 -1.87 -1.27
N LYS A 33 -9.25 -0.90 -1.45
CA LYS A 33 -9.97 -0.77 -2.70
C LYS A 33 -9.03 -0.41 -3.86
N HIS A 34 -8.01 0.40 -3.57
CA HIS A 34 -7.01 0.75 -4.58
C HIS A 34 -6.15 -0.47 -4.92
N ILE A 35 -5.90 -1.31 -3.93
CA ILE A 35 -5.14 -2.53 -4.12
C ILE A 35 -5.93 -3.50 -5.00
N LYS A 36 -7.20 -3.68 -4.70
CA LYS A 36 -8.08 -4.53 -5.49
C LYS A 36 -8.19 -4.01 -6.91
N ASP A 37 -8.20 -2.70 -7.03
CA ASP A 37 -8.29 -2.03 -8.33
C ASP A 37 -7.11 -2.38 -9.22
N HIS A 38 -5.89 -2.24 -8.69
CA HIS A 38 -4.68 -2.46 -9.47
C HIS A 38 -4.24 -3.93 -9.45
N PHE A 39 -4.04 -4.47 -8.25
CA PHE A 39 -3.48 -5.81 -8.10
C PHE A 39 -4.57 -6.87 -8.19
N ARG A 40 -5.25 -6.90 -9.32
CA ARG A 40 -6.29 -7.87 -9.57
C ARG A 40 -5.70 -9.27 -9.64
N HIS A 41 -6.08 -10.12 -8.68
CA HIS A 41 -5.64 -11.51 -8.64
C HIS A 41 -4.13 -11.62 -8.44
N LYS A 42 -3.54 -10.56 -7.90
CA LYS A 42 -2.11 -10.55 -7.68
C LYS A 42 -1.77 -11.31 -6.40
N LEU A 43 -0.98 -12.35 -6.55
CA LEU A 43 -0.59 -13.18 -5.43
C LEU A 43 0.40 -12.43 -4.55
N LEU A 44 0.39 -12.72 -3.26
CA LEU A 44 1.26 -12.04 -2.31
C LEU A 44 2.73 -12.29 -2.64
N LYS A 45 3.01 -13.45 -3.21
CA LYS A 45 4.37 -13.82 -3.56
C LYS A 45 4.70 -13.41 -4.99
N ASP A 46 3.77 -12.72 -5.64
CA ASP A 46 3.99 -12.25 -7.00
C ASP A 46 3.66 -10.77 -7.10
N ILE A 47 4.54 -9.93 -6.62
CA ILE A 47 4.45 -8.50 -6.86
C ILE A 47 5.84 -7.91 -7.06
N LYS A 48 6.01 -7.20 -8.16
CA LYS A 48 7.29 -6.62 -8.50
C LYS A 48 7.42 -5.23 -7.89
N ARG A 49 8.66 -4.82 -7.67
CA ARG A 49 8.95 -3.48 -7.15
C ARG A 49 8.38 -2.40 -8.07
N THR A 50 8.44 -2.64 -9.37
CA THR A 50 7.95 -1.67 -10.34
C THR A 50 6.43 -1.59 -10.33
N GLU A 51 5.77 -2.70 -9.97
CA GLU A 51 4.32 -2.73 -9.90
C GLU A 51 3.85 -1.93 -8.70
N TYR A 52 4.61 -2.00 -7.63
CA TYR A 52 4.33 -1.21 -6.43
C TYR A 52 4.65 0.25 -6.69
N GLN A 53 5.76 0.50 -7.39
CA GLN A 53 6.13 1.84 -7.84
C GLN A 53 4.99 2.41 -8.67
N LYS A 54 4.48 1.60 -9.59
CA LYS A 54 3.36 1.97 -10.43
C LYS A 54 2.16 2.36 -9.57
N PHE A 55 1.79 1.47 -8.65
CA PHE A 55 0.67 1.68 -7.75
C PHE A 55 0.80 3.00 -6.99
N LEU A 56 1.98 3.25 -6.44
CA LEU A 56 2.22 4.45 -5.67
C LEU A 56 2.11 5.71 -6.55
N ASN A 57 2.61 5.62 -7.77
CA ASN A 57 2.55 6.74 -8.69
C ASN A 57 1.11 7.12 -8.99
N GLU A 58 0.30 6.12 -9.29
CA GLU A 58 -1.12 6.35 -9.60
C GLU A 58 -1.83 6.91 -8.37
N TYR A 59 -1.44 6.41 -7.20
CA TYR A 59 -2.05 6.81 -5.95
C TYR A 59 -1.70 8.26 -5.61
N GLY A 60 -0.44 8.61 -5.84
CA GLY A 60 0.04 9.95 -5.52
C GLY A 60 -0.45 11.00 -6.50
N LEU A 61 -1.12 10.56 -7.55
CA LEU A 61 -1.69 11.47 -8.53
C LEU A 61 -3.01 12.04 -8.07
N THR A 62 -3.57 11.45 -7.03
CA THR A 62 -4.88 11.85 -6.54
C THR A 62 -4.93 11.82 -5.00
N HIS A 63 -3.75 11.82 -4.37
CA HIS A 63 -3.68 11.79 -2.92
C HIS A 63 -2.49 12.60 -2.42
N SER A 64 -2.57 13.01 -1.16
CA SER A 64 -1.53 13.82 -0.54
C SER A 64 -0.32 12.96 -0.16
N TYR A 65 0.82 13.61 0.07
CA TYR A 65 2.06 12.93 0.39
C TYR A 65 1.93 12.11 1.67
N GLU A 66 1.28 12.66 2.69
CA GLU A 66 1.12 11.94 3.94
C GLU A 66 0.20 10.75 3.77
N THR A 67 -0.76 10.85 2.86
CA THR A 67 -1.70 9.79 2.63
C THR A 67 -0.99 8.59 1.99
N ILE A 68 -0.14 8.86 1.01
CA ILE A 68 0.65 7.82 0.38
C ILE A 68 1.75 7.32 1.33
N ARG A 69 2.27 8.23 2.16
CA ARG A 69 3.25 7.87 3.18
C ARG A 69 2.69 6.81 4.10
N LYS A 70 1.44 7.02 4.55
CA LYS A 70 0.77 6.05 5.43
C LYS A 70 0.45 4.77 4.66
N LEU A 71 0.04 4.91 3.41
CA LEU A 71 -0.23 3.76 2.54
C LEU A 71 0.99 2.84 2.50
N ASN A 72 2.14 3.42 2.22
CA ASN A 72 3.41 2.69 2.18
C ASN A 72 3.63 1.89 3.46
N SER A 73 3.54 2.55 4.61
CA SER A 73 3.81 1.91 5.89
C SER A 73 2.90 0.70 6.14
N TYR A 74 1.66 0.76 5.65
CA TYR A 74 0.72 -0.36 5.81
C TYR A 74 1.17 -1.54 4.97
N ILE A 75 1.36 -1.30 3.68
CA ILE A 75 1.74 -2.34 2.73
C ILE A 75 3.11 -2.91 3.08
N ARG A 76 4.04 -2.02 3.44
CA ARG A 76 5.37 -2.43 3.86
C ARG A 76 5.29 -3.34 5.08
N ASN A 77 4.45 -2.98 6.04
CA ASN A 77 4.30 -3.76 7.27
C ASN A 77 3.70 -5.12 6.96
N ALA A 78 2.79 -5.16 5.99
CA ALA A 78 2.17 -6.40 5.57
C ALA A 78 3.20 -7.38 5.00
N PHE A 79 4.02 -6.89 4.08
CA PHE A 79 5.07 -7.70 3.49
C PHE A 79 6.17 -8.00 4.51
N ASP A 80 6.40 -7.04 5.40
CA ASP A 80 7.44 -7.18 6.42
C ASP A 80 7.09 -8.29 7.38
N ASP A 81 5.81 -8.40 7.73
CA ASP A 81 5.33 -9.50 8.55
C ASP A 81 5.51 -10.81 7.80
N ALA A 82 5.08 -10.82 6.55
CA ALA A 82 5.20 -12.01 5.69
C ALA A 82 6.64 -12.50 5.59
N ILE A 83 7.56 -11.59 5.36
CA ILE A 83 8.96 -11.97 5.20
C ILE A 83 9.56 -12.43 6.53
N HIS A 84 9.11 -11.84 7.64
CA HIS A 84 9.56 -12.25 8.96
C HIS A 84 9.13 -13.68 9.25
N GLU A 85 8.02 -14.08 8.63
CA GLU A 85 7.48 -15.43 8.82
C GLU A 85 8.06 -16.39 7.78
N GLY A 86 8.81 -15.83 6.82
CA GLY A 86 9.33 -16.63 5.73
C GLY A 86 8.25 -17.03 4.76
N TYR A 87 7.21 -16.20 4.71
CA TYR A 87 6.04 -16.47 3.89
C TYR A 87 6.28 -16.00 2.46
N VAL A 88 7.05 -14.93 2.30
CA VAL A 88 7.43 -14.43 0.99
C VAL A 88 8.95 -14.47 0.83
N ILE A 89 9.42 -14.34 -0.40
CA ILE A 89 10.83 -14.49 -0.70
C ILE A 89 11.55 -13.16 -0.88
N LYS A 90 10.84 -12.16 -1.41
CA LYS A 90 11.48 -10.88 -1.71
C LYS A 90 10.60 -9.70 -1.30
N ASN A 91 11.16 -8.51 -1.41
CA ASN A 91 10.47 -7.29 -1.05
C ASN A 91 10.18 -6.44 -2.26
N PRO A 92 8.89 -6.27 -2.59
CA PRO A 92 8.45 -5.34 -3.63
C PRO A 92 8.35 -3.93 -3.09
N THR A 93 8.82 -3.74 -1.86
CA THR A 93 8.74 -2.46 -1.17
C THR A 93 9.83 -1.50 -1.64
N TYR A 94 10.67 -1.94 -2.57
CA TYR A 94 11.63 -1.05 -3.18
C TYR A 94 10.97 -0.34 -4.35
N LYS A 95 11.50 0.82 -4.71
CA LYS A 95 10.88 1.69 -5.71
C LYS A 95 9.61 2.31 -5.13
N ALA A 96 9.54 2.34 -3.81
CA ALA A 96 8.44 2.96 -3.10
C ALA A 96 8.59 4.47 -3.10
N GLU A 97 8.90 5.02 -4.27
CA GLU A 97 9.11 6.43 -4.43
C GLU A 97 7.79 7.18 -4.26
N LEU A 98 7.66 7.85 -3.14
CA LEU A 98 6.44 8.57 -2.81
C LEU A 98 6.35 9.85 -3.63
N HIS A 99 5.90 9.71 -4.86
CA HIS A 99 5.77 10.83 -5.77
C HIS A 99 4.32 11.27 -5.87
N ALA A 100 3.99 12.34 -5.18
CA ALA A 100 2.64 12.87 -5.20
C ALA A 100 2.62 14.14 -6.05
N SER A 101 2.02 14.04 -7.22
CA SER A 101 1.89 15.18 -8.12
C SER A 101 0.85 16.16 -7.59
N VAL A 102 0.15 15.74 -6.53
CA VAL A 102 -0.83 16.58 -5.89
C VAL A 102 -0.15 17.57 -4.96
N LEU A 103 0.55 18.51 -5.56
CA LEU A 103 1.21 19.58 -4.83
C LEU A 103 0.79 20.92 -5.42
N GLU A 104 -0.14 21.58 -4.75
CA GLU A 104 -0.68 22.84 -5.24
C GLU A 104 0.40 23.92 -5.24
N HIS A 105 0.84 24.31 -6.42
CA HIS A 105 1.86 25.33 -6.56
C HIS A 105 1.38 26.43 -7.51
N HIS A 106 1.21 27.62 -6.97
CA HIS A 106 0.78 28.76 -7.76
C HIS A 106 2.01 29.49 -8.29
N HIS A 107 2.52 29.04 -9.41
CA HIS A 107 3.73 29.61 -9.98
C HIS A 107 3.40 30.47 -11.19
N HIS A 108 3.23 31.77 -10.94
CA HIS A 108 2.97 32.73 -12.00
C HIS A 108 4.15 32.80 -12.96
N HIS A 109 3.86 32.64 -14.25
CA HIS A 109 4.91 32.65 -15.26
C HIS A 109 5.02 34.05 -15.86
N HIS A 110 6.23 34.44 -16.22
CA HIS A 110 6.46 35.72 -16.88
C HIS A 110 7.00 35.52 -18.28
N MET A 1 0.67 -19.36 0.52
CA MET A 1 0.53 -18.54 -0.70
C MET A 1 -0.89 -18.01 -0.81
N ILE A 2 -1.01 -16.70 -0.91
CA ILE A 2 -2.31 -16.05 -0.95
C ILE A 2 -2.23 -14.78 -1.80
N THR A 3 -3.37 -14.31 -2.29
CA THR A 3 -3.42 -13.09 -3.06
C THR A 3 -3.15 -11.90 -2.15
N PHE A 4 -2.50 -10.87 -2.68
CA PHE A 4 -2.16 -9.70 -1.88
C PHE A 4 -3.41 -8.99 -1.38
N ALA A 5 -4.43 -8.90 -2.22
CA ALA A 5 -5.67 -8.22 -1.87
C ALA A 5 -6.33 -8.87 -0.66
N ASP A 6 -6.49 -10.20 -0.72
CA ASP A 6 -7.15 -10.93 0.36
C ASP A 6 -6.26 -11.00 1.59
N TYR A 7 -4.95 -11.11 1.36
CA TYR A 7 -3.98 -11.14 2.45
C TYR A 7 -3.97 -9.82 3.21
N PHE A 8 -3.99 -8.71 2.47
CA PHE A 8 -3.97 -7.39 3.08
C PHE A 8 -5.18 -7.20 3.99
N TYR A 9 -6.35 -7.57 3.49
CA TYR A 9 -7.57 -7.43 4.27
C TYR A 9 -7.56 -8.35 5.48
N GLN A 10 -7.16 -9.60 5.26
CA GLN A 10 -7.06 -10.57 6.34
C GLN A 10 -6.06 -10.09 7.39
N TRP A 11 -4.91 -9.63 6.92
CA TRP A 11 -3.87 -9.09 7.79
C TRP A 11 -4.42 -7.96 8.64
N TYR A 12 -5.05 -6.99 7.99
CA TYR A 12 -5.63 -5.84 8.68
C TYR A 12 -6.67 -6.28 9.71
N GLU A 13 -7.52 -7.21 9.31
CA GLU A 13 -8.61 -7.69 10.16
C GLU A 13 -8.08 -8.28 11.47
N VAL A 14 -6.95 -8.96 11.40
CA VAL A 14 -6.38 -9.60 12.59
C VAL A 14 -5.43 -8.66 13.31
N ASN A 15 -4.92 -7.67 12.59
CA ASN A 15 -3.77 -6.91 13.08
C ASN A 15 -4.18 -5.55 13.63
N LYS A 16 -5.00 -4.82 12.88
CA LYS A 16 -5.31 -3.44 13.23
C LYS A 16 -6.79 -3.21 13.46
N LEU A 17 -7.62 -4.13 12.96
CA LEU A 17 -9.07 -3.98 13.03
C LEU A 17 -9.58 -3.67 14.45
N PRO A 18 -9.25 -4.50 15.46
CA PRO A 18 -9.71 -4.28 16.83
C PRO A 18 -8.83 -3.29 17.61
N HIS A 19 -8.08 -2.46 16.88
CA HIS A 19 -7.14 -1.55 17.53
C HIS A 19 -7.28 -0.12 17.02
N VAL A 20 -7.15 0.05 15.70
CA VAL A 20 -7.11 1.38 15.12
C VAL A 20 -8.47 2.07 15.16
N SER A 21 -8.44 3.39 15.25
CA SER A 21 -9.64 4.21 15.28
C SER A 21 -10.37 4.14 13.94
N GLU A 22 -11.62 4.59 13.91
CA GLU A 22 -12.42 4.58 12.69
C GLU A 22 -11.78 5.47 11.63
N SER A 23 -11.12 6.54 12.08
CA SER A 23 -10.40 7.43 11.20
C SER A 23 -9.30 6.67 10.46
N THR A 24 -8.73 5.67 11.12
CA THR A 24 -7.68 4.86 10.53
C THR A 24 -8.27 3.70 9.72
N LYS A 25 -9.43 3.20 10.17
CA LYS A 25 -10.11 2.11 9.49
C LYS A 25 -10.38 2.45 8.03
N ARG A 26 -10.76 3.71 7.79
CA ARG A 26 -11.06 4.15 6.43
C ARG A 26 -9.79 4.24 5.58
N HIS A 27 -8.63 4.49 6.22
CA HIS A 27 -7.36 4.48 5.50
C HIS A 27 -7.12 3.12 4.88
N TYR A 28 -7.26 2.08 5.69
CA TYR A 28 -7.09 0.70 5.21
C TYR A 28 -8.16 0.36 4.18
N GLU A 29 -9.39 0.77 4.46
CA GLU A 29 -10.50 0.55 3.54
C GLU A 29 -10.20 1.13 2.16
N SER A 30 -9.75 2.38 2.13
CA SER A 30 -9.44 3.05 0.89
C SER A 30 -8.23 2.40 0.21
N ALA A 31 -7.25 2.01 1.02
CA ALA A 31 -6.08 1.32 0.52
C ALA A 31 -6.47 0.02 -0.17
N TYR A 32 -7.35 -0.73 0.49
CA TYR A 32 -7.84 -2.00 -0.03
C TYR A 32 -8.55 -1.80 -1.37
N LYS A 33 -9.24 -0.67 -1.52
CA LYS A 33 -9.93 -0.36 -2.78
C LYS A 33 -8.92 -0.27 -3.91
N HIS A 34 -7.81 0.42 -3.66
CA HIS A 34 -6.80 0.63 -4.67
C HIS A 34 -6.02 -0.65 -4.94
N ILE A 35 -5.81 -1.44 -3.90
CA ILE A 35 -5.15 -2.73 -4.04
C ILE A 35 -6.02 -3.68 -4.87
N LYS A 36 -7.31 -3.69 -4.56
CA LYS A 36 -8.29 -4.49 -5.30
C LYS A 36 -8.39 -4.02 -6.75
N ASP A 37 -8.07 -2.75 -6.98
CA ASP A 37 -8.04 -2.19 -8.33
C ASP A 37 -6.84 -2.74 -9.11
N HIS A 38 -5.67 -2.64 -8.52
CA HIS A 38 -4.43 -2.97 -9.22
C HIS A 38 -4.07 -4.45 -9.14
N PHE A 39 -4.34 -5.07 -8.00
CA PHE A 39 -3.91 -6.44 -7.76
C PHE A 39 -5.08 -7.38 -7.53
N ARG A 40 -5.65 -7.86 -8.61
CA ARG A 40 -6.75 -8.80 -8.57
C ARG A 40 -6.24 -10.23 -8.76
N HIS A 41 -6.38 -11.05 -7.72
CA HIS A 41 -5.98 -12.47 -7.75
C HIS A 41 -4.46 -12.64 -7.82
N LYS A 42 -3.73 -11.52 -7.73
CA LYS A 42 -2.29 -11.55 -7.81
C LYS A 42 -1.68 -11.94 -6.45
N LEU A 43 -0.84 -12.97 -6.47
CA LEU A 43 -0.14 -13.42 -5.27
C LEU A 43 0.76 -12.32 -4.71
N LEU A 44 0.95 -12.30 -3.41
CA LEU A 44 1.74 -11.26 -2.77
C LEU A 44 3.21 -11.36 -3.16
N LYS A 45 3.66 -12.57 -3.45
CA LYS A 45 5.03 -12.78 -3.90
C LYS A 45 5.15 -12.47 -5.39
N ASP A 46 4.00 -12.40 -6.05
CA ASP A 46 3.95 -12.24 -7.49
C ASP A 46 3.80 -10.76 -7.85
N ILE A 47 3.67 -9.94 -6.82
CA ILE A 47 3.51 -8.50 -6.99
C ILE A 47 4.73 -7.90 -7.69
N LYS A 48 4.51 -7.31 -8.85
CA LYS A 48 5.57 -6.61 -9.56
C LYS A 48 5.98 -5.38 -8.76
N ARG A 49 7.24 -5.31 -8.38
CA ARG A 49 7.71 -4.18 -7.57
C ARG A 49 7.67 -2.90 -8.40
N THR A 50 7.80 -3.05 -9.71
CA THR A 50 7.62 -1.93 -10.63
C THR A 50 6.15 -1.53 -10.70
N GLU A 51 5.27 -2.51 -10.56
CA GLU A 51 3.83 -2.27 -10.56
C GLU A 51 3.44 -1.57 -9.27
N TYR A 52 4.08 -1.98 -8.18
CA TYR A 52 3.88 -1.36 -6.87
C TYR A 52 4.34 0.10 -6.92
N GLN A 53 5.50 0.32 -7.53
CA GLN A 53 6.00 1.66 -7.74
C GLN A 53 5.01 2.48 -8.56
N LYS A 54 4.56 1.90 -9.67
CA LYS A 54 3.55 2.54 -10.52
C LYS A 54 2.27 2.83 -9.74
N PHE A 55 1.87 1.86 -8.93
CA PHE A 55 0.70 2.00 -8.07
C PHE A 55 0.84 3.22 -7.15
N LEU A 56 2.01 3.36 -6.55
CA LEU A 56 2.28 4.48 -5.65
C LEU A 56 2.26 5.80 -6.42
N ASN A 57 2.86 5.81 -7.60
CA ASN A 57 2.94 7.04 -8.40
C ASN A 57 1.54 7.55 -8.75
N GLU A 58 0.68 6.65 -9.22
CA GLU A 58 -0.69 7.02 -9.57
C GLU A 58 -1.43 7.51 -8.33
N TYR A 59 -1.13 6.91 -7.19
CA TYR A 59 -1.76 7.26 -5.92
C TYR A 59 -1.30 8.66 -5.49
N GLY A 60 -0.01 8.92 -5.62
CA GLY A 60 0.55 10.20 -5.23
C GLY A 60 0.18 11.33 -6.17
N LEU A 61 -0.39 10.98 -7.32
CA LEU A 61 -0.86 11.97 -8.28
C LEU A 61 -2.29 12.38 -7.96
N THR A 62 -2.96 11.60 -7.12
CA THR A 62 -4.36 11.83 -6.81
C THR A 62 -4.62 11.90 -5.31
N HIS A 63 -3.56 11.93 -4.52
CA HIS A 63 -3.67 12.01 -3.07
C HIS A 63 -2.50 12.80 -2.49
N SER A 64 -2.53 13.04 -1.18
CA SER A 64 -1.49 13.80 -0.52
C SER A 64 -0.35 12.87 -0.08
N TYR A 65 0.75 13.46 0.36
CA TYR A 65 1.93 12.70 0.78
C TYR A 65 1.62 11.86 2.01
N GLU A 66 0.91 12.44 2.95
CA GLU A 66 0.52 11.73 4.16
C GLU A 66 -0.36 10.53 3.82
N THR A 67 -1.18 10.69 2.80
CA THR A 67 -2.07 9.63 2.37
C THR A 67 -1.28 8.48 1.74
N ILE A 68 -0.34 8.83 0.87
CA ILE A 68 0.47 7.81 0.18
C ILE A 68 1.48 7.17 1.13
N ARG A 69 2.02 7.95 2.06
CA ARG A 69 2.96 7.41 3.03
C ARG A 69 2.26 6.46 3.99
N LYS A 70 1.05 6.83 4.40
CA LYS A 70 0.20 5.95 5.21
C LYS A 70 0.01 4.63 4.47
N LEU A 71 -0.39 4.73 3.20
CA LEU A 71 -0.59 3.57 2.34
C LEU A 71 0.65 2.66 2.30
N ASN A 72 1.77 3.24 1.91
CA ASN A 72 3.03 2.50 1.81
C ASN A 72 3.39 1.84 3.13
N SER A 73 3.15 2.55 4.22
CA SER A 73 3.45 2.04 5.55
C SER A 73 2.65 0.78 5.87
N TYR A 74 1.40 0.73 5.41
CA TYR A 74 0.55 -0.43 5.64
C TYR A 74 1.03 -1.61 4.83
N ILE A 75 1.23 -1.38 3.53
CA ILE A 75 1.64 -2.44 2.61
C ILE A 75 3.00 -2.99 2.98
N ARG A 76 3.93 -2.10 3.31
CA ARG A 76 5.26 -2.52 3.75
C ARG A 76 5.15 -3.43 4.96
N ASN A 77 4.33 -3.02 5.93
CA ASN A 77 4.20 -3.77 7.18
C ASN A 77 3.59 -5.15 6.92
N ALA A 78 2.69 -5.22 5.95
CA ALA A 78 2.07 -6.49 5.59
C ALA A 78 3.13 -7.48 5.11
N PHE A 79 4.01 -7.01 4.23
CA PHE A 79 5.09 -7.83 3.71
C PHE A 79 6.19 -8.03 4.75
N ASP A 80 6.42 -7.01 5.56
CA ASP A 80 7.41 -7.08 6.63
C ASP A 80 7.00 -8.10 7.67
N ASP A 81 5.70 -8.21 7.91
CA ASP A 81 5.17 -9.22 8.83
C ASP A 81 5.26 -10.61 8.19
N ALA A 82 4.99 -10.66 6.89
CA ALA A 82 5.10 -11.89 6.13
C ALA A 82 6.53 -12.42 6.14
N ILE A 83 7.47 -11.55 5.79
CA ILE A 83 8.90 -11.91 5.76
C ILE A 83 9.37 -12.25 7.17
N HIS A 84 8.76 -11.60 8.16
CA HIS A 84 9.08 -11.82 9.56
C HIS A 84 8.90 -13.28 9.96
N GLU A 85 8.04 -13.98 9.23
CA GLU A 85 7.80 -15.39 9.52
C GLU A 85 8.20 -16.27 8.34
N GLY A 86 8.59 -15.64 7.25
CA GLY A 86 9.05 -16.38 6.09
C GLY A 86 7.91 -16.75 5.17
N TYR A 87 6.81 -16.02 5.27
CA TYR A 87 5.66 -16.28 4.45
C TYR A 87 5.91 -15.80 3.01
N VAL A 88 6.82 -14.85 2.88
CA VAL A 88 7.26 -14.40 1.56
C VAL A 88 8.78 -14.27 1.58
N ILE A 89 9.42 -14.62 0.46
CA ILE A 89 10.87 -14.64 0.41
C ILE A 89 11.45 -13.28 0.03
N LYS A 90 10.70 -12.52 -0.77
CA LYS A 90 11.16 -11.21 -1.21
C LYS A 90 10.01 -10.22 -1.19
N ASN A 91 10.27 -9.04 -0.66
CA ASN A 91 9.25 -7.99 -0.55
C ASN A 91 9.23 -7.12 -1.80
N PRO A 92 8.05 -6.95 -2.42
CA PRO A 92 7.88 -6.09 -3.60
C PRO A 92 7.90 -4.60 -3.27
N THR A 93 8.23 -4.29 -2.02
CA THR A 93 8.34 -2.91 -1.58
C THR A 93 9.69 -2.32 -1.97
N TYR A 94 10.46 -3.09 -2.73
CA TYR A 94 11.76 -2.67 -3.19
C TYR A 94 11.62 -1.67 -4.34
N LYS A 95 12.48 -0.65 -4.34
CA LYS A 95 12.55 0.35 -5.42
C LYS A 95 11.36 1.30 -5.36
N ALA A 96 10.53 1.14 -4.34
CA ALA A 96 9.35 1.98 -4.18
C ALA A 96 9.73 3.37 -3.68
N GLU A 97 8.98 4.36 -4.13
CA GLU A 97 9.20 5.75 -3.73
C GLU A 97 7.87 6.44 -3.48
N LEU A 98 7.90 7.48 -2.67
CA LEU A 98 6.70 8.25 -2.34
C LEU A 98 6.82 9.68 -2.88
N HIS A 99 6.25 9.91 -4.06
CA HIS A 99 6.29 11.24 -4.66
C HIS A 99 4.89 11.76 -4.92
N ALA A 100 4.37 12.53 -3.98
CA ALA A 100 3.10 13.19 -4.17
C ALA A 100 3.30 14.44 -5.02
N SER A 101 3.25 14.25 -6.34
CA SER A 101 3.56 15.30 -7.30
C SER A 101 2.55 16.44 -7.24
N VAL A 102 1.50 16.26 -6.46
CA VAL A 102 0.50 17.30 -6.25
C VAL A 102 1.11 18.44 -5.44
N LEU A 103 1.95 18.09 -4.48
CA LEU A 103 2.58 19.08 -3.61
C LEU A 103 4.09 19.10 -3.79
N GLU A 104 4.58 18.27 -4.71
CA GLU A 104 6.01 18.20 -4.97
C GLU A 104 6.45 19.33 -5.90
N HIS A 105 6.87 20.42 -5.28
CA HIS A 105 7.30 21.61 -6.00
C HIS A 105 8.15 22.46 -5.07
N HIS A 106 9.37 22.78 -5.48
CA HIS A 106 10.29 23.50 -4.61
C HIS A 106 10.69 24.84 -5.23
N HIS A 107 10.30 25.92 -4.57
CA HIS A 107 10.73 27.25 -4.95
C HIS A 107 11.14 28.01 -3.70
N HIS A 108 12.40 28.41 -3.62
CA HIS A 108 12.91 29.04 -2.41
C HIS A 108 13.15 30.53 -2.64
N HIS A 109 12.68 31.33 -1.69
CA HIS A 109 12.91 32.76 -1.71
C HIS A 109 14.26 33.05 -1.04
N HIS A 110 14.60 32.21 -0.09
CA HIS A 110 15.92 32.24 0.56
C HIS A 110 16.33 30.83 0.94
N MET A 1 0.38 -19.60 -0.69
CA MET A 1 0.51 -18.48 -1.65
C MET A 1 -0.84 -17.78 -1.83
N ILE A 2 -1.02 -16.68 -1.14
CA ILE A 2 -2.29 -15.96 -1.14
C ILE A 2 -2.19 -14.69 -2.00
N THR A 3 -3.34 -14.12 -2.35
CA THR A 3 -3.37 -12.86 -3.07
C THR A 3 -3.06 -11.70 -2.14
N PHE A 4 -2.46 -10.65 -2.67
CA PHE A 4 -2.02 -9.52 -1.85
C PHE A 4 -3.22 -8.79 -1.24
N ALA A 5 -4.27 -8.65 -2.03
CA ALA A 5 -5.47 -7.94 -1.58
C ALA A 5 -6.10 -8.64 -0.38
N ASP A 6 -6.27 -9.95 -0.50
CA ASP A 6 -6.91 -10.73 0.56
C ASP A 6 -6.02 -10.80 1.78
N TYR A 7 -4.72 -10.97 1.54
CA TYR A 7 -3.72 -11.00 2.62
C TYR A 7 -3.75 -9.68 3.39
N PHE A 8 -3.76 -8.57 2.67
CA PHE A 8 -3.77 -7.24 3.27
C PHE A 8 -4.99 -7.04 4.16
N TYR A 9 -6.15 -7.46 3.65
CA TYR A 9 -7.39 -7.30 4.39
C TYR A 9 -7.38 -8.16 5.65
N GLN A 10 -6.97 -9.41 5.51
CA GLN A 10 -6.87 -10.32 6.65
C GLN A 10 -5.95 -9.73 7.71
N TRP A 11 -4.80 -9.24 7.25
CA TRP A 11 -3.81 -8.62 8.11
C TRP A 11 -4.43 -7.47 8.92
N TYR A 12 -5.16 -6.61 8.22
CA TYR A 12 -5.83 -5.47 8.85
C TYR A 12 -6.91 -5.92 9.83
N GLU A 13 -7.79 -6.81 9.39
CA GLU A 13 -8.98 -7.18 10.16
C GLU A 13 -8.62 -7.89 11.47
N VAL A 14 -7.46 -8.51 11.52
CA VAL A 14 -7.05 -9.25 12.71
C VAL A 14 -6.19 -8.39 13.64
N ASN A 15 -5.55 -7.36 13.10
CA ASN A 15 -4.53 -6.64 13.86
C ASN A 15 -4.94 -5.22 14.23
N LYS A 16 -5.73 -4.57 13.41
CA LYS A 16 -6.08 -3.17 13.65
C LYS A 16 -7.55 -2.97 13.98
N LEU A 17 -8.36 -3.98 13.67
CA LEU A 17 -9.82 -3.87 13.77
C LEU A 17 -10.29 -3.33 15.13
N PRO A 18 -9.96 -4.00 16.26
CA PRO A 18 -10.47 -3.60 17.57
C PRO A 18 -9.62 -2.52 18.26
N HIS A 19 -8.76 -1.86 17.49
CA HIS A 19 -7.83 -0.91 18.06
C HIS A 19 -7.97 0.47 17.43
N VAL A 20 -7.94 0.53 16.11
CA VAL A 20 -7.92 1.81 15.39
C VAL A 20 -9.32 2.42 15.31
N SER A 21 -9.35 3.75 15.23
CA SER A 21 -10.61 4.48 15.14
C SER A 21 -11.21 4.34 13.75
N GLU A 22 -12.44 4.81 13.58
CA GLU A 22 -13.15 4.70 12.30
C GLU A 22 -12.45 5.52 11.21
N SER A 23 -11.73 6.55 11.62
CA SER A 23 -10.91 7.32 10.71
C SER A 23 -9.83 6.44 10.10
N THR A 24 -9.22 5.61 10.94
CA THR A 24 -8.18 4.70 10.49
C THR A 24 -8.78 3.54 9.69
N LYS A 25 -10.02 3.15 10.04
CA LYS A 25 -10.74 2.13 9.28
C LYS A 25 -10.84 2.59 7.82
N ARG A 26 -11.20 3.86 7.65
CA ARG A 26 -11.32 4.47 6.32
C ARG A 26 -10.01 4.35 5.55
N HIS A 27 -8.89 4.61 6.22
CA HIS A 27 -7.57 4.53 5.60
C HIS A 27 -7.32 3.13 5.04
N TYR A 28 -7.50 2.12 5.89
CA TYR A 28 -7.24 0.74 5.50
C TYR A 28 -8.19 0.29 4.40
N GLU A 29 -9.46 0.65 4.50
CA GLU A 29 -10.42 0.33 3.46
C GLU A 29 -10.02 0.97 2.13
N SER A 30 -9.59 2.22 2.19
CA SER A 30 -9.15 2.94 0.99
C SER A 30 -7.93 2.26 0.39
N ALA A 31 -7.00 1.85 1.25
CA ALA A 31 -5.82 1.13 0.80
C ALA A 31 -6.22 -0.19 0.15
N TYR A 32 -7.04 -0.96 0.84
CA TYR A 32 -7.50 -2.27 0.37
C TYR A 32 -8.21 -2.17 -0.98
N LYS A 33 -9.07 -1.17 -1.15
CA LYS A 33 -9.85 -1.05 -2.36
C LYS A 33 -8.99 -0.64 -3.56
N HIS A 34 -7.94 0.16 -3.31
CA HIS A 34 -7.03 0.53 -4.38
C HIS A 34 -6.10 -0.62 -4.73
N ILE A 35 -5.71 -1.40 -3.72
CA ILE A 35 -4.91 -2.60 -3.94
C ILE A 35 -5.69 -3.60 -4.78
N LYS A 36 -6.92 -3.89 -4.38
CA LYS A 36 -7.78 -4.80 -5.11
C LYS A 36 -8.10 -4.24 -6.50
N ASP A 37 -8.09 -2.92 -6.61
CA ASP A 37 -8.36 -2.24 -7.87
C ASP A 37 -7.25 -2.49 -8.89
N HIS A 38 -6.00 -2.39 -8.44
CA HIS A 38 -4.85 -2.60 -9.31
C HIS A 38 -4.46 -4.08 -9.39
N PHE A 39 -4.23 -4.68 -8.22
CA PHE A 39 -3.69 -6.02 -8.14
C PHE A 39 -4.79 -7.07 -8.15
N ARG A 40 -5.50 -7.11 -9.26
CA ARG A 40 -6.60 -8.05 -9.46
C ARG A 40 -6.07 -9.47 -9.56
N HIS A 41 -6.38 -10.29 -8.55
CA HIS A 41 -5.94 -11.69 -8.52
C HIS A 41 -4.42 -11.78 -8.42
N LYS A 42 -3.79 -10.74 -7.90
CA LYS A 42 -2.34 -10.73 -7.79
C LYS A 42 -1.89 -11.31 -6.45
N LEU A 43 -0.92 -12.20 -6.50
CA LEU A 43 -0.35 -12.77 -5.29
C LEU A 43 0.58 -11.74 -4.64
N LEU A 44 0.81 -11.87 -3.33
CA LEU A 44 1.60 -10.88 -2.61
C LEU A 44 3.06 -10.86 -3.10
N LYS A 45 3.58 -12.01 -3.51
CA LYS A 45 4.92 -12.07 -4.06
C LYS A 45 4.89 -11.94 -5.58
N ASP A 46 3.70 -11.83 -6.13
CA ASP A 46 3.50 -11.67 -7.57
C ASP A 46 3.44 -10.19 -7.90
N ILE A 47 3.42 -9.37 -6.85
CA ILE A 47 3.43 -7.92 -6.99
C ILE A 47 4.78 -7.47 -7.55
N LYS A 48 4.81 -7.23 -8.85
CA LYS A 48 6.02 -6.78 -9.51
C LYS A 48 6.48 -5.48 -8.89
N ARG A 49 7.78 -5.33 -8.68
CA ARG A 49 8.31 -4.15 -8.01
C ARG A 49 7.97 -2.89 -8.81
N THR A 50 8.11 -2.98 -10.12
CA THR A 50 7.80 -1.86 -10.99
C THR A 50 6.28 -1.63 -11.06
N GLU A 51 5.52 -2.70 -10.86
CA GLU A 51 4.05 -2.60 -10.81
C GLU A 51 3.62 -1.88 -9.54
N TYR A 52 4.34 -2.16 -8.46
CA TYR A 52 4.09 -1.50 -7.18
C TYR A 52 4.42 -0.02 -7.30
N GLN A 53 5.48 0.28 -8.06
CA GLN A 53 5.81 1.66 -8.42
C GLN A 53 4.61 2.33 -9.07
N LYS A 54 4.13 1.73 -10.15
CA LYS A 54 2.95 2.22 -10.86
C LYS A 54 1.76 2.44 -9.91
N PHE A 55 1.60 1.51 -8.95
CA PHE A 55 0.53 1.61 -7.97
C PHE A 55 0.68 2.89 -7.15
N LEU A 56 1.87 3.10 -6.60
CA LEU A 56 2.15 4.30 -5.81
C LEU A 56 2.10 5.53 -6.70
N ASN A 57 2.59 5.40 -7.91
CA ASN A 57 2.63 6.48 -8.89
C ASN A 57 1.25 7.08 -9.07
N GLU A 58 0.27 6.23 -9.37
CA GLU A 58 -1.11 6.67 -9.56
C GLU A 58 -1.70 7.21 -8.26
N TYR A 59 -1.39 6.53 -7.17
CA TYR A 59 -1.95 6.89 -5.87
C TYR A 59 -1.43 8.26 -5.43
N GLY A 60 -0.14 8.52 -5.69
CA GLY A 60 0.47 9.77 -5.32
C GLY A 60 0.07 10.91 -6.24
N LEU A 61 -0.49 10.58 -7.39
CA LEU A 61 -0.98 11.59 -8.32
C LEU A 61 -2.39 12.02 -7.95
N THR A 62 -3.03 11.25 -7.08
CA THR A 62 -4.41 11.50 -6.71
C THR A 62 -4.58 11.74 -5.22
N HIS A 63 -3.48 11.69 -4.47
CA HIS A 63 -3.54 11.83 -3.01
C HIS A 63 -2.32 12.61 -2.51
N SER A 64 -2.36 13.01 -1.25
CA SER A 64 -1.26 13.74 -0.65
C SER A 64 -0.16 12.79 -0.17
N TYR A 65 0.96 13.36 0.26
CA TYR A 65 2.12 12.58 0.66
C TYR A 65 1.81 11.66 1.83
N GLU A 66 1.17 12.19 2.86
CA GLU A 66 0.85 11.40 4.05
C GLU A 66 -0.05 10.22 3.70
N THR A 67 -0.93 10.39 2.73
CA THR A 67 -1.84 9.34 2.34
C THR A 67 -1.09 8.16 1.72
N ILE A 68 -0.19 8.46 0.79
CA ILE A 68 0.59 7.43 0.13
C ILE A 68 1.65 6.87 1.09
N ARG A 69 2.17 7.75 1.95
CA ARG A 69 3.14 7.36 2.98
C ARG A 69 2.51 6.34 3.93
N LYS A 70 1.31 6.67 4.43
CA LYS A 70 0.56 5.77 5.29
C LYS A 70 0.29 4.44 4.58
N LEU A 71 -0.18 4.53 3.34
CA LEU A 71 -0.44 3.35 2.51
C LEU A 71 0.80 2.46 2.44
N ASN A 72 1.91 3.04 2.02
CA ASN A 72 3.16 2.31 1.86
C ASN A 72 3.64 1.74 3.19
N SER A 73 3.38 2.46 4.28
CA SER A 73 3.73 2.01 5.62
C SER A 73 3.02 0.69 5.97
N TYR A 74 1.72 0.64 5.71
CA TYR A 74 0.94 -0.56 6.01
C TYR A 74 1.45 -1.73 5.19
N ILE A 75 1.73 -1.46 3.93
CA ILE A 75 2.21 -2.48 3.00
C ILE A 75 3.56 -3.03 3.45
N ARG A 76 4.45 -2.15 3.90
CA ARG A 76 5.75 -2.57 4.42
C ARG A 76 5.56 -3.50 5.62
N ASN A 77 4.71 -3.08 6.55
CA ASN A 77 4.50 -3.81 7.80
C ASN A 77 3.85 -5.16 7.53
N ALA A 78 2.94 -5.20 6.55
CA ALA A 78 2.29 -6.43 6.16
C ALA A 78 3.32 -7.45 5.67
N PHE A 79 4.28 -6.97 4.88
CA PHE A 79 5.34 -7.81 4.38
C PHE A 79 6.35 -8.15 5.47
N ASP A 80 6.53 -7.25 6.43
CA ASP A 80 7.37 -7.53 7.59
C ASP A 80 6.89 -8.79 8.30
N ASP A 81 5.58 -8.90 8.49
CA ASP A 81 5.01 -10.07 9.13
C ASP A 81 5.15 -11.30 8.24
N ALA A 82 5.04 -11.09 6.93
CA ALA A 82 5.19 -12.18 5.97
C ALA A 82 6.63 -12.69 5.93
N ILE A 83 7.58 -11.77 5.92
CA ILE A 83 8.99 -12.11 5.83
C ILE A 83 9.46 -12.80 7.11
N HIS A 84 8.83 -12.48 8.24
CA HIS A 84 9.12 -13.15 9.51
C HIS A 84 8.99 -14.66 9.36
N GLU A 85 8.08 -15.09 8.49
CA GLU A 85 7.89 -16.51 8.24
C GLU A 85 8.69 -16.91 7.00
N GLY A 86 8.80 -15.98 6.07
CA GLY A 86 9.54 -16.24 4.86
C GLY A 86 8.63 -16.38 3.67
N TYR A 87 7.46 -15.76 3.76
CA TYR A 87 6.47 -15.80 2.68
C TYR A 87 7.08 -15.20 1.41
N VAL A 88 7.56 -13.99 1.51
CA VAL A 88 8.23 -13.33 0.41
C VAL A 88 9.66 -12.97 0.83
N ILE A 89 10.63 -13.46 0.08
CA ILE A 89 12.04 -13.24 0.39
C ILE A 89 12.49 -11.84 -0.03
N LYS A 90 11.91 -11.33 -1.11
CA LYS A 90 12.23 -10.00 -1.59
C LYS A 90 10.96 -9.19 -1.72
N ASN A 91 10.74 -8.29 -0.76
CA ASN A 91 9.54 -7.47 -0.74
C ASN A 91 9.45 -6.61 -2.00
N PRO A 92 8.22 -6.40 -2.51
CA PRO A 92 7.98 -5.59 -3.71
C PRO A 92 8.40 -4.13 -3.55
N THR A 93 8.73 -3.74 -2.32
CA THR A 93 9.20 -2.40 -2.06
C THR A 93 10.65 -2.23 -2.51
N TYR A 94 10.82 -2.06 -3.82
CA TYR A 94 12.14 -1.85 -4.39
C TYR A 94 12.48 -0.37 -4.36
N LYS A 95 11.93 0.37 -5.31
CA LYS A 95 12.05 1.83 -5.27
C LYS A 95 10.68 2.45 -5.00
N ALA A 96 10.35 2.54 -3.73
CA ALA A 96 9.07 3.08 -3.31
C ALA A 96 9.17 4.58 -3.13
N GLU A 97 8.81 5.30 -4.17
CA GLU A 97 8.93 6.73 -4.18
C GLU A 97 7.58 7.38 -3.90
N LEU A 98 7.47 7.96 -2.72
CA LEU A 98 6.23 8.59 -2.27
C LEU A 98 6.15 10.02 -2.81
N HIS A 99 6.52 10.17 -4.07
CA HIS A 99 6.63 11.47 -4.69
C HIS A 99 5.27 11.92 -5.23
N ALA A 100 4.46 12.48 -4.34
CA ALA A 100 3.14 12.97 -4.72
C ALA A 100 3.26 14.28 -5.49
N SER A 101 3.00 14.23 -6.79
CA SER A 101 3.14 15.41 -7.64
C SER A 101 1.99 16.40 -7.44
N VAL A 102 1.08 16.06 -6.54
CA VAL A 102 0.02 16.98 -6.16
C VAL A 102 0.60 18.12 -5.33
N LEU A 103 1.68 17.82 -4.61
CA LEU A 103 2.26 18.78 -3.68
C LEU A 103 3.39 19.58 -4.31
N GLU A 104 3.66 19.34 -5.58
CA GLU A 104 4.68 20.11 -6.28
C GLU A 104 4.03 21.05 -7.30
N HIS A 105 4.51 22.28 -7.34
CA HIS A 105 3.89 23.32 -8.15
C HIS A 105 4.83 23.76 -9.26
N HIS A 106 4.35 24.66 -10.11
CA HIS A 106 5.15 25.22 -11.19
C HIS A 106 4.79 26.69 -11.39
N HIS A 107 5.76 27.57 -11.18
CA HIS A 107 5.54 29.00 -11.31
C HIS A 107 5.97 29.48 -12.69
N HIS A 108 5.71 30.75 -12.95
CA HIS A 108 6.16 31.37 -14.20
C HIS A 108 7.56 31.96 -14.01
N HIS A 109 8.19 32.31 -15.10
CA HIS A 109 9.50 32.96 -15.04
C HIS A 109 9.55 34.12 -16.04
N HIS A 110 8.78 33.97 -17.10
CA HIS A 110 8.70 34.97 -18.16
C HIS A 110 7.62 34.57 -19.13
N MET A 1 -0.79 -20.58 -1.41
CA MET A 1 -0.53 -19.12 -1.52
C MET A 1 -1.83 -18.34 -1.54
N ILE A 2 -1.72 -17.03 -1.40
CA ILE A 2 -2.89 -16.16 -1.32
C ILE A 2 -2.67 -14.90 -2.14
N THR A 3 -3.75 -14.22 -2.51
CA THR A 3 -3.67 -12.98 -3.26
C THR A 3 -3.27 -11.82 -2.34
N PHE A 4 -2.63 -10.82 -2.92
CA PHE A 4 -2.17 -9.67 -2.16
C PHE A 4 -3.34 -8.90 -1.55
N ALA A 5 -4.38 -8.71 -2.35
CA ALA A 5 -5.55 -7.97 -1.92
C ALA A 5 -6.21 -8.63 -0.71
N ASP A 6 -6.45 -9.94 -0.81
CA ASP A 6 -7.13 -10.67 0.25
C ASP A 6 -6.25 -10.77 1.49
N TYR A 7 -4.96 -10.99 1.28
CA TYR A 7 -4.02 -11.08 2.39
C TYR A 7 -3.94 -9.75 3.15
N PHE A 8 -3.93 -8.65 2.41
CA PHE A 8 -3.87 -7.32 3.01
C PHE A 8 -5.04 -7.11 3.96
N TYR A 9 -6.23 -7.49 3.51
CA TYR A 9 -7.42 -7.34 4.33
C TYR A 9 -7.40 -8.33 5.49
N GLN A 10 -7.00 -9.57 5.23
CA GLN A 10 -6.91 -10.59 6.27
C GLN A 10 -5.93 -10.15 7.36
N TRP A 11 -4.79 -9.64 6.92
CA TRP A 11 -3.77 -9.11 7.80
C TRP A 11 -4.34 -8.01 8.69
N TYR A 12 -4.99 -7.04 8.08
CA TYR A 12 -5.59 -5.92 8.81
C TYR A 12 -6.64 -6.42 9.81
N GLU A 13 -7.56 -7.24 9.31
CA GLU A 13 -8.69 -7.75 10.09
C GLU A 13 -8.21 -8.40 11.40
N VAL A 14 -7.06 -9.05 11.35
CA VAL A 14 -6.53 -9.75 12.53
C VAL A 14 -5.61 -8.85 13.35
N ASN A 15 -4.89 -7.96 12.67
CA ASN A 15 -3.73 -7.31 13.28
C ASN A 15 -4.05 -5.92 13.81
N LYS A 16 -4.59 -5.06 12.95
CA LYS A 16 -4.70 -3.64 13.29
C LYS A 16 -6.13 -3.25 13.64
N LEU A 17 -7.07 -4.14 13.38
CA LEU A 17 -8.50 -3.86 13.54
C LEU A 17 -8.83 -3.24 14.92
N PRO A 18 -8.48 -3.91 16.05
CA PRO A 18 -8.85 -3.43 17.37
C PRO A 18 -7.91 -2.36 17.93
N HIS A 19 -7.05 -1.81 17.09
CA HIS A 19 -6.05 -0.85 17.55
C HIS A 19 -6.20 0.49 16.87
N VAL A 20 -6.80 0.49 15.69
CA VAL A 20 -6.90 1.70 14.89
C VAL A 20 -8.26 2.37 15.04
N SER A 21 -8.31 3.66 14.74
CA SER A 21 -9.54 4.43 14.82
C SER A 21 -10.34 4.31 13.53
N GLU A 22 -11.55 4.85 13.52
CA GLU A 22 -12.43 4.79 12.35
C GLU A 22 -11.81 5.51 11.16
N SER A 23 -11.12 6.62 11.43
CA SER A 23 -10.42 7.33 10.38
C SER A 23 -9.33 6.44 9.78
N THR A 24 -8.70 5.63 10.62
CA THR A 24 -7.69 4.69 10.17
C THR A 24 -8.34 3.55 9.39
N LYS A 25 -9.55 3.17 9.80
CA LYS A 25 -10.35 2.18 9.08
C LYS A 25 -10.53 2.64 7.64
N ARG A 26 -10.88 3.92 7.47
CA ARG A 26 -11.05 4.52 6.15
C ARG A 26 -9.77 4.42 5.32
N HIS A 27 -8.64 4.66 5.96
CA HIS A 27 -7.35 4.57 5.28
C HIS A 27 -7.09 3.15 4.79
N TYR A 28 -7.31 2.18 5.65
CA TYR A 28 -7.13 0.78 5.27
C TYR A 28 -8.12 0.37 4.19
N GLU A 29 -9.35 0.89 4.27
CA GLU A 29 -10.34 0.71 3.21
C GLU A 29 -9.77 1.20 1.89
N SER A 30 -9.33 2.45 1.90
CA SER A 30 -8.78 3.09 0.71
C SER A 30 -7.63 2.24 0.15
N ALA A 31 -6.72 1.85 1.03
CA ALA A 31 -5.59 1.00 0.64
C ALA A 31 -6.07 -0.29 -0.02
N TYR A 32 -6.91 -1.03 0.68
CA TYR A 32 -7.41 -2.31 0.20
C TYR A 32 -8.12 -2.17 -1.15
N LYS A 33 -8.96 -1.16 -1.29
CA LYS A 33 -9.75 -0.98 -2.50
C LYS A 33 -8.87 -0.58 -3.67
N HIS A 34 -7.86 0.25 -3.39
CA HIS A 34 -6.96 0.65 -4.45
C HIS A 34 -6.03 -0.50 -4.82
N ILE A 35 -5.65 -1.29 -3.82
CA ILE A 35 -4.84 -2.48 -4.05
C ILE A 35 -5.58 -3.47 -4.93
N LYS A 36 -6.82 -3.80 -4.56
CA LYS A 36 -7.60 -4.79 -5.29
C LYS A 36 -7.89 -4.31 -6.72
N ASP A 37 -7.92 -2.99 -6.91
CA ASP A 37 -8.10 -2.41 -8.23
C ASP A 37 -6.86 -2.58 -9.10
N HIS A 38 -5.71 -2.22 -8.56
CA HIS A 38 -4.45 -2.31 -9.32
C HIS A 38 -3.98 -3.76 -9.39
N PHE A 39 -4.24 -4.51 -8.33
CA PHE A 39 -3.88 -5.91 -8.27
C PHE A 39 -5.12 -6.75 -8.05
N ARG A 40 -5.71 -7.20 -9.15
CA ARG A 40 -6.99 -7.89 -9.11
C ARG A 40 -6.85 -9.30 -8.54
N HIS A 41 -5.96 -10.10 -9.11
CA HIS A 41 -5.72 -11.46 -8.64
C HIS A 41 -4.23 -11.69 -8.44
N LYS A 42 -3.51 -10.61 -8.23
CA LYS A 42 -2.09 -10.65 -7.99
C LYS A 42 -1.80 -11.35 -6.67
N LEU A 43 -0.91 -12.33 -6.69
CA LEU A 43 -0.55 -13.04 -5.48
C LEU A 43 0.28 -12.16 -4.56
N LEU A 44 0.31 -12.51 -3.28
CA LEU A 44 1.01 -11.73 -2.27
C LEU A 44 2.49 -11.60 -2.63
N LYS A 45 3.04 -12.66 -3.21
CA LYS A 45 4.44 -12.69 -3.54
C LYS A 45 4.67 -12.35 -5.01
N ASP A 46 3.62 -11.93 -5.71
CA ASP A 46 3.73 -11.65 -7.14
C ASP A 46 3.87 -10.16 -7.39
N ILE A 47 3.85 -9.37 -6.33
CA ILE A 47 3.98 -7.93 -6.44
C ILE A 47 5.43 -7.57 -6.75
N LYS A 48 5.65 -7.01 -7.93
CA LYS A 48 6.99 -6.63 -8.35
C LYS A 48 7.34 -5.23 -7.86
N ARG A 49 8.59 -4.84 -8.06
CA ARG A 49 9.08 -3.55 -7.62
C ARG A 49 8.45 -2.42 -8.40
N THR A 50 8.47 -2.55 -9.72
CA THR A 50 7.95 -1.50 -10.59
C THR A 50 6.43 -1.40 -10.52
N GLU A 51 5.77 -2.54 -10.30
CA GLU A 51 4.33 -2.55 -10.12
C GLU A 51 3.96 -1.76 -8.87
N TYR A 52 4.67 -2.05 -7.79
CA TYR A 52 4.48 -1.37 -6.53
C TYR A 52 4.72 0.13 -6.68
N GLN A 53 5.80 0.46 -7.38
CA GLN A 53 6.13 1.85 -7.65
C GLN A 53 5.03 2.53 -8.48
N LYS A 54 4.53 1.83 -9.49
CA LYS A 54 3.48 2.36 -10.34
C LYS A 54 2.20 2.58 -9.54
N PHE A 55 1.92 1.64 -8.63
CA PHE A 55 0.77 1.74 -7.74
C PHE A 55 0.85 3.01 -6.89
N LEU A 56 2.02 3.25 -6.32
CA LEU A 56 2.23 4.44 -5.50
C LEU A 56 2.11 5.71 -6.34
N ASN A 57 2.71 5.67 -7.52
CA ASN A 57 2.68 6.83 -8.43
C ASN A 57 1.24 7.20 -8.80
N GLU A 58 0.43 6.20 -9.15
CA GLU A 58 -0.95 6.45 -9.54
C GLU A 58 -1.81 6.83 -8.33
N TYR A 59 -1.37 6.41 -7.15
CA TYR A 59 -2.08 6.74 -5.92
C TYR A 59 -1.80 8.18 -5.52
N GLY A 60 -0.55 8.59 -5.70
CA GLY A 60 -0.13 9.93 -5.32
C GLY A 60 -0.55 10.98 -6.33
N LEU A 61 -1.28 10.56 -7.36
CA LEU A 61 -1.81 11.49 -8.35
C LEU A 61 -3.14 12.05 -7.89
N THR A 62 -3.77 11.39 -6.93
CA THR A 62 -5.08 11.79 -6.45
C THR A 62 -5.11 11.92 -4.93
N HIS A 63 -3.95 11.79 -4.29
CA HIS A 63 -3.87 11.81 -2.84
C HIS A 63 -2.70 12.65 -2.36
N SER A 64 -2.84 13.22 -1.17
CA SER A 64 -1.78 14.02 -0.57
C SER A 64 -0.63 13.14 -0.09
N TYR A 65 0.49 13.77 0.25
CA TYR A 65 1.71 13.05 0.59
C TYR A 65 1.57 12.18 1.83
N GLU A 66 0.96 12.72 2.88
CA GLU A 66 0.80 11.95 4.11
C GLU A 66 -0.12 10.77 3.90
N THR A 67 -1.11 10.92 3.01
CA THR A 67 -2.04 9.85 2.73
C THR A 67 -1.33 8.66 2.06
N ILE A 68 -0.45 8.95 1.10
CA ILE A 68 0.30 7.90 0.44
C ILE A 68 1.32 7.29 1.40
N ARG A 69 1.85 8.12 2.31
CA ARG A 69 2.74 7.63 3.36
C ARG A 69 2.06 6.56 4.19
N LYS A 70 0.84 6.82 4.64
CA LYS A 70 0.05 5.84 5.38
C LYS A 70 -0.07 4.55 4.60
N LEU A 71 -0.44 4.68 3.32
CA LEU A 71 -0.57 3.53 2.43
C LEU A 71 0.67 2.66 2.43
N ASN A 72 1.81 3.27 2.10
CA ASN A 72 3.09 2.56 2.04
C ASN A 72 3.41 1.89 3.37
N SER A 73 3.09 2.58 4.45
CA SER A 73 3.36 2.07 5.80
C SER A 73 2.60 0.77 6.05
N TYR A 74 1.35 0.71 5.60
CA TYR A 74 0.51 -0.48 5.82
C TYR A 74 1.05 -1.66 5.03
N ILE A 75 1.31 -1.43 3.75
CA ILE A 75 1.75 -2.49 2.86
C ILE A 75 3.10 -3.06 3.30
N ARG A 76 4.03 -2.17 3.62
CA ARG A 76 5.36 -2.59 4.07
C ARG A 76 5.26 -3.39 5.37
N ASN A 77 4.33 -3.00 6.23
CA ASN A 77 4.14 -3.70 7.50
C ASN A 77 3.49 -5.06 7.28
N ALA A 78 2.55 -5.12 6.33
CA ALA A 78 1.91 -6.39 5.97
C ALA A 78 2.94 -7.40 5.48
N PHE A 79 3.79 -6.94 4.58
CA PHE A 79 4.88 -7.76 4.06
C PHE A 79 5.86 -8.11 5.18
N ASP A 80 6.01 -7.20 6.14
CA ASP A 80 6.93 -7.42 7.24
C ASP A 80 6.52 -8.64 8.07
N ASP A 81 5.24 -8.74 8.38
CA ASP A 81 4.71 -9.92 9.08
C ASP A 81 4.96 -11.18 8.27
N ALA A 82 4.77 -11.07 6.96
CA ALA A 82 4.99 -12.19 6.04
C ALA A 82 6.46 -12.59 5.97
N ILE A 83 7.33 -11.61 5.72
CA ILE A 83 8.75 -11.88 5.52
C ILE A 83 9.42 -12.40 6.79
N HIS A 84 8.94 -11.95 7.94
CA HIS A 84 9.51 -12.36 9.22
C HIS A 84 9.29 -13.84 9.49
N GLU A 85 8.41 -14.46 8.71
CA GLU A 85 8.17 -15.89 8.85
C GLU A 85 8.66 -16.64 7.62
N GLY A 86 8.54 -15.99 6.47
CA GLY A 86 8.90 -16.63 5.21
C GLY A 86 7.66 -16.89 4.36
N TYR A 87 6.61 -16.14 4.64
CA TYR A 87 5.34 -16.27 3.96
C TYR A 87 5.45 -15.76 2.52
N VAL A 88 6.32 -14.77 2.32
CA VAL A 88 6.53 -14.18 1.02
C VAL A 88 7.95 -14.46 0.52
N ILE A 89 8.14 -14.43 -0.79
CA ILE A 89 9.45 -14.67 -1.39
C ILE A 89 10.32 -13.42 -1.28
N LYS A 90 9.88 -12.35 -1.92
CA LYS A 90 10.63 -11.11 -1.93
C LYS A 90 9.69 -9.92 -1.93
N ASN A 91 9.99 -8.94 -1.09
CA ASN A 91 9.16 -7.76 -0.92
C ASN A 91 9.32 -6.80 -2.09
N PRO A 92 8.22 -6.17 -2.52
CA PRO A 92 8.25 -5.18 -3.59
C PRO A 92 8.57 -3.77 -3.08
N THR A 93 8.85 -3.67 -1.79
CA THR A 93 9.03 -2.38 -1.13
C THR A 93 10.38 -1.75 -1.45
N TYR A 94 11.11 -2.33 -2.41
CA TYR A 94 12.36 -1.76 -2.86
C TYR A 94 12.12 -0.39 -3.47
N LYS A 95 11.23 -0.32 -4.45
CA LYS A 95 10.82 0.94 -5.03
C LYS A 95 9.58 1.46 -4.33
N ALA A 96 9.78 2.00 -3.14
CA ALA A 96 8.69 2.54 -2.35
C ALA A 96 8.73 4.06 -2.36
N GLU A 97 9.17 4.61 -3.48
CA GLU A 97 9.28 6.05 -3.63
C GLU A 97 7.90 6.70 -3.66
N LEU A 98 7.61 7.50 -2.65
CA LEU A 98 6.32 8.13 -2.54
C LEU A 98 6.25 9.36 -3.44
N HIS A 99 5.68 9.17 -4.63
CA HIS A 99 5.57 10.25 -5.60
C HIS A 99 4.17 10.83 -5.62
N ALA A 100 3.94 11.85 -4.80
CA ALA A 100 2.66 12.54 -4.76
C ALA A 100 2.70 13.73 -5.71
N SER A 101 2.25 13.51 -6.94
CA SER A 101 2.35 14.52 -7.98
C SER A 101 1.17 15.49 -7.94
N VAL A 102 0.37 15.39 -6.89
CA VAL A 102 -0.72 16.35 -6.67
C VAL A 102 -0.12 17.74 -6.45
N LEU A 103 1.00 17.78 -5.73
CA LEU A 103 1.70 19.02 -5.49
C LEU A 103 2.56 19.38 -6.70
N GLU A 104 2.01 20.21 -7.58
CA GLU A 104 2.73 20.65 -8.76
C GLU A 104 3.77 21.69 -8.37
N HIS A 105 3.33 22.73 -7.68
CA HIS A 105 4.21 23.78 -7.20
C HIS A 105 4.02 24.01 -5.71
N HIS A 106 4.97 24.65 -5.08
CA HIS A 106 4.93 24.87 -3.65
C HIS A 106 4.51 26.30 -3.34
N HIS A 107 3.88 26.49 -2.19
CA HIS A 107 3.51 27.81 -1.73
C HIS A 107 4.76 28.58 -1.33
N HIS A 108 5.08 29.62 -2.09
CA HIS A 108 6.26 30.44 -1.81
C HIS A 108 6.07 31.21 -0.51
N HIS A 109 4.83 31.62 -0.27
CA HIS A 109 4.44 32.27 0.98
C HIS A 109 2.93 32.25 1.08
N HIS A 110 2.41 32.33 2.30
CA HIS A 110 0.96 32.36 2.49
C HIS A 110 0.45 33.80 2.43
N MET A 1 -0.56 -19.92 -1.92
CA MET A 1 -0.34 -18.76 -2.80
C MET A 1 -1.53 -17.81 -2.73
N ILE A 2 -1.39 -16.74 -1.96
CA ILE A 2 -2.50 -15.84 -1.69
C ILE A 2 -2.39 -14.56 -2.52
N THR A 3 -3.53 -13.97 -2.84
CA THR A 3 -3.57 -12.69 -3.52
C THR A 3 -3.21 -11.56 -2.56
N PHE A 4 -2.57 -10.53 -3.09
CA PHE A 4 -2.06 -9.43 -2.29
C PHE A 4 -3.18 -8.73 -1.53
N ALA A 5 -4.28 -8.44 -2.22
CA ALA A 5 -5.40 -7.73 -1.63
C ALA A 5 -5.95 -8.48 -0.41
N ASP A 6 -6.15 -9.78 -0.57
CA ASP A 6 -6.71 -10.61 0.49
C ASP A 6 -5.80 -10.64 1.71
N TYR A 7 -4.51 -10.85 1.48
CA TYR A 7 -3.56 -10.94 2.58
C TYR A 7 -3.47 -9.60 3.32
N PHE A 8 -3.53 -8.51 2.56
CA PHE A 8 -3.47 -7.18 3.14
C PHE A 8 -4.64 -6.94 4.10
N TYR A 9 -5.84 -7.32 3.67
CA TYR A 9 -7.02 -7.12 4.49
C TYR A 9 -6.98 -8.07 5.69
N GLN A 10 -6.61 -9.31 5.45
CA GLN A 10 -6.54 -10.31 6.51
C GLN A 10 -5.51 -9.88 7.57
N TRP A 11 -4.40 -9.34 7.10
CA TRP A 11 -3.38 -8.77 7.98
C TRP A 11 -3.99 -7.68 8.85
N TYR A 12 -4.69 -6.74 8.21
CA TYR A 12 -5.36 -5.66 8.90
C TYR A 12 -6.38 -6.20 9.91
N GLU A 13 -7.13 -7.21 9.50
CA GLU A 13 -8.18 -7.80 10.31
C GLU A 13 -7.62 -8.36 11.62
N VAL A 14 -6.42 -8.92 11.56
CA VAL A 14 -5.80 -9.51 12.74
C VAL A 14 -4.95 -8.49 13.49
N ASN A 15 -4.57 -7.43 12.80
CA ASN A 15 -3.55 -6.52 13.32
C ASN A 15 -4.13 -5.25 13.90
N LYS A 16 -4.84 -4.49 13.07
CA LYS A 16 -5.27 -3.15 13.47
C LYS A 16 -6.76 -3.09 13.76
N LEU A 17 -7.50 -4.07 13.23
CA LEU A 17 -8.96 -4.08 13.28
C LEU A 17 -9.52 -3.73 14.67
N PRO A 18 -9.14 -4.47 15.74
CA PRO A 18 -9.70 -4.24 17.08
C PRO A 18 -8.93 -3.20 17.89
N HIS A 19 -8.12 -2.38 17.22
CA HIS A 19 -7.27 -1.42 17.94
C HIS A 19 -7.42 -0.01 17.39
N VAL A 20 -7.67 0.12 16.10
CA VAL A 20 -7.71 1.43 15.46
C VAL A 20 -9.11 2.02 15.47
N SER A 21 -9.18 3.33 15.30
CA SER A 21 -10.45 4.03 15.26
C SER A 21 -11.00 4.06 13.84
N GLU A 22 -12.24 4.52 13.69
CA GLU A 22 -12.92 4.55 12.39
C GLU A 22 -12.08 5.27 11.33
N SER A 23 -11.39 6.33 11.73
CA SER A 23 -10.56 7.08 10.80
C SER A 23 -9.47 6.19 10.21
N THR A 24 -8.75 5.51 11.07
CA THR A 24 -7.67 4.63 10.65
C THR A 24 -8.24 3.43 9.87
N LYS A 25 -9.40 2.94 10.30
CA LYS A 25 -10.07 1.84 9.61
C LYS A 25 -10.33 2.21 8.16
N ARG A 26 -10.95 3.37 7.96
CA ARG A 26 -11.30 3.83 6.62
C ARG A 26 -10.06 4.07 5.78
N HIS A 27 -8.94 4.41 6.41
CA HIS A 27 -7.67 4.52 5.69
C HIS A 27 -7.30 3.18 5.08
N TYR A 28 -7.29 2.13 5.91
CA TYR A 28 -6.96 0.79 5.45
C TYR A 28 -7.96 0.28 4.42
N GLU A 29 -9.25 0.49 4.70
CA GLU A 29 -10.30 0.02 3.82
C GLU A 29 -10.25 0.71 2.46
N SER A 30 -10.03 2.01 2.45
CA SER A 30 -9.91 2.76 1.21
C SER A 30 -8.64 2.36 0.46
N ALA A 31 -7.57 2.12 1.20
CA ALA A 31 -6.34 1.61 0.62
C ALA A 31 -6.60 0.27 -0.04
N TYR A 32 -7.39 -0.55 0.64
CA TYR A 32 -7.79 -1.85 0.14
C TYR A 32 -8.61 -1.71 -1.15
N LYS A 33 -9.38 -0.63 -1.27
CA LYS A 33 -10.16 -0.38 -2.49
C LYS A 33 -9.25 -0.20 -3.68
N HIS A 34 -8.21 0.61 -3.50
CA HIS A 34 -7.29 0.89 -4.58
C HIS A 34 -6.50 -0.37 -4.95
N ILE A 35 -6.16 -1.14 -3.93
CA ILE A 35 -5.48 -2.42 -4.13
C ILE A 35 -6.41 -3.41 -4.83
N LYS A 36 -7.68 -3.37 -4.43
CA LYS A 36 -8.71 -4.23 -5.02
C LYS A 36 -8.86 -3.95 -6.51
N ASP A 37 -8.59 -2.72 -6.91
CA ASP A 37 -8.70 -2.33 -8.31
C ASP A 37 -7.45 -2.70 -9.11
N HIS A 38 -6.28 -2.47 -8.55
CA HIS A 38 -5.03 -2.72 -9.26
C HIS A 38 -4.57 -4.16 -9.11
N PHE A 39 -4.44 -4.62 -7.88
CA PHE A 39 -3.91 -5.96 -7.61
C PHE A 39 -5.06 -6.93 -7.40
N ARG A 40 -5.92 -7.05 -8.40
CA ARG A 40 -7.11 -7.88 -8.33
C ARG A 40 -6.75 -9.35 -8.20
N HIS A 41 -6.00 -9.86 -9.16
CA HIS A 41 -5.55 -11.26 -9.13
C HIS A 41 -4.05 -11.33 -8.96
N LYS A 42 -3.49 -10.28 -8.39
CA LYS A 42 -2.06 -10.20 -8.18
C LYS A 42 -1.69 -10.91 -6.88
N LEU A 43 -0.84 -11.91 -7.00
CA LEU A 43 -0.39 -12.68 -5.84
C LEU A 43 0.53 -11.84 -4.96
N LEU A 44 0.54 -12.16 -3.67
CA LEU A 44 1.39 -11.48 -2.70
C LEU A 44 2.87 -11.58 -3.09
N LYS A 45 3.23 -12.73 -3.66
CA LYS A 45 4.61 -12.98 -4.05
C LYS A 45 4.94 -12.34 -5.39
N ASP A 46 3.93 -11.85 -6.09
CA ASP A 46 4.10 -11.38 -7.46
C ASP A 46 4.24 -9.86 -7.48
N ILE A 47 4.33 -9.27 -6.30
CA ILE A 47 4.45 -7.81 -6.20
C ILE A 47 5.89 -7.39 -6.44
N LYS A 48 6.18 -6.97 -7.67
CA LYS A 48 7.51 -6.48 -8.00
C LYS A 48 7.61 -5.01 -7.62
N ARG A 49 8.84 -4.53 -7.49
CA ARG A 49 9.09 -3.15 -7.10
C ARG A 49 8.52 -2.18 -8.13
N THR A 50 8.65 -2.54 -9.40
CA THR A 50 8.10 -1.71 -10.47
C THR A 50 6.58 -1.74 -10.46
N GLU A 51 6.01 -2.92 -10.22
CA GLU A 51 4.56 -3.08 -10.14
C GLU A 51 4.02 -2.20 -9.01
N TYR A 52 4.66 -2.32 -7.86
CA TYR A 52 4.27 -1.59 -6.68
C TYR A 52 4.42 -0.08 -6.89
N GLN A 53 5.48 0.31 -7.58
CA GLN A 53 5.72 1.73 -7.85
C GLN A 53 4.65 2.30 -8.78
N LYS A 54 4.29 1.54 -9.81
CA LYS A 54 3.23 1.96 -10.74
C LYS A 54 1.93 2.22 -9.99
N PHE A 55 1.66 1.40 -8.97
CA PHE A 55 0.50 1.60 -8.12
C PHE A 55 0.62 2.91 -7.34
N LEU A 56 1.81 3.16 -6.82
CA LEU A 56 2.07 4.37 -6.04
C LEU A 56 2.02 5.61 -6.91
N ASN A 57 2.51 5.50 -8.14
CA ASN A 57 2.45 6.60 -9.10
C ASN A 57 1.01 7.08 -9.26
N GLU A 58 0.12 6.13 -9.48
CA GLU A 58 -1.30 6.43 -9.67
C GLU A 58 -1.87 7.09 -8.42
N TYR A 59 -1.45 6.58 -7.27
CA TYR A 59 -1.96 7.05 -5.99
C TYR A 59 -1.43 8.46 -5.67
N GLY A 60 -0.18 8.72 -6.06
CA GLY A 60 0.43 10.00 -5.80
C GLY A 60 -0.04 11.08 -6.76
N LEU A 61 -0.79 10.68 -7.77
CA LEU A 61 -1.37 11.63 -8.71
C LEU A 61 -2.75 12.07 -8.23
N THR A 62 -3.27 11.39 -7.22
CA THR A 62 -4.61 11.67 -6.74
C THR A 62 -4.61 12.10 -5.26
N HIS A 63 -3.75 11.49 -4.47
CA HIS A 63 -3.73 11.73 -3.03
C HIS A 63 -2.51 12.53 -2.61
N SER A 64 -2.51 12.96 -1.35
CA SER A 64 -1.40 13.72 -0.79
C SER A 64 -0.29 12.79 -0.30
N TYR A 65 0.77 13.39 0.23
CA TYR A 65 1.98 12.65 0.57
C TYR A 65 1.77 11.70 1.74
N GLU A 66 1.15 12.17 2.82
CA GLU A 66 0.99 11.33 4.00
C GLU A 66 0.10 10.15 3.70
N THR A 67 -0.91 10.38 2.87
CA THR A 67 -1.85 9.33 2.49
C THR A 67 -1.13 8.19 1.79
N ILE A 68 -0.30 8.52 0.80
CA ILE A 68 0.47 7.51 0.08
C ILE A 68 1.59 6.96 0.96
N ARG A 69 2.14 7.83 1.80
CA ARG A 69 3.20 7.44 2.73
C ARG A 69 2.70 6.36 3.70
N LYS A 70 1.54 6.61 4.29
CA LYS A 70 0.95 5.67 5.21
C LYS A 70 0.46 4.41 4.49
N LEU A 71 -0.07 4.60 3.28
CA LEU A 71 -0.42 3.47 2.43
C LEU A 71 0.76 2.54 2.25
N ASN A 72 1.87 3.12 1.81
CA ASN A 72 3.12 2.39 1.62
C ASN A 72 3.58 1.75 2.93
N SER A 73 3.36 2.46 4.04
CA SER A 73 3.73 1.94 5.34
C SER A 73 2.93 0.68 5.67
N TYR A 74 1.61 0.73 5.46
CA TYR A 74 0.74 -0.40 5.74
C TYR A 74 1.19 -1.63 4.95
N ILE A 75 1.40 -1.41 3.65
CA ILE A 75 1.85 -2.48 2.76
C ILE A 75 3.23 -2.98 3.19
N ARG A 76 4.10 -2.06 3.57
CA ARG A 76 5.42 -2.38 4.09
C ARG A 76 5.31 -3.29 5.32
N ASN A 77 4.45 -2.92 6.26
CA ASN A 77 4.23 -3.70 7.47
C ASN A 77 3.64 -5.06 7.12
N ALA A 78 2.80 -5.10 6.09
CA ALA A 78 2.16 -6.34 5.67
C ALA A 78 3.18 -7.31 5.08
N PHE A 79 4.09 -6.79 4.25
CA PHE A 79 5.17 -7.61 3.70
C PHE A 79 6.15 -8.03 4.79
N ASP A 80 6.41 -7.11 5.72
CA ASP A 80 7.31 -7.38 6.83
C ASP A 80 6.71 -8.48 7.72
N ASP A 81 5.39 -8.44 7.88
CA ASP A 81 4.67 -9.49 8.58
C ASP A 81 4.88 -10.83 7.88
N ALA A 82 4.59 -10.85 6.59
CA ALA A 82 4.72 -12.05 5.77
C ALA A 82 6.14 -12.60 5.81
N ILE A 83 7.13 -11.74 5.55
CA ILE A 83 8.52 -12.17 5.50
C ILE A 83 9.00 -12.68 6.86
N HIS A 84 8.52 -12.05 7.93
CA HIS A 84 8.91 -12.41 9.27
C HIS A 84 8.38 -13.80 9.61
N GLU A 85 7.26 -14.14 9.02
CA GLU A 85 6.62 -15.42 9.30
C GLU A 85 7.05 -16.48 8.30
N GLY A 86 7.87 -16.07 7.34
CA GLY A 86 8.35 -17.00 6.33
C GLY A 86 7.34 -17.24 5.23
N TYR A 87 6.41 -16.31 5.08
CA TYR A 87 5.38 -16.41 4.06
C TYR A 87 5.99 -16.13 2.70
N VAL A 88 6.70 -15.02 2.60
CA VAL A 88 7.37 -14.63 1.36
C VAL A 88 8.76 -14.09 1.66
N ILE A 89 9.43 -13.60 0.62
CA ILE A 89 10.75 -13.01 0.76
C ILE A 89 10.84 -11.76 -0.10
N LYS A 90 9.66 -11.21 -0.44
CA LYS A 90 9.54 -10.11 -1.37
C LYS A 90 9.50 -8.77 -0.65
N ASN A 91 10.46 -7.91 -0.95
CA ASN A 91 10.46 -6.55 -0.43
C ASN A 91 10.50 -5.54 -1.57
N PRO A 92 9.31 -5.11 -2.04
CA PRO A 92 9.20 -4.14 -3.13
C PRO A 92 9.22 -2.70 -2.63
N THR A 93 9.26 -2.55 -1.32
CA THR A 93 9.14 -1.25 -0.67
C THR A 93 10.40 -0.40 -0.81
N TYR A 94 11.52 -1.01 -1.19
CA TYR A 94 12.77 -0.27 -1.36
C TYR A 94 12.62 0.81 -2.42
N LYS A 95 12.17 0.42 -3.60
CA LYS A 95 12.15 1.33 -4.75
C LYS A 95 10.86 2.13 -4.77
N ALA A 96 10.09 2.03 -3.70
CA ALA A 96 8.85 2.75 -3.57
C ALA A 96 9.12 4.21 -3.22
N GLU A 97 9.18 5.06 -4.24
CA GLU A 97 9.38 6.47 -4.02
C GLU A 97 8.04 7.18 -3.92
N LEU A 98 7.81 7.80 -2.78
CA LEU A 98 6.53 8.45 -2.51
C LEU A 98 6.50 9.83 -3.15
N HIS A 99 6.32 9.86 -4.47
CA HIS A 99 6.26 11.12 -5.19
C HIS A 99 4.82 11.56 -5.40
N ALA A 100 4.39 12.54 -4.62
CA ALA A 100 3.05 13.07 -4.73
C ALA A 100 3.05 14.31 -5.62
N SER A 101 2.70 14.11 -6.88
CA SER A 101 2.70 15.18 -7.87
C SER A 101 1.63 16.23 -7.50
N VAL A 102 0.69 15.81 -6.66
CA VAL A 102 -0.39 16.69 -6.22
C VAL A 102 0.13 17.88 -5.42
N LEU A 103 1.22 17.69 -4.69
CA LEU A 103 1.71 18.73 -3.80
C LEU A 103 3.21 18.98 -3.96
N GLU A 104 3.74 18.70 -5.15
CA GLU A 104 5.15 18.93 -5.42
C GLU A 104 5.46 20.42 -5.47
N HIS A 105 6.06 20.92 -4.40
CA HIS A 105 6.38 22.33 -4.27
C HIS A 105 7.86 22.57 -4.52
N HIS A 106 8.18 23.53 -5.36
CA HIS A 106 9.56 23.81 -5.71
C HIS A 106 10.20 24.74 -4.67
N HIS A 107 9.85 26.01 -4.73
CA HIS A 107 10.45 27.03 -3.88
C HIS A 107 9.93 28.40 -4.31
N HIS A 108 9.92 29.38 -3.41
CA HIS A 108 9.58 30.75 -3.78
C HIS A 108 10.52 31.23 -4.88
N HIS A 109 9.96 31.45 -6.06
CA HIS A 109 10.78 31.66 -7.24
C HIS A 109 10.20 32.72 -8.16
N HIS A 110 11.08 33.33 -8.94
CA HIS A 110 10.66 34.09 -10.09
C HIS A 110 10.75 33.20 -11.32
N MET A 1 -2.04 -19.79 -3.63
CA MET A 1 -1.53 -18.75 -2.72
C MET A 1 -2.51 -17.58 -2.64
N ILE A 2 -2.41 -16.80 -1.57
CA ILE A 2 -3.34 -15.70 -1.34
C ILE A 2 -2.97 -14.47 -2.17
N THR A 3 -4.00 -13.78 -2.65
CA THR A 3 -3.83 -12.54 -3.37
C THR A 3 -3.40 -11.41 -2.44
N PHE A 4 -2.61 -10.47 -2.95
CA PHE A 4 -2.11 -9.37 -2.14
C PHE A 4 -3.26 -8.55 -1.57
N ALA A 5 -4.28 -8.33 -2.38
CA ALA A 5 -5.45 -7.56 -1.97
C ALA A 5 -6.18 -8.23 -0.80
N ASP A 6 -6.53 -9.49 -0.98
CA ASP A 6 -7.28 -10.23 0.02
C ASP A 6 -6.44 -10.48 1.26
N TYR A 7 -5.13 -10.58 1.09
CA TYR A 7 -4.22 -10.76 2.21
C TYR A 7 -4.14 -9.48 3.03
N PHE A 8 -4.05 -8.34 2.34
CA PHE A 8 -3.93 -7.04 2.99
C PHE A 8 -5.09 -6.82 3.95
N TYR A 9 -6.30 -7.04 3.47
CA TYR A 9 -7.48 -6.83 4.30
C TYR A 9 -7.53 -7.84 5.44
N GLN A 10 -7.21 -9.10 5.13
CA GLN A 10 -7.22 -10.16 6.13
C GLN A 10 -6.25 -9.84 7.26
N TRP A 11 -5.01 -9.53 6.89
CA TRP A 11 -3.96 -9.18 7.83
C TRP A 11 -4.40 -8.01 8.72
N TYR A 12 -4.99 -6.99 8.10
CA TYR A 12 -5.50 -5.85 8.84
C TYR A 12 -6.64 -6.26 9.77
N GLU A 13 -7.63 -6.97 9.21
CA GLU A 13 -8.83 -7.36 9.93
C GLU A 13 -8.49 -8.22 11.16
N VAL A 14 -7.45 -9.02 11.03
CA VAL A 14 -7.02 -9.89 12.12
C VAL A 14 -6.23 -9.11 13.19
N ASN A 15 -5.46 -8.13 12.76
CA ASN A 15 -4.50 -7.50 13.66
C ASN A 15 -4.87 -6.06 14.00
N LYS A 16 -4.79 -5.17 13.02
CA LYS A 16 -4.87 -3.74 13.29
C LYS A 16 -6.31 -3.28 13.50
N LEU A 17 -7.25 -4.10 13.05
CA LEU A 17 -8.67 -3.77 13.02
C LEU A 17 -9.17 -3.07 14.31
N PRO A 18 -9.06 -3.70 15.49
CA PRO A 18 -9.65 -3.16 16.71
C PRO A 18 -8.81 -2.05 17.34
N HIS A 19 -7.56 -1.94 16.93
CA HIS A 19 -6.63 -1.03 17.59
C HIS A 19 -6.61 0.32 16.90
N VAL A 20 -6.86 0.33 15.60
CA VAL A 20 -6.80 1.56 14.83
C VAL A 20 -8.07 2.40 14.99
N SER A 21 -7.96 3.69 14.70
CA SER A 21 -9.09 4.60 14.81
C SER A 21 -10.03 4.41 13.62
N GLU A 22 -11.17 5.08 13.68
CA GLU A 22 -12.17 4.97 12.64
C GLU A 22 -11.62 5.52 11.33
N SER A 23 -10.98 6.69 11.41
CA SER A 23 -10.32 7.29 10.26
C SER A 23 -9.22 6.38 9.73
N THR A 24 -8.40 5.85 10.65
CA THR A 24 -7.32 4.94 10.30
C THR A 24 -7.84 3.72 9.56
N LYS A 25 -9.01 3.22 10.00
CA LYS A 25 -9.67 2.11 9.32
C LYS A 25 -9.85 2.42 7.85
N ARG A 26 -10.47 3.56 7.59
CA ARG A 26 -10.84 3.93 6.23
C ARG A 26 -9.60 4.16 5.37
N HIS A 27 -8.49 4.55 5.97
CA HIS A 27 -7.22 4.59 5.26
C HIS A 27 -6.88 3.21 4.73
N TYR A 28 -7.08 2.19 5.56
CA TYR A 28 -6.87 0.80 5.14
C TYR A 28 -7.89 0.40 4.09
N GLU A 29 -9.15 0.77 4.31
CA GLU A 29 -10.22 0.51 3.33
C GLU A 29 -9.86 1.11 1.97
N SER A 30 -9.38 2.35 1.98
CA SER A 30 -8.99 3.03 0.75
C SER A 30 -7.78 2.33 0.12
N ALA A 31 -6.85 1.90 0.95
CA ALA A 31 -5.70 1.15 0.48
C ALA A 31 -6.14 -0.16 -0.17
N TYR A 32 -6.98 -0.88 0.55
CA TYR A 32 -7.49 -2.17 0.13
C TYR A 32 -8.15 -2.11 -1.25
N LYS A 33 -8.99 -1.10 -1.46
CA LYS A 33 -9.72 -1.00 -2.73
C LYS A 33 -8.77 -0.69 -3.89
N HIS A 34 -7.77 0.16 -3.64
CA HIS A 34 -6.79 0.48 -4.68
C HIS A 34 -5.91 -0.72 -4.97
N ILE A 35 -5.53 -1.44 -3.92
CA ILE A 35 -4.73 -2.64 -4.07
C ILE A 35 -5.50 -3.68 -4.87
N LYS A 36 -6.77 -3.89 -4.52
CA LYS A 36 -7.62 -4.84 -5.22
C LYS A 36 -7.77 -4.46 -6.70
N ASP A 37 -7.96 -3.18 -6.96
CA ASP A 37 -8.20 -2.70 -8.32
C ASP A 37 -6.98 -2.92 -9.22
N HIS A 38 -5.79 -2.78 -8.65
CA HIS A 38 -4.56 -2.99 -9.41
C HIS A 38 -4.12 -4.45 -9.40
N PHE A 39 -4.00 -5.00 -8.21
CA PHE A 39 -3.49 -6.36 -8.03
C PHE A 39 -4.66 -7.34 -7.90
N ARG A 40 -5.58 -7.26 -8.87
CA ARG A 40 -6.83 -8.04 -8.84
C ARG A 40 -6.59 -9.52 -8.60
N HIS A 41 -5.62 -10.10 -9.31
CA HIS A 41 -5.26 -11.50 -9.12
C HIS A 41 -3.77 -11.65 -8.95
N LYS A 42 -3.15 -10.68 -8.28
CA LYS A 42 -1.73 -10.72 -8.03
C LYS A 42 -1.47 -11.26 -6.63
N LEU A 43 -0.64 -12.29 -6.53
CA LEU A 43 -0.34 -12.92 -5.26
C LEU A 43 0.53 -12.01 -4.39
N LEU A 44 0.46 -12.24 -3.08
CA LEU A 44 1.21 -11.43 -2.10
C LEU A 44 2.69 -11.42 -2.40
N LYS A 45 3.25 -12.58 -2.66
CA LYS A 45 4.68 -12.72 -2.88
C LYS A 45 5.05 -12.48 -4.32
N ASP A 46 4.06 -12.18 -5.15
CA ASP A 46 4.32 -12.06 -6.58
C ASP A 46 4.35 -10.60 -6.99
N ILE A 47 4.36 -9.73 -5.99
CA ILE A 47 4.40 -8.29 -6.22
C ILE A 47 5.75 -7.88 -6.79
N LYS A 48 5.73 -7.23 -7.93
CA LYS A 48 6.96 -6.73 -8.53
C LYS A 48 7.17 -5.27 -8.12
N ARG A 49 8.43 -4.89 -7.92
CA ARG A 49 8.75 -3.57 -7.40
C ARG A 49 8.24 -2.45 -8.31
N THR A 50 8.26 -2.69 -9.61
CA THR A 50 7.80 -1.68 -10.57
C THR A 50 6.28 -1.50 -10.50
N GLU A 51 5.57 -2.61 -10.37
CA GLU A 51 4.11 -2.58 -10.33
C GLU A 51 3.66 -1.80 -9.09
N TYR A 52 4.36 -2.03 -7.99
CA TYR A 52 4.12 -1.31 -6.75
C TYR A 52 4.50 0.15 -6.90
N GLN A 53 5.55 0.41 -7.67
CA GLN A 53 6.02 1.76 -7.93
C GLN A 53 4.92 2.56 -8.66
N LYS A 54 4.37 1.98 -9.73
CA LYS A 54 3.31 2.65 -10.49
C LYS A 54 2.04 2.77 -9.67
N PHE A 55 1.83 1.81 -8.77
CA PHE A 55 0.71 1.84 -7.85
C PHE A 55 0.77 3.10 -6.98
N LEU A 56 1.96 3.36 -6.44
CA LEU A 56 2.18 4.55 -5.61
C LEU A 56 2.03 5.82 -6.43
N ASN A 57 2.46 5.76 -7.68
CA ASN A 57 2.41 6.93 -8.56
C ASN A 57 0.98 7.37 -8.81
N GLU A 58 0.08 6.41 -8.96
CA GLU A 58 -1.34 6.72 -9.16
C GLU A 58 -1.96 7.20 -7.84
N TYR A 59 -1.58 6.57 -6.76
CA TYR A 59 -2.13 6.90 -5.45
C TYR A 59 -1.70 8.32 -5.05
N GLY A 60 -0.49 8.70 -5.44
CA GLY A 60 0.01 10.02 -5.15
C GLY A 60 -0.61 11.10 -6.02
N LEU A 61 -1.34 10.68 -7.05
CA LEU A 61 -2.07 11.60 -7.90
C LEU A 61 -3.49 11.80 -7.39
N THR A 62 -3.95 10.84 -6.61
CA THR A 62 -5.34 10.83 -6.14
C THR A 62 -5.46 11.23 -4.67
N HIS A 63 -4.41 10.96 -3.91
CA HIS A 63 -4.41 11.23 -2.48
C HIS A 63 -3.20 12.08 -2.11
N SER A 64 -3.23 12.64 -0.92
CA SER A 64 -2.15 13.48 -0.44
C SER A 64 -0.92 12.62 -0.12
N TYR A 65 0.24 13.28 -0.01
CA TYR A 65 1.49 12.60 0.28
C TYR A 65 1.43 11.87 1.61
N GLU A 66 0.72 12.44 2.57
CA GLU A 66 0.61 11.83 3.88
C GLU A 66 -0.17 10.53 3.77
N THR A 67 -1.20 10.53 2.94
CA THR A 67 -2.04 9.36 2.76
C THR A 67 -1.24 8.22 2.14
N ILE A 68 -0.53 8.53 1.05
CA ILE A 68 0.30 7.53 0.39
C ILE A 68 1.46 7.11 1.29
N ARG A 69 1.95 8.05 2.10
CA ARG A 69 3.00 7.77 3.06
C ARG A 69 2.55 6.69 4.04
N LYS A 70 1.35 6.89 4.59
CA LYS A 70 0.77 5.92 5.52
C LYS A 70 0.39 4.64 4.81
N LEU A 71 -0.12 4.76 3.59
CA LEU A 71 -0.39 3.60 2.75
C LEU A 71 0.84 2.72 2.65
N ASN A 72 1.94 3.35 2.24
CA ASN A 72 3.22 2.67 2.13
C ASN A 72 3.66 2.08 3.46
N SER A 73 3.37 2.78 4.55
CA SER A 73 3.72 2.31 5.89
C SER A 73 2.97 1.00 6.22
N TYR A 74 1.69 0.95 5.87
CA TYR A 74 0.88 -0.24 6.13
C TYR A 74 1.41 -1.42 5.34
N ILE A 75 1.73 -1.15 4.07
CA ILE A 75 2.21 -2.18 3.16
C ILE A 75 3.56 -2.73 3.64
N ARG A 76 4.39 -1.87 4.24
CA ARG A 76 5.66 -2.30 4.79
C ARG A 76 5.44 -3.34 5.88
N ASN A 77 4.54 -3.05 6.81
CA ASN A 77 4.27 -3.95 7.93
C ASN A 77 3.61 -5.23 7.45
N ALA A 78 2.79 -5.12 6.41
CA ALA A 78 2.14 -6.28 5.81
C ALA A 78 3.20 -7.24 5.26
N PHE A 79 4.13 -6.72 4.48
CA PHE A 79 5.23 -7.52 3.95
C PHE A 79 6.13 -8.01 5.08
N ASP A 80 6.35 -7.15 6.06
CA ASP A 80 7.27 -7.46 7.16
C ASP A 80 6.75 -8.63 7.99
N ASP A 81 5.44 -8.65 8.21
CA ASP A 81 4.81 -9.73 8.96
C ASP A 81 4.94 -11.05 8.20
N ALA A 82 4.71 -10.98 6.90
CA ALA A 82 4.76 -12.16 6.04
C ALA A 82 6.19 -12.67 5.85
N ILE A 83 7.14 -11.76 5.63
CA ILE A 83 8.53 -12.14 5.37
C ILE A 83 9.15 -12.79 6.61
N HIS A 84 8.70 -12.36 7.78
CA HIS A 84 9.19 -12.93 9.04
C HIS A 84 8.78 -14.39 9.15
N GLU A 85 7.74 -14.76 8.41
CA GLU A 85 7.26 -16.14 8.37
C GLU A 85 7.88 -16.90 7.20
N GLY A 86 8.56 -16.18 6.32
CA GLY A 86 9.07 -16.79 5.11
C GLY A 86 7.97 -17.01 4.10
N TYR A 87 6.89 -16.26 4.28
CA TYR A 87 5.70 -16.40 3.45
C TYR A 87 5.88 -15.59 2.17
N VAL A 88 6.71 -14.57 2.24
CA VAL A 88 7.00 -13.72 1.09
C VAL A 88 8.51 -13.50 0.99
N ILE A 89 8.97 -13.04 -0.15
CA ILE A 89 10.39 -12.80 -0.37
C ILE A 89 10.78 -11.39 0.02
N LYS A 90 12.00 -11.00 -0.38
CA LYS A 90 12.51 -9.67 -0.14
C LYS A 90 11.53 -8.60 -0.63
N ASN A 91 11.48 -7.50 0.10
CA ASN A 91 10.43 -6.50 -0.06
C ASN A 91 10.61 -5.68 -1.34
N PRO A 92 9.60 -5.71 -2.24
CA PRO A 92 9.58 -4.88 -3.46
C PRO A 92 9.48 -3.39 -3.14
N THR A 93 9.11 -3.10 -1.88
CA THR A 93 9.01 -1.72 -1.40
C THR A 93 10.39 -1.08 -1.32
N TYR A 94 11.42 -1.87 -1.61
CA TYR A 94 12.78 -1.39 -1.73
C TYR A 94 12.89 -0.24 -2.73
N LYS A 95 12.10 -0.32 -3.80
CA LYS A 95 12.15 0.67 -4.86
C LYS A 95 10.92 1.58 -4.81
N ALA A 96 10.35 1.72 -3.62
CA ALA A 96 9.13 2.49 -3.43
C ALA A 96 9.37 3.99 -3.66
N GLU A 97 8.87 4.49 -4.77
CA GLU A 97 8.94 5.91 -5.07
C GLU A 97 7.59 6.58 -4.81
N LEU A 98 7.55 7.47 -3.84
CA LEU A 98 6.32 8.16 -3.49
C LEU A 98 6.17 9.41 -4.33
N HIS A 99 5.49 9.30 -5.45
CA HIS A 99 5.31 10.44 -6.34
C HIS A 99 3.94 11.08 -6.14
N ALA A 100 3.86 11.93 -5.13
CA ALA A 100 2.66 12.70 -4.87
C ALA A 100 2.74 14.02 -5.62
N SER A 101 2.03 14.10 -6.74
CA SER A 101 2.09 15.27 -7.57
C SER A 101 0.97 16.25 -7.22
N VAL A 102 0.28 15.96 -6.12
CA VAL A 102 -0.79 16.83 -5.65
C VAL A 102 -0.20 18.06 -4.95
N LEU A 103 0.20 19.03 -5.75
CA LEU A 103 0.67 20.31 -5.24
C LEU A 103 -0.32 21.39 -5.65
N GLU A 104 -1.14 21.81 -4.70
CA GLU A 104 -2.27 22.68 -4.99
C GLU A 104 -1.88 24.16 -4.99
N HIS A 105 -0.81 24.51 -4.30
CA HIS A 105 -0.43 25.92 -4.14
C HIS A 105 0.29 26.46 -5.37
N HIS A 106 -0.42 26.45 -6.50
CA HIS A 106 -0.02 27.14 -7.73
C HIS A 106 -0.90 26.64 -8.87
N HIS A 107 -1.27 27.54 -9.77
CA HIS A 107 -2.13 27.18 -10.88
C HIS A 107 -1.43 26.24 -11.85
N HIS A 108 -2.14 25.18 -12.21
CA HIS A 108 -1.58 24.14 -13.08
C HIS A 108 -1.82 24.51 -14.54
N HIS A 109 -0.95 24.02 -15.41
CA HIS A 109 -1.07 24.31 -16.83
C HIS A 109 -1.78 23.17 -17.56
N HIS A 110 -2.09 23.39 -18.83
CA HIS A 110 -2.77 22.39 -19.65
C HIS A 110 -1.75 21.39 -20.16
N MET A 1 0.35 -19.13 -1.23
CA MET A 1 -0.36 -18.52 -2.39
C MET A 1 -1.65 -17.85 -1.93
N ILE A 2 -1.66 -16.52 -1.99
CA ILE A 2 -2.83 -15.74 -1.67
C ILE A 2 -2.73 -14.39 -2.35
N THR A 3 -3.85 -13.82 -2.75
CA THR A 3 -3.86 -12.52 -3.39
C THR A 3 -3.45 -11.43 -2.42
N PHE A 4 -2.73 -10.44 -2.92
CA PHE A 4 -2.22 -9.35 -2.09
C PHE A 4 -3.38 -8.56 -1.48
N ALA A 5 -4.45 -8.38 -2.24
CA ALA A 5 -5.62 -7.65 -1.77
C ALA A 5 -6.22 -8.29 -0.53
N ASP A 6 -6.43 -9.60 -0.59
CA ASP A 6 -7.06 -10.33 0.51
C ASP A 6 -6.14 -10.38 1.72
N TYR A 7 -4.86 -10.69 1.46
CA TYR A 7 -3.87 -10.76 2.54
C TYR A 7 -3.77 -9.44 3.28
N PHE A 8 -3.75 -8.34 2.54
CA PHE A 8 -3.65 -7.00 3.13
C PHE A 8 -4.80 -6.74 4.09
N TYR A 9 -6.01 -7.01 3.64
CA TYR A 9 -7.20 -6.77 4.44
C TYR A 9 -7.21 -7.70 5.66
N GLN A 10 -6.90 -8.97 5.43
CA GLN A 10 -6.85 -9.95 6.49
C GLN A 10 -5.82 -9.56 7.54
N TRP A 11 -4.66 -9.13 7.07
CA TRP A 11 -3.57 -8.68 7.95
C TRP A 11 -4.05 -7.56 8.87
N TYR A 12 -4.71 -6.56 8.29
CA TYR A 12 -5.27 -5.46 9.05
C TYR A 12 -6.33 -5.97 10.04
N GLU A 13 -7.21 -6.84 9.55
CA GLU A 13 -8.32 -7.35 10.35
C GLU A 13 -7.83 -8.12 11.57
N VAL A 14 -6.76 -8.88 11.41
CA VAL A 14 -6.22 -9.68 12.51
C VAL A 14 -5.45 -8.81 13.51
N ASN A 15 -4.99 -7.64 13.08
CA ASN A 15 -4.10 -6.83 13.90
C ASN A 15 -4.77 -5.55 14.40
N LYS A 16 -4.95 -4.58 13.50
CA LYS A 16 -5.32 -3.22 13.90
C LYS A 16 -6.83 -3.04 14.10
N LEU A 17 -7.60 -4.02 13.63
CA LEU A 17 -9.07 -3.89 13.59
C LEU A 17 -9.69 -3.42 14.93
N PRO A 18 -9.47 -4.15 16.05
CA PRO A 18 -10.12 -3.82 17.31
C PRO A 18 -9.40 -2.73 18.10
N HIS A 19 -8.55 -1.97 17.43
CA HIS A 19 -7.75 -0.95 18.10
C HIS A 19 -7.98 0.42 17.47
N VAL A 20 -8.01 0.47 16.15
CA VAL A 20 -8.13 1.73 15.43
C VAL A 20 -9.58 2.20 15.36
N SER A 21 -9.77 3.52 15.37
CA SER A 21 -11.09 4.11 15.23
C SER A 21 -11.54 4.07 13.77
N GLU A 22 -12.80 4.41 13.54
CA GLU A 22 -13.39 4.38 12.19
C GLU A 22 -12.60 5.25 11.22
N SER A 23 -12.08 6.37 11.72
CA SER A 23 -11.26 7.27 10.91
C SER A 23 -10.04 6.54 10.36
N THR A 24 -9.37 5.78 11.21
CA THR A 24 -8.20 5.01 10.79
C THR A 24 -8.62 3.86 9.88
N LYS A 25 -9.78 3.29 10.16
CA LYS A 25 -10.31 2.19 9.36
C LYS A 25 -10.47 2.61 7.91
N ARG A 26 -10.97 3.83 7.70
CA ARG A 26 -11.22 4.33 6.35
C ARG A 26 -9.91 4.48 5.57
N HIS A 27 -8.81 4.77 6.27
CA HIS A 27 -7.51 4.83 5.63
C HIS A 27 -7.11 3.46 5.10
N TYR A 28 -7.31 2.44 5.92
CA TYR A 28 -7.01 1.06 5.53
C TYR A 28 -7.96 0.59 4.43
N GLU A 29 -9.24 0.94 4.55
CA GLU A 29 -10.22 0.56 3.54
C GLU A 29 -9.93 1.27 2.22
N SER A 30 -9.48 2.52 2.30
CA SER A 30 -9.09 3.26 1.11
C SER A 30 -7.90 2.56 0.44
N ALA A 31 -6.93 2.18 1.25
CA ALA A 31 -5.78 1.44 0.77
C ALA A 31 -6.22 0.14 0.13
N TYR A 32 -7.12 -0.57 0.80
CA TYR A 32 -7.66 -1.83 0.31
C TYR A 32 -8.32 -1.64 -1.04
N LYS A 33 -9.13 -0.58 -1.19
CA LYS A 33 -9.82 -0.31 -2.45
C LYS A 33 -8.87 -0.28 -3.62
N HIS A 34 -7.81 0.51 -3.50
CA HIS A 34 -6.88 0.68 -4.60
C HIS A 34 -6.14 -0.62 -4.91
N ILE A 35 -5.84 -1.39 -3.87
CA ILE A 35 -5.21 -2.69 -4.04
C ILE A 35 -6.20 -3.67 -4.66
N LYS A 36 -7.44 -3.59 -4.19
CA LYS A 36 -8.56 -4.37 -4.72
C LYS A 36 -8.81 -4.03 -6.19
N ASP A 37 -8.44 -2.84 -6.59
CA ASP A 37 -8.58 -2.42 -7.98
C ASP A 37 -7.43 -2.94 -8.83
N HIS A 38 -6.21 -2.77 -8.35
CA HIS A 38 -5.02 -3.10 -9.14
C HIS A 38 -4.59 -4.56 -8.99
N PHE A 39 -4.51 -5.04 -7.75
CA PHE A 39 -3.99 -6.38 -7.48
C PHE A 39 -5.11 -7.33 -7.08
N ARG A 40 -5.94 -7.67 -8.05
CA ARG A 40 -7.12 -8.49 -7.81
C ARG A 40 -6.78 -9.97 -7.76
N HIS A 41 -5.84 -10.41 -8.58
CA HIS A 41 -5.44 -11.81 -8.60
C HIS A 41 -3.92 -11.94 -8.61
N LYS A 42 -3.24 -10.87 -8.25
CA LYS A 42 -1.80 -10.89 -8.12
C LYS A 42 -1.42 -11.36 -6.72
N LEU A 43 -0.72 -12.48 -6.66
CA LEU A 43 -0.32 -13.09 -5.40
C LEU A 43 0.60 -12.18 -4.60
N LEU A 44 0.62 -12.41 -3.29
CA LEU A 44 1.50 -11.68 -2.38
C LEU A 44 2.96 -11.79 -2.83
N LYS A 45 3.29 -12.93 -3.43
CA LYS A 45 4.65 -13.20 -3.88
C LYS A 45 4.87 -12.69 -5.30
N ASP A 46 3.80 -12.28 -5.95
CA ASP A 46 3.85 -11.91 -7.37
C ASP A 46 3.86 -10.40 -7.51
N ILE A 47 4.04 -9.70 -6.41
CA ILE A 47 4.10 -8.25 -6.41
C ILE A 47 5.46 -7.79 -6.90
N LYS A 48 5.52 -7.47 -8.17
CA LYS A 48 6.73 -6.91 -8.77
C LYS A 48 6.91 -5.49 -8.25
N ARG A 49 8.11 -5.17 -7.77
CA ARG A 49 8.36 -3.86 -7.16
C ARG A 49 8.16 -2.75 -8.18
N THR A 50 8.33 -3.07 -9.45
CA THR A 50 8.06 -2.13 -10.51
C THR A 50 6.57 -1.81 -10.58
N GLU A 51 5.74 -2.83 -10.36
CA GLU A 51 4.29 -2.65 -10.35
C GLU A 51 3.86 -1.88 -9.11
N TYR A 52 4.57 -2.10 -8.02
CA TYR A 52 4.28 -1.40 -6.77
C TYR A 52 4.62 0.08 -6.93
N GLN A 53 5.74 0.38 -7.58
CA GLN A 53 6.11 1.76 -7.86
C GLN A 53 5.07 2.40 -8.78
N LYS A 54 4.57 1.63 -9.75
CA LYS A 54 3.48 2.09 -10.61
C LYS A 54 2.27 2.48 -9.76
N PHE A 55 1.92 1.58 -8.85
CA PHE A 55 0.79 1.78 -7.94
C PHE A 55 0.96 3.07 -7.14
N LEU A 56 2.15 3.30 -6.61
CA LEU A 56 2.43 4.50 -5.84
C LEU A 56 2.33 5.76 -6.69
N ASN A 57 2.86 5.69 -7.91
CA ASN A 57 2.86 6.84 -8.82
C ASN A 57 1.43 7.29 -9.12
N GLU A 58 0.55 6.33 -9.39
CA GLU A 58 -0.83 6.64 -9.70
C GLU A 58 -1.58 7.10 -8.45
N TYR A 59 -1.21 6.54 -7.31
CA TYR A 59 -1.82 6.89 -6.04
C TYR A 59 -1.43 8.30 -5.62
N GLY A 60 -0.16 8.64 -5.88
CA GLY A 60 0.35 9.96 -5.52
C GLY A 60 -0.10 11.04 -6.46
N LEU A 61 -0.79 10.65 -7.52
CA LEU A 61 -1.41 11.61 -8.44
C LEU A 61 -2.83 11.93 -8.01
N THR A 62 -3.37 11.12 -7.11
CA THR A 62 -4.75 11.25 -6.70
C THR A 62 -4.88 11.52 -5.21
N HIS A 63 -3.76 11.55 -4.50
CA HIS A 63 -3.77 11.67 -3.05
C HIS A 63 -2.60 12.49 -2.55
N SER A 64 -2.68 12.93 -1.31
CA SER A 64 -1.63 13.75 -0.71
C SER A 64 -0.50 12.88 -0.17
N TYR A 65 0.54 13.53 0.34
CA TYR A 65 1.73 12.84 0.82
C TYR A 65 1.40 11.89 1.95
N GLU A 66 0.54 12.32 2.88
CA GLU A 66 0.18 11.46 4.02
C GLU A 66 -0.49 10.18 3.56
N THR A 67 -1.40 10.31 2.61
CA THR A 67 -2.18 9.18 2.15
C THR A 67 -1.28 8.10 1.55
N ILE A 68 -0.34 8.51 0.71
CA ILE A 68 0.59 7.57 0.10
C ILE A 68 1.63 7.08 1.11
N ARG A 69 2.02 7.97 2.02
CA ARG A 69 2.97 7.64 3.09
C ARG A 69 2.42 6.54 3.98
N LYS A 70 1.19 6.74 4.43
CA LYS A 70 0.51 5.77 5.28
C LYS A 70 0.27 4.47 4.52
N LEU A 71 -0.15 4.60 3.27
CA LEU A 71 -0.38 3.45 2.40
C LEU A 71 0.85 2.54 2.37
N ASN A 72 1.97 3.11 1.97
CA ASN A 72 3.23 2.38 1.86
C ASN A 72 3.62 1.76 3.20
N SER A 73 3.41 2.49 4.28
CA SER A 73 3.75 2.01 5.62
C SER A 73 2.97 0.74 5.98
N TYR A 74 1.68 0.73 5.67
CA TYR A 74 0.85 -0.44 5.97
C TYR A 74 1.33 -1.63 5.15
N ILE A 75 1.56 -1.37 3.87
CA ILE A 75 1.97 -2.40 2.93
C ILE A 75 3.35 -2.97 3.29
N ARG A 76 4.26 -2.10 3.70
CA ARG A 76 5.59 -2.54 4.13
C ARG A 76 5.50 -3.47 5.32
N ASN A 77 4.72 -3.07 6.32
CA ASN A 77 4.53 -3.90 7.51
C ASN A 77 3.93 -5.25 7.15
N ALA A 78 3.01 -5.25 6.19
CA ALA A 78 2.38 -6.48 5.73
C ALA A 78 3.41 -7.42 5.09
N PHE A 79 4.16 -6.90 4.12
CA PHE A 79 5.19 -7.70 3.45
C PHE A 79 6.28 -8.13 4.42
N ASP A 80 6.70 -7.21 5.28
CA ASP A 80 7.75 -7.49 6.25
C ASP A 80 7.32 -8.60 7.20
N ASP A 81 6.04 -8.65 7.52
CA ASP A 81 5.52 -9.67 8.42
C ASP A 81 5.47 -11.03 7.72
N ALA A 82 5.17 -11.00 6.43
CA ALA A 82 5.26 -12.20 5.60
C ALA A 82 6.70 -12.69 5.58
N ILE A 83 7.64 -11.75 5.55
CA ILE A 83 9.06 -12.06 5.59
C ILE A 83 9.44 -12.67 6.95
N HIS A 84 8.75 -12.25 8.01
CA HIS A 84 9.03 -12.71 9.37
C HIS A 84 8.97 -14.23 9.44
N GLU A 85 7.88 -14.80 8.97
CA GLU A 85 7.69 -16.24 9.03
C GLU A 85 8.36 -16.92 7.83
N GLY A 86 8.46 -16.19 6.72
CA GLY A 86 9.10 -16.70 5.54
C GLY A 86 8.11 -17.05 4.45
N TYR A 87 7.29 -16.09 4.08
CA TYR A 87 6.28 -16.29 3.06
C TYR A 87 6.84 -15.96 1.68
N VAL A 88 7.08 -14.69 1.44
CA VAL A 88 7.50 -14.22 0.12
C VAL A 88 9.02 -14.23 -0.01
N ILE A 89 9.48 -13.88 -1.20
CA ILE A 89 10.91 -13.80 -1.48
C ILE A 89 11.55 -12.69 -0.64
N LYS A 90 11.03 -11.47 -0.81
CA LYS A 90 11.48 -10.33 -0.02
C LYS A 90 10.46 -9.21 -0.14
N ASN A 91 10.85 -8.02 0.33
CA ASN A 91 9.94 -6.88 0.39
C ASN A 91 10.01 -6.08 -0.91
N PRO A 92 8.91 -6.06 -1.69
CA PRO A 92 8.84 -5.38 -2.99
C PRO A 92 8.79 -3.86 -2.88
N THR A 93 8.97 -3.34 -1.67
CA THR A 93 8.96 -1.90 -1.46
C THR A 93 10.38 -1.34 -1.55
N TYR A 94 11.28 -2.15 -2.14
CA TYR A 94 12.64 -1.71 -2.43
C TYR A 94 12.61 -0.50 -3.35
N LYS A 95 11.88 -0.63 -4.45
CA LYS A 95 11.75 0.45 -5.40
C LYS A 95 10.40 1.12 -5.21
N ALA A 96 10.35 2.00 -4.23
CA ALA A 96 9.10 2.66 -3.85
C ALA A 96 9.39 4.02 -3.24
N GLU A 97 8.96 5.08 -3.93
CA GLU A 97 9.08 6.42 -3.38
C GLU A 97 7.71 7.05 -3.24
N LEU A 98 7.59 7.97 -2.30
CA LEU A 98 6.33 8.65 -2.05
C LEU A 98 6.23 9.90 -2.93
N HIS A 99 6.06 9.68 -4.23
CA HIS A 99 6.10 10.76 -5.20
C HIS A 99 4.72 11.41 -5.34
N ALA A 100 4.27 12.05 -4.27
CA ALA A 100 3.01 12.79 -4.29
C ALA A 100 3.13 13.98 -5.22
N SER A 101 2.56 13.85 -6.41
CA SER A 101 2.72 14.86 -7.45
C SER A 101 1.62 15.91 -7.35
N VAL A 102 0.90 15.87 -6.24
CA VAL A 102 -0.19 16.81 -6.01
C VAL A 102 0.30 17.98 -5.14
N LEU A 103 1.45 17.80 -4.51
CA LEU A 103 1.98 18.81 -3.60
C LEU A 103 3.33 19.31 -4.08
N GLU A 104 3.31 20.39 -4.84
CA GLU A 104 4.52 21.06 -5.32
C GLU A 104 4.31 22.56 -5.41
N HIS A 105 4.67 23.27 -4.35
CA HIS A 105 4.55 24.73 -4.34
C HIS A 105 5.92 25.35 -4.16
N HIS A 106 6.73 24.74 -3.30
CA HIS A 106 8.13 25.12 -3.16
C HIS A 106 8.94 23.93 -2.67
N HIS A 107 10.06 23.67 -3.33
CA HIS A 107 10.94 22.59 -2.92
C HIS A 107 12.38 23.09 -2.79
N HIS A 108 12.96 22.88 -1.63
CA HIS A 108 14.31 23.34 -1.37
C HIS A 108 15.21 22.19 -0.95
N HIS A 109 16.48 22.29 -1.32
CA HIS A 109 17.46 21.26 -0.99
C HIS A 109 18.70 21.90 -0.37
N HIS A 110 19.14 21.35 0.76
CA HIS A 110 20.33 21.83 1.43
C HIS A 110 21.56 21.13 0.89
N MET A 1 -0.32 -20.10 -0.92
CA MET A 1 -0.14 -18.70 -1.33
C MET A 1 -1.48 -17.96 -1.32
N ILE A 2 -1.44 -16.65 -1.18
CA ILE A 2 -2.65 -15.84 -1.13
C ILE A 2 -2.48 -14.58 -1.99
N THR A 3 -3.59 -14.01 -2.43
CA THR A 3 -3.56 -12.80 -3.20
C THR A 3 -3.27 -11.61 -2.28
N PHE A 4 -2.57 -10.61 -2.81
CA PHE A 4 -2.17 -9.46 -2.00
C PHE A 4 -3.39 -8.69 -1.50
N ALA A 5 -4.43 -8.62 -2.32
CA ALA A 5 -5.66 -7.92 -1.95
C ALA A 5 -6.27 -8.52 -0.68
N ASP A 6 -6.58 -9.81 -0.75
CA ASP A 6 -7.22 -10.50 0.36
C ASP A 6 -6.27 -10.57 1.56
N TYR A 7 -4.98 -10.72 1.28
CA TYR A 7 -3.96 -10.76 2.31
C TYR A 7 -3.95 -9.46 3.12
N PHE A 8 -3.96 -8.34 2.41
CA PHE A 8 -3.89 -7.04 3.05
C PHE A 8 -5.06 -6.83 4.01
N TYR A 9 -6.28 -7.10 3.52
CA TYR A 9 -7.47 -6.90 4.35
C TYR A 9 -7.47 -7.86 5.53
N GLN A 10 -7.07 -9.09 5.28
CA GLN A 10 -7.01 -10.10 6.33
C GLN A 10 -6.00 -9.69 7.40
N TRP A 11 -4.82 -9.27 6.96
CA TRP A 11 -3.79 -8.77 7.86
C TRP A 11 -4.32 -7.62 8.71
N TYR A 12 -4.95 -6.65 8.05
CA TYR A 12 -5.49 -5.48 8.73
C TYR A 12 -6.57 -5.86 9.74
N GLU A 13 -7.52 -6.69 9.33
CA GLU A 13 -8.67 -7.02 10.15
C GLU A 13 -8.25 -7.69 11.47
N VAL A 14 -7.19 -8.48 11.43
CA VAL A 14 -6.73 -9.20 12.61
C VAL A 14 -5.75 -8.34 13.43
N ASN A 15 -5.08 -7.40 12.77
CA ASN A 15 -3.94 -6.73 13.38
C ASN A 15 -4.23 -5.31 13.82
N LYS A 16 -5.03 -4.57 13.04
CA LYS A 16 -5.20 -3.14 13.30
C LYS A 16 -6.67 -2.77 13.50
N LEU A 17 -7.57 -3.64 13.07
CA LEU A 17 -9.00 -3.33 13.03
C LEU A 17 -9.54 -2.72 14.34
N PRO A 18 -9.43 -3.42 15.48
CA PRO A 18 -10.00 -2.94 16.74
C PRO A 18 -9.08 -1.95 17.46
N HIS A 19 -8.01 -1.55 16.79
CA HIS A 19 -7.02 -0.69 17.42
C HIS A 19 -7.06 0.71 16.81
N VAL A 20 -7.40 0.78 15.54
CA VAL A 20 -7.40 2.05 14.82
C VAL A 20 -8.78 2.70 14.87
N SER A 21 -8.81 4.00 14.66
CA SER A 21 -10.05 4.76 14.61
C SER A 21 -10.74 4.56 13.25
N GLU A 22 -12.00 4.96 13.16
CA GLU A 22 -12.75 4.85 11.91
C GLU A 22 -12.09 5.67 10.81
N SER A 23 -11.50 6.80 11.20
CA SER A 23 -10.74 7.63 10.27
C SER A 23 -9.56 6.85 9.70
N THR A 24 -8.90 6.06 10.56
CA THR A 24 -7.78 5.24 10.14
C THR A 24 -8.28 4.03 9.36
N LYS A 25 -9.46 3.53 9.73
CA LYS A 25 -10.10 2.44 9.00
C LYS A 25 -10.26 2.82 7.54
N ARG A 26 -10.69 4.04 7.31
CA ARG A 26 -10.86 4.56 5.96
C ARG A 26 -9.57 4.43 5.16
N HIS A 27 -8.44 4.78 5.77
CA HIS A 27 -7.16 4.73 5.08
C HIS A 27 -6.85 3.32 4.59
N TYR A 28 -6.95 2.35 5.50
CA TYR A 28 -6.67 0.96 5.18
C TYR A 28 -7.64 0.44 4.12
N GLU A 29 -8.93 0.66 4.33
CA GLU A 29 -9.96 0.12 3.46
C GLU A 29 -9.93 0.77 2.08
N SER A 30 -9.71 2.08 2.03
CA SER A 30 -9.59 2.78 0.75
C SER A 30 -8.36 2.28 -0.02
N ALA A 31 -7.28 2.06 0.72
CA ALA A 31 -6.07 1.48 0.14
C ALA A 31 -6.37 0.09 -0.41
N TYR A 32 -7.09 -0.69 0.39
CA TYR A 32 -7.52 -2.03 0.01
C TYR A 32 -8.36 -1.98 -1.27
N LYS A 33 -9.15 -0.93 -1.43
CA LYS A 33 -9.96 -0.78 -2.64
C LYS A 33 -9.09 -0.62 -3.88
N HIS A 34 -8.04 0.19 -3.77
CA HIS A 34 -7.09 0.34 -4.86
C HIS A 34 -6.37 -0.98 -5.12
N ILE A 35 -6.11 -1.71 -4.03
CA ILE A 35 -5.38 -2.96 -4.12
C ILE A 35 -6.25 -4.04 -4.77
N LYS A 36 -7.51 -4.11 -4.35
CA LYS A 36 -8.45 -5.08 -4.91
C LYS A 36 -8.70 -4.82 -6.39
N ASP A 37 -8.57 -3.57 -6.79
CA ASP A 37 -8.80 -3.19 -8.18
C ASP A 37 -7.56 -3.43 -9.04
N HIS A 38 -6.38 -3.20 -8.48
CA HIS A 38 -5.13 -3.39 -9.21
C HIS A 38 -4.69 -4.85 -9.17
N PHE A 39 -4.52 -5.37 -7.97
CA PHE A 39 -3.93 -6.69 -7.77
C PHE A 39 -5.00 -7.77 -7.77
N ARG A 40 -5.84 -7.73 -8.78
CA ARG A 40 -6.90 -8.73 -8.94
C ARG A 40 -6.31 -10.12 -9.12
N HIS A 41 -6.45 -10.95 -8.09
CA HIS A 41 -5.95 -12.33 -8.11
C HIS A 41 -4.42 -12.39 -8.19
N LYS A 42 -3.78 -11.26 -7.94
CA LYS A 42 -2.34 -11.20 -7.96
C LYS A 42 -1.78 -11.59 -6.58
N LEU A 43 -0.92 -12.59 -6.55
CA LEU A 43 -0.36 -13.08 -5.30
C LEU A 43 0.65 -12.07 -4.76
N LEU A 44 0.82 -12.05 -3.44
CA LEU A 44 1.72 -11.10 -2.82
C LEU A 44 3.18 -11.44 -3.10
N LYS A 45 3.43 -12.66 -3.56
CA LYS A 45 4.79 -13.10 -3.82
C LYS A 45 5.19 -12.96 -5.28
N ASP A 46 4.38 -12.25 -6.06
CA ASP A 46 4.76 -11.89 -7.42
C ASP A 46 4.61 -10.40 -7.63
N ILE A 47 4.44 -9.68 -6.53
CA ILE A 47 4.37 -8.22 -6.57
C ILE A 47 5.76 -7.65 -6.80
N LYS A 48 5.97 -7.05 -7.97
CA LYS A 48 7.27 -6.50 -8.29
C LYS A 48 7.42 -5.11 -7.69
N ARG A 49 8.65 -4.62 -7.65
CA ARG A 49 8.91 -3.30 -7.10
C ARG A 49 8.32 -2.23 -8.00
N THR A 50 8.37 -2.50 -9.30
CA THR A 50 7.82 -1.59 -10.30
C THR A 50 6.30 -1.57 -10.25
N GLU A 51 5.69 -2.74 -10.03
CA GLU A 51 4.24 -2.84 -9.86
C GLU A 51 3.81 -2.09 -8.61
N TYR A 52 4.61 -2.20 -7.56
CA TYR A 52 4.32 -1.50 -6.32
C TYR A 52 4.50 0.01 -6.49
N GLN A 53 5.53 0.38 -7.24
CA GLN A 53 5.82 1.78 -7.49
C GLN A 53 4.74 2.43 -8.33
N LYS A 54 4.23 1.73 -9.33
CA LYS A 54 3.19 2.28 -10.20
C LYS A 54 1.89 2.45 -9.41
N PHE A 55 1.70 1.60 -8.41
CA PHE A 55 0.58 1.72 -7.49
C PHE A 55 0.72 3.02 -6.68
N LEU A 56 1.92 3.27 -6.20
CA LEU A 56 2.22 4.48 -5.44
C LEU A 56 2.08 5.72 -6.32
N ASN A 57 2.52 5.61 -7.57
CA ASN A 57 2.46 6.73 -8.51
C ASN A 57 1.02 7.19 -8.72
N GLU A 58 0.09 6.24 -8.78
CA GLU A 58 -1.32 6.55 -8.93
C GLU A 58 -1.89 7.11 -7.63
N TYR A 59 -1.49 6.51 -6.52
CA TYR A 59 -2.01 6.91 -5.23
C TYR A 59 -1.56 8.33 -4.89
N GLY A 60 -0.35 8.68 -5.33
CA GLY A 60 0.17 10.02 -5.11
C GLY A 60 -0.46 11.05 -6.01
N LEU A 61 -1.25 10.60 -6.98
CA LEU A 61 -2.00 11.51 -7.85
C LEU A 61 -3.37 11.79 -7.27
N THR A 62 -3.85 10.88 -6.44
CA THR A 62 -5.20 10.95 -5.90
C THR A 62 -5.21 11.42 -4.44
N HIS A 63 -4.19 11.04 -3.68
CA HIS A 63 -4.17 11.30 -2.25
C HIS A 63 -2.96 12.14 -1.87
N SER A 64 -3.00 12.68 -0.66
CA SER A 64 -1.95 13.55 -0.16
C SER A 64 -0.71 12.77 0.26
N TYR A 65 0.35 13.48 0.61
CA TYR A 65 1.63 12.87 0.95
C TYR A 65 1.52 11.98 2.18
N GLU A 66 0.88 12.49 3.24
CA GLU A 66 0.78 11.72 4.47
C GLU A 66 0.01 10.43 4.23
N THR A 67 -1.00 10.51 3.37
CA THR A 67 -1.84 9.38 3.06
C THR A 67 -1.04 8.30 2.32
N ILE A 68 -0.27 8.70 1.32
CA ILE A 68 0.54 7.75 0.56
C ILE A 68 1.71 7.25 1.42
N ARG A 69 2.24 8.13 2.28
CA ARG A 69 3.31 7.77 3.20
C ARG A 69 2.85 6.66 4.13
N LYS A 70 1.64 6.83 4.66
CA LYS A 70 1.04 5.84 5.54
C LYS A 70 0.67 4.58 4.77
N LEU A 71 0.22 4.74 3.53
CA LEU A 71 -0.06 3.61 2.65
C LEU A 71 1.18 2.70 2.54
N ASN A 72 2.30 3.31 2.20
CA ASN A 72 3.58 2.60 2.11
C ASN A 72 3.88 1.87 3.42
N SER A 73 3.61 2.54 4.53
CA SER A 73 3.84 1.99 5.85
C SER A 73 2.97 0.75 6.10
N TYR A 74 1.71 0.81 5.68
CA TYR A 74 0.79 -0.30 5.87
C TYR A 74 1.26 -1.52 5.08
N ILE A 75 1.51 -1.31 3.80
CA ILE A 75 1.89 -2.40 2.90
C ILE A 75 3.25 -2.99 3.28
N ARG A 76 4.21 -2.12 3.57
CA ARG A 76 5.53 -2.57 3.97
C ARG A 76 5.46 -3.40 5.25
N ASN A 77 4.60 -2.97 6.18
CA ASN A 77 4.42 -3.69 7.44
C ASN A 77 3.84 -5.07 7.18
N ALA A 78 2.90 -5.15 6.25
CA ALA A 78 2.27 -6.41 5.88
C ALA A 78 3.27 -7.37 5.26
N PHE A 79 4.10 -6.85 4.36
CA PHE A 79 5.13 -7.66 3.71
C PHE A 79 6.25 -7.99 4.68
N ASP A 80 6.52 -7.07 5.60
CA ASP A 80 7.50 -7.29 6.66
C ASP A 80 7.14 -8.53 7.47
N ASP A 81 5.85 -8.77 7.65
CA ASP A 81 5.39 -9.96 8.35
C ASP A 81 5.49 -11.19 7.45
N ALA A 82 5.10 -11.01 6.19
CA ALA A 82 5.19 -12.10 5.20
C ALA A 82 6.60 -12.64 5.09
N ILE A 83 7.57 -11.72 5.04
CA ILE A 83 8.97 -12.10 4.96
C ILE A 83 9.47 -12.62 6.30
N HIS A 84 8.93 -12.06 7.37
CA HIS A 84 9.25 -12.47 8.74
C HIS A 84 8.82 -13.90 8.95
N GLU A 85 7.75 -14.28 8.28
CA GLU A 85 7.23 -15.63 8.36
C GLU A 85 8.04 -16.54 7.46
N GLY A 86 8.23 -16.09 6.23
CA GLY A 86 8.84 -16.91 5.20
C GLY A 86 7.83 -17.24 4.13
N TYR A 87 6.72 -16.51 4.17
CA TYR A 87 5.63 -16.67 3.24
C TYR A 87 6.05 -16.17 1.86
N VAL A 88 6.82 -15.10 1.86
CA VAL A 88 7.43 -14.57 0.65
C VAL A 88 8.91 -14.28 0.92
N ILE A 89 9.77 -14.75 0.03
CA ILE A 89 11.21 -14.66 0.24
C ILE A 89 11.71 -13.21 0.21
N LYS A 90 11.09 -12.36 -0.60
CA LYS A 90 11.52 -10.97 -0.73
C LYS A 90 10.32 -10.04 -0.84
N ASN A 91 10.41 -8.90 -0.18
CA ASN A 91 9.32 -7.94 -0.13
C ASN A 91 9.49 -6.88 -1.22
N PRO A 92 8.37 -6.50 -1.87
CA PRO A 92 8.36 -5.53 -2.97
C PRO A 92 8.80 -4.13 -2.53
N THR A 93 8.74 -3.87 -1.24
CA THR A 93 9.18 -2.60 -0.69
C THR A 93 10.72 -2.53 -0.66
N TYR A 94 11.29 -2.47 -1.85
CA TYR A 94 12.73 -2.48 -2.02
C TYR A 94 13.24 -1.08 -2.41
N LYS A 95 12.55 -0.45 -3.36
CA LYS A 95 12.98 0.83 -3.88
C LYS A 95 11.80 1.79 -3.97
N ALA A 96 10.82 1.60 -3.11
CA ALA A 96 9.60 2.40 -3.16
C ALA A 96 9.86 3.86 -2.86
N GLU A 97 9.26 4.71 -3.66
CA GLU A 97 9.31 6.13 -3.42
C GLU A 97 7.92 6.68 -3.15
N LEU A 98 7.83 7.54 -2.16
CA LEU A 98 6.60 8.29 -1.91
C LEU A 98 6.48 9.40 -2.93
N HIS A 99 5.72 9.15 -3.99
CA HIS A 99 5.65 10.07 -5.10
C HIS A 99 4.26 10.68 -5.22
N ALA A 100 4.05 11.80 -4.55
CA ALA A 100 2.78 12.50 -4.61
C ALA A 100 2.90 13.72 -5.49
N SER A 101 2.03 13.82 -6.49
CA SER A 101 2.06 14.93 -7.41
C SER A 101 0.93 15.90 -7.09
N VAL A 102 0.28 15.67 -5.95
CA VAL A 102 -0.80 16.54 -5.51
C VAL A 102 -0.23 17.77 -4.81
N LEU A 103 0.20 18.73 -5.61
CA LEU A 103 0.75 19.96 -5.08
C LEU A 103 -0.33 21.03 -5.09
N GLU A 104 -0.77 21.41 -3.90
CA GLU A 104 -1.82 22.42 -3.76
C GLU A 104 -1.39 23.75 -4.37
N HIS A 105 -0.20 24.19 -4.02
CA HIS A 105 0.29 25.48 -4.46
C HIS A 105 0.93 25.38 -5.83
N HIS A 106 0.15 25.69 -6.86
CA HIS A 106 0.68 25.69 -8.23
C HIS A 106 1.39 27.01 -8.51
N HIS A 107 2.57 26.92 -9.10
CA HIS A 107 3.34 28.11 -9.44
C HIS A 107 2.72 28.84 -10.61
N HIS A 108 1.90 28.13 -11.37
CA HIS A 108 1.21 28.70 -12.52
C HIS A 108 -0.05 27.91 -12.82
N HIS A 109 -0.81 28.37 -13.81
CA HIS A 109 -2.01 27.68 -14.24
C HIS A 109 -1.69 26.73 -15.38
N HIS A 110 -2.55 25.75 -15.61
CA HIS A 110 -2.37 24.80 -16.68
C HIS A 110 -3.68 24.62 -17.43
N MET A 1 -0.90 -20.22 -1.06
CA MET A 1 -0.69 -18.81 -1.44
C MET A 1 -1.99 -18.03 -1.39
N ILE A 2 -1.89 -16.73 -1.15
CA ILE A 2 -3.04 -15.87 -1.00
C ILE A 2 -2.86 -14.61 -1.84
N THR A 3 -3.96 -14.00 -2.26
CA THR A 3 -3.89 -12.76 -3.01
C THR A 3 -3.44 -11.61 -2.11
N PHE A 4 -2.75 -10.64 -2.70
CA PHE A 4 -2.23 -9.52 -1.93
C PHE A 4 -3.36 -8.75 -1.26
N ALA A 5 -4.46 -8.60 -1.98
CA ALA A 5 -5.62 -7.87 -1.47
C ALA A 5 -6.17 -8.54 -0.20
N ASP A 6 -6.42 -9.84 -0.27
CA ASP A 6 -7.02 -10.56 0.84
C ASP A 6 -6.04 -10.70 2.00
N TYR A 7 -4.75 -10.83 1.67
CA TYR A 7 -3.71 -10.91 2.71
C TYR A 7 -3.67 -9.62 3.49
N PHE A 8 -3.76 -8.51 2.78
CA PHE A 8 -3.77 -7.19 3.40
C PHE A 8 -4.98 -7.04 4.31
N TYR A 9 -6.13 -7.47 3.81
CA TYR A 9 -7.38 -7.37 4.56
C TYR A 9 -7.33 -8.25 5.80
N GLN A 10 -6.89 -9.50 5.62
CA GLN A 10 -6.77 -10.45 6.72
C GLN A 10 -5.82 -9.90 7.79
N TRP A 11 -4.63 -9.49 7.34
CA TRP A 11 -3.60 -8.93 8.20
C TRP A 11 -4.17 -7.79 9.05
N TYR A 12 -4.92 -6.91 8.40
CA TYR A 12 -5.53 -5.78 9.08
C TYR A 12 -6.58 -6.23 10.10
N GLU A 13 -7.58 -6.96 9.63
CA GLU A 13 -8.75 -7.29 10.44
C GLU A 13 -8.36 -8.09 11.68
N VAL A 14 -7.41 -8.99 11.53
CA VAL A 14 -7.02 -9.89 12.62
C VAL A 14 -6.18 -9.17 13.69
N ASN A 15 -5.56 -8.05 13.33
CA ASN A 15 -4.57 -7.44 14.22
C ASN A 15 -4.88 -5.97 14.55
N LYS A 16 -5.03 -5.15 13.53
CA LYS A 16 -5.07 -3.70 13.71
C LYS A 16 -6.43 -3.20 14.17
N LEU A 17 -7.43 -4.08 14.10
CA LEU A 17 -8.82 -3.70 14.38
C LEU A 17 -8.99 -2.87 15.66
N PRO A 18 -8.53 -3.36 16.83
CA PRO A 18 -8.72 -2.64 18.10
C PRO A 18 -7.72 -1.52 18.33
N HIS A 19 -6.91 -1.22 17.31
CA HIS A 19 -5.88 -0.19 17.45
C HIS A 19 -6.09 0.94 16.46
N VAL A 20 -7.12 0.83 15.63
CA VAL A 20 -7.38 1.82 14.61
C VAL A 20 -8.67 2.59 14.88
N SER A 21 -8.77 3.77 14.29
CA SER A 21 -9.99 4.56 14.38
C SER A 21 -10.83 4.32 13.14
N GLU A 22 -12.00 4.93 13.08
CA GLU A 22 -12.85 4.80 11.91
C GLU A 22 -12.18 5.47 10.71
N SER A 23 -11.41 6.51 10.99
CA SER A 23 -10.63 7.18 9.96
C SER A 23 -9.54 6.24 9.47
N THR A 24 -8.86 5.58 10.41
CA THR A 24 -7.83 4.61 10.07
C THR A 24 -8.43 3.44 9.29
N LYS A 25 -9.62 3.01 9.69
CA LYS A 25 -10.35 1.97 8.98
C LYS A 25 -10.58 2.38 7.53
N ARG A 26 -11.10 3.59 7.35
CA ARG A 26 -11.34 4.13 6.02
C ARG A 26 -10.04 4.20 5.20
N HIS A 27 -8.92 4.47 5.88
CA HIS A 27 -7.61 4.40 5.23
C HIS A 27 -7.36 3.01 4.68
N TYR A 28 -7.52 2.00 5.54
CA TYR A 28 -7.32 0.61 5.15
C TYR A 28 -8.26 0.20 4.03
N GLU A 29 -9.53 0.59 4.14
CA GLU A 29 -10.52 0.29 3.12
C GLU A 29 -10.14 0.92 1.78
N SER A 30 -9.70 2.17 1.83
CA SER A 30 -9.26 2.87 0.63
C SER A 30 -8.06 2.17 0.02
N ALA A 31 -7.13 1.77 0.86
CA ALA A 31 -5.97 1.01 0.42
C ALA A 31 -6.42 -0.30 -0.22
N TYR A 32 -7.23 -1.04 0.51
CA TYR A 32 -7.73 -2.34 0.07
C TYR A 32 -8.44 -2.26 -1.28
N LYS A 33 -9.30 -1.26 -1.46
CA LYS A 33 -10.06 -1.13 -2.69
C LYS A 33 -9.17 -0.69 -3.86
N HIS A 34 -8.14 0.09 -3.58
CA HIS A 34 -7.19 0.48 -4.62
C HIS A 34 -6.25 -0.68 -4.95
N ILE A 35 -5.94 -1.48 -3.93
CA ILE A 35 -5.12 -2.67 -4.12
C ILE A 35 -5.81 -3.66 -5.05
N LYS A 36 -7.07 -4.00 -4.75
CA LYS A 36 -7.82 -4.93 -5.58
C LYS A 36 -8.07 -4.34 -6.96
N ASP A 37 -8.10 -3.01 -7.04
CA ASP A 37 -8.26 -2.31 -8.31
C ASP A 37 -7.14 -2.67 -9.27
N HIS A 38 -5.91 -2.63 -8.77
CA HIS A 38 -4.74 -2.95 -9.59
C HIS A 38 -4.45 -4.45 -9.57
N PHE A 39 -4.46 -5.03 -8.38
CA PHE A 39 -4.06 -6.42 -8.22
C PHE A 39 -5.26 -7.35 -8.16
N ARG A 40 -5.96 -7.46 -9.27
CA ARG A 40 -7.12 -8.34 -9.38
C ARG A 40 -6.68 -9.80 -9.39
N HIS A 41 -7.08 -10.55 -8.36
CA HIS A 41 -6.77 -11.98 -8.24
C HIS A 41 -5.27 -12.22 -8.19
N LYS A 42 -4.51 -11.19 -7.86
CA LYS A 42 -3.07 -11.24 -7.95
C LYS A 42 -2.45 -11.66 -6.61
N LEU A 43 -1.79 -12.82 -6.62
CA LEU A 43 -1.07 -13.32 -5.46
C LEU A 43 0.02 -12.34 -5.06
N LEU A 44 0.29 -12.22 -3.76
CA LEU A 44 1.24 -11.23 -3.27
C LEU A 44 2.67 -11.56 -3.72
N LYS A 45 2.86 -12.79 -4.19
CA LYS A 45 4.16 -13.21 -4.72
C LYS A 45 4.38 -12.64 -6.11
N ASP A 46 3.30 -12.17 -6.73
CA ASP A 46 3.36 -11.63 -8.08
C ASP A 46 3.54 -10.12 -8.05
N ILE A 47 3.49 -9.55 -6.85
CA ILE A 47 3.72 -8.13 -6.66
C ILE A 47 5.21 -7.85 -6.57
N LYS A 48 5.78 -7.34 -7.64
CA LYS A 48 7.16 -6.93 -7.62
C LYS A 48 7.24 -5.44 -7.34
N ARG A 49 8.33 -5.02 -6.70
CA ARG A 49 8.50 -3.64 -6.25
C ARG A 49 8.35 -2.62 -7.37
N THR A 50 8.60 -3.06 -8.60
CA THR A 50 8.47 -2.20 -9.76
C THR A 50 7.01 -1.87 -10.05
N GLU A 51 6.13 -2.86 -9.88
CA GLU A 51 4.70 -2.65 -10.06
C GLU A 51 4.12 -1.92 -8.87
N TYR A 52 4.71 -2.17 -7.70
CA TYR A 52 4.31 -1.50 -6.47
C TYR A 52 4.51 0.01 -6.60
N GLN A 53 5.62 0.41 -7.22
CA GLN A 53 5.88 1.82 -7.45
C GLN A 53 4.81 2.42 -8.36
N LYS A 54 4.37 1.64 -9.36
CA LYS A 54 3.33 2.09 -10.28
C LYS A 54 2.03 2.35 -9.52
N PHE A 55 1.74 1.48 -8.56
CA PHE A 55 0.57 1.62 -7.70
C PHE A 55 0.66 2.92 -6.90
N LEU A 56 1.80 3.12 -6.25
CA LEU A 56 2.02 4.34 -5.47
C LEU A 56 2.01 5.57 -6.38
N ASN A 57 2.48 5.39 -7.60
CA ASN A 57 2.55 6.48 -8.56
C ASN A 57 1.17 7.08 -8.80
N GLU A 58 0.22 6.23 -9.15
CA GLU A 58 -1.15 6.66 -9.40
C GLU A 58 -1.80 7.24 -8.14
N TYR A 59 -1.52 6.60 -7.01
CA TYR A 59 -2.10 7.00 -5.74
C TYR A 59 -1.54 8.35 -5.28
N GLY A 60 -0.25 8.54 -5.51
CA GLY A 60 0.42 9.76 -5.09
C GLY A 60 0.13 10.94 -5.99
N LEU A 61 -0.44 10.67 -7.15
CA LEU A 61 -0.84 11.73 -8.07
C LEU A 61 -2.24 12.23 -7.73
N THR A 62 -2.96 11.45 -6.95
CA THR A 62 -4.35 11.74 -6.66
C THR A 62 -4.60 12.06 -5.19
N HIS A 63 -3.68 11.65 -4.32
CA HIS A 63 -3.88 11.81 -2.89
C HIS A 63 -2.74 12.59 -2.25
N SER A 64 -2.93 12.93 -0.98
CA SER A 64 -1.95 13.71 -0.23
C SER A 64 -0.73 12.86 0.11
N TYR A 65 0.35 13.52 0.51
CA TYR A 65 1.60 12.84 0.79
C TYR A 65 1.45 11.86 1.95
N GLU A 66 0.83 12.30 3.03
CA GLU A 66 0.71 11.47 4.21
C GLU A 66 -0.23 10.30 3.95
N THR A 67 -1.18 10.51 3.05
CA THR A 67 -2.12 9.47 2.67
C THR A 67 -1.40 8.29 2.01
N ILE A 68 -0.53 8.60 1.04
CA ILE A 68 0.26 7.58 0.38
C ILE A 68 1.38 7.08 1.30
N ARG A 69 1.91 7.99 2.11
CA ARG A 69 2.94 7.66 3.10
C ARG A 69 2.42 6.58 4.06
N LYS A 70 1.25 6.81 4.60
CA LYS A 70 0.64 5.88 5.56
C LYS A 70 0.24 4.59 4.85
N LEU A 71 -0.22 4.73 3.60
CA LEU A 71 -0.50 3.58 2.75
C LEU A 71 0.72 2.69 2.61
N ASN A 72 1.85 3.29 2.23
CA ASN A 72 3.12 2.58 2.10
C ASN A 72 3.48 1.89 3.40
N SER A 73 3.23 2.56 4.52
CA SER A 73 3.51 1.99 5.83
C SER A 73 2.67 0.73 6.06
N TYR A 74 1.40 0.77 5.67
CA TYR A 74 0.53 -0.39 5.78
C TYR A 74 1.08 -1.54 4.97
N ILE A 75 1.33 -1.28 3.69
CA ILE A 75 1.78 -2.30 2.75
C ILE A 75 3.14 -2.87 3.15
N ARG A 76 4.08 -2.00 3.53
CA ARG A 76 5.40 -2.46 3.89
C ARG A 76 5.34 -3.35 5.14
N ASN A 77 4.45 -3.01 6.07
CA ASN A 77 4.33 -3.77 7.31
C ASN A 77 3.65 -5.10 7.05
N ALA A 78 2.76 -5.14 6.06
CA ALA A 78 2.12 -6.38 5.65
C ALA A 78 3.15 -7.35 5.09
N PHE A 79 4.07 -6.83 4.30
CA PHE A 79 5.18 -7.63 3.80
C PHE A 79 6.21 -7.89 4.89
N ASP A 80 6.34 -6.95 5.83
CA ASP A 80 7.21 -7.14 7.00
C ASP A 80 6.74 -8.35 7.80
N ASP A 81 5.43 -8.56 7.79
CA ASP A 81 4.83 -9.75 8.38
C ASP A 81 5.24 -10.99 7.59
N ALA A 82 5.12 -10.91 6.27
CA ALA A 82 5.44 -12.02 5.38
C ALA A 82 6.94 -12.36 5.40
N ILE A 83 7.78 -11.34 5.47
CA ILE A 83 9.23 -11.55 5.47
C ILE A 83 9.69 -12.11 6.81
N HIS A 84 9.02 -11.70 7.88
CA HIS A 84 9.35 -12.19 9.22
C HIS A 84 9.15 -13.69 9.28
N GLU A 85 8.22 -14.16 8.47
CA GLU A 85 7.93 -15.58 8.39
C GLU A 85 8.82 -16.22 7.33
N GLY A 86 8.85 -15.60 6.16
CA GLY A 86 9.55 -16.18 5.03
C GLY A 86 8.57 -16.68 4.01
N TYR A 87 7.48 -15.93 3.85
CA TYR A 87 6.37 -16.34 3.01
C TYR A 87 6.58 -15.94 1.55
N VAL A 88 7.01 -14.70 1.34
CA VAL A 88 7.25 -14.17 0.00
C VAL A 88 8.56 -13.40 -0.05
N ILE A 89 8.68 -12.52 -1.05
CA ILE A 89 9.87 -11.69 -1.20
C ILE A 89 10.06 -10.77 0.00
N LYS A 90 11.23 -10.15 0.07
CA LYS A 90 11.60 -9.31 1.19
C LYS A 90 10.59 -8.18 1.40
N ASN A 91 10.54 -7.24 0.46
CA ASN A 91 9.63 -6.11 0.57
C ASN A 91 9.61 -5.31 -0.74
N PRO A 92 8.43 -4.86 -1.18
CA PRO A 92 8.30 -4.06 -2.40
C PRO A 92 8.68 -2.59 -2.19
N THR A 93 8.73 -2.17 -0.93
CA THR A 93 9.04 -0.77 -0.61
C THR A 93 10.53 -0.49 -0.77
N TYR A 94 11.26 -1.53 -1.15
CA TYR A 94 12.69 -1.45 -1.37
C TYR A 94 13.03 -0.45 -2.48
N LYS A 95 12.16 -0.38 -3.48
CA LYS A 95 12.36 0.53 -4.61
C LYS A 95 11.20 1.52 -4.72
N ALA A 96 10.59 1.82 -3.58
CA ALA A 96 9.44 2.71 -3.57
C ALA A 96 9.83 4.11 -3.15
N GLU A 97 9.05 5.08 -3.60
CA GLU A 97 9.25 6.45 -3.21
C GLU A 97 7.90 7.17 -3.11
N LEU A 98 7.78 8.07 -2.15
CA LEU A 98 6.51 8.72 -1.84
C LEU A 98 6.44 10.15 -2.37
N HIS A 99 7.02 10.39 -3.53
CA HIS A 99 6.96 11.72 -4.14
C HIS A 99 5.61 11.97 -4.78
N ALA A 100 4.70 12.56 -4.01
CA ALA A 100 3.39 12.94 -4.52
C ALA A 100 3.52 14.16 -5.41
N SER A 101 3.30 13.97 -6.72
CA SER A 101 3.45 15.02 -7.70
C SER A 101 2.17 15.86 -7.81
N VAL A 102 1.39 15.89 -6.74
CA VAL A 102 0.18 16.70 -6.69
C VAL A 102 0.52 18.19 -6.66
N LEU A 103 1.64 18.51 -6.03
CA LEU A 103 2.08 19.89 -5.91
C LEU A 103 3.47 20.06 -6.52
N GLU A 104 3.76 21.25 -7.02
CA GLU A 104 5.05 21.51 -7.64
C GLU A 104 6.07 21.94 -6.60
N HIS A 105 7.22 21.29 -6.62
CA HIS A 105 8.29 21.58 -5.69
C HIS A 105 9.31 22.52 -6.34
N HIS A 106 9.36 22.51 -7.66
CA HIS A 106 10.31 23.32 -8.39
C HIS A 106 9.70 24.69 -8.70
N HIS A 107 10.03 25.68 -7.88
CA HIS A 107 9.48 27.02 -8.03
C HIS A 107 10.49 27.96 -8.67
N HIS A 108 9.99 29.00 -9.30
CA HIS A 108 10.83 30.02 -9.94
C HIS A 108 9.97 31.20 -10.37
N HIS A 109 10.47 32.40 -10.15
CA HIS A 109 9.71 33.60 -10.47
C HIS A 109 9.93 33.99 -11.93
N HIS A 110 11.09 33.62 -12.46
CA HIS A 110 11.40 33.84 -13.85
C HIS A 110 11.13 32.57 -14.65
N MET A 1 -1.00 -19.86 -2.89
CA MET A 1 -0.51 -18.58 -2.34
C MET A 1 -1.67 -17.64 -2.12
N ILE A 2 -1.57 -16.79 -1.11
CA ILE A 2 -2.62 -15.82 -0.84
C ILE A 2 -2.41 -14.58 -1.73
N THR A 3 -3.52 -14.01 -2.16
CA THR A 3 -3.50 -12.81 -2.99
C THR A 3 -3.19 -11.57 -2.16
N PHE A 4 -2.57 -10.58 -2.79
CA PHE A 4 -2.12 -9.38 -2.11
C PHE A 4 -3.28 -8.65 -1.43
N ALA A 5 -4.38 -8.49 -2.17
CA ALA A 5 -5.56 -7.80 -1.65
C ALA A 5 -6.13 -8.53 -0.43
N ASP A 6 -6.33 -9.83 -0.58
CA ASP A 6 -6.90 -10.65 0.50
C ASP A 6 -5.99 -10.64 1.71
N TYR A 7 -4.69 -10.81 1.49
CA TYR A 7 -3.73 -10.83 2.57
C TYR A 7 -3.72 -9.50 3.31
N PHE A 8 -3.69 -8.41 2.55
CA PHE A 8 -3.60 -7.07 3.13
C PHE A 8 -4.75 -6.81 4.11
N TYR A 9 -5.97 -7.02 3.66
CA TYR A 9 -7.12 -6.70 4.48
C TYR A 9 -7.25 -7.70 5.64
N GLN A 10 -6.98 -8.96 5.37
CA GLN A 10 -7.07 -9.98 6.41
C GLN A 10 -6.04 -9.71 7.50
N TRP A 11 -4.83 -9.38 7.07
CA TRP A 11 -3.75 -8.96 7.96
C TRP A 11 -4.23 -7.82 8.86
N TYR A 12 -4.91 -6.86 8.26
CA TYR A 12 -5.48 -5.75 8.99
C TYR A 12 -6.61 -6.23 9.92
N GLU A 13 -7.53 -7.02 9.37
CA GLU A 13 -8.69 -7.49 10.12
C GLU A 13 -8.30 -8.24 11.38
N VAL A 14 -7.36 -9.16 11.26
CA VAL A 14 -6.95 -9.99 12.38
C VAL A 14 -6.24 -9.18 13.46
N ASN A 15 -5.60 -8.09 13.06
CA ASN A 15 -4.72 -7.37 13.97
C ASN A 15 -5.26 -6.00 14.37
N LYS A 16 -5.33 -5.07 13.41
CA LYS A 16 -5.62 -3.68 13.72
C LYS A 16 -7.12 -3.38 13.74
N LEU A 17 -7.88 -4.18 12.98
CA LEU A 17 -9.30 -3.91 12.74
C LEU A 17 -10.08 -3.47 13.99
N PRO A 18 -10.13 -4.27 15.06
CA PRO A 18 -10.99 -4.00 16.20
C PRO A 18 -10.33 -3.11 17.25
N HIS A 19 -9.22 -2.46 16.88
CA HIS A 19 -8.50 -1.61 17.81
C HIS A 19 -8.35 -0.21 17.26
N VAL A 20 -8.90 0.01 16.08
CA VAL A 20 -8.81 1.31 15.43
C VAL A 20 -10.20 1.86 15.16
N SER A 21 -10.31 3.18 15.11
CA SER A 21 -11.58 3.83 14.82
C SER A 21 -11.71 4.12 13.33
N GLU A 22 -12.85 4.67 12.92
CA GLU A 22 -13.08 5.06 11.52
C GLU A 22 -11.92 5.88 10.97
N SER A 23 -11.35 6.74 11.80
CA SER A 23 -10.22 7.57 11.41
C SER A 23 -9.11 6.73 10.77
N THR A 24 -8.73 5.66 11.45
CA THR A 24 -7.67 4.78 10.96
C THR A 24 -8.21 3.87 9.87
N LYS A 25 -9.49 3.49 10.01
CA LYS A 25 -10.14 2.61 9.04
C LYS A 25 -10.21 3.27 7.66
N ARG A 26 -10.52 4.56 7.62
CA ARG A 26 -10.66 5.28 6.36
C ARG A 26 -9.41 5.14 5.50
N HIS A 27 -8.26 5.13 6.15
CA HIS A 27 -7.00 4.97 5.42
C HIS A 27 -6.83 3.54 4.94
N TYR A 28 -7.12 2.58 5.80
CA TYR A 28 -7.01 1.17 5.45
C TYR A 28 -8.02 0.78 4.37
N GLU A 29 -9.25 1.23 4.51
CA GLU A 29 -10.29 0.95 3.52
C GLU A 29 -9.91 1.53 2.17
N SER A 30 -9.38 2.75 2.17
CA SER A 30 -8.96 3.40 0.95
C SER A 30 -7.74 2.70 0.37
N ALA A 31 -6.86 2.23 1.24
CA ALA A 31 -5.70 1.46 0.82
C ALA A 31 -6.15 0.17 0.14
N TYR A 32 -7.02 -0.56 0.83
CA TYR A 32 -7.51 -1.84 0.35
C TYR A 32 -8.28 -1.69 -0.97
N LYS A 33 -9.12 -0.67 -1.08
CA LYS A 33 -9.93 -0.49 -2.28
C LYS A 33 -9.05 -0.24 -3.51
N HIS A 34 -7.98 0.54 -3.34
CA HIS A 34 -7.07 0.80 -4.45
C HIS A 34 -6.22 -0.44 -4.73
N ILE A 35 -5.79 -1.13 -3.67
CA ILE A 35 -5.06 -2.38 -3.83
C ILE A 35 -5.91 -3.40 -4.58
N LYS A 36 -7.14 -3.56 -4.12
CA LYS A 36 -8.10 -4.48 -4.72
C LYS A 36 -8.37 -4.13 -6.18
N ASP A 37 -8.26 -2.84 -6.49
CA ASP A 37 -8.53 -2.36 -7.84
C ASP A 37 -7.38 -2.66 -8.79
N HIS A 38 -6.15 -2.41 -8.34
CA HIS A 38 -4.97 -2.58 -9.18
C HIS A 38 -4.43 -4.01 -9.11
N PHE A 39 -4.40 -4.57 -7.91
CA PHE A 39 -3.91 -5.94 -7.70
C PHE A 39 -5.06 -6.82 -7.22
N ARG A 40 -5.75 -7.41 -8.17
CA ARG A 40 -6.99 -8.13 -7.89
C ARG A 40 -6.72 -9.61 -7.63
N HIS A 41 -5.96 -10.23 -8.52
CA HIS A 41 -5.66 -11.65 -8.40
C HIS A 41 -4.15 -11.86 -8.31
N LYS A 42 -3.43 -10.78 -8.05
CA LYS A 42 -1.98 -10.86 -7.90
C LYS A 42 -1.65 -11.40 -6.50
N LEU A 43 -0.75 -12.38 -6.45
CA LEU A 43 -0.34 -12.97 -5.17
C LEU A 43 0.51 -11.99 -4.38
N LEU A 44 0.64 -12.23 -3.09
CA LEU A 44 1.38 -11.33 -2.21
C LEU A 44 2.84 -11.21 -2.64
N LYS A 45 3.49 -12.34 -2.79
CA LYS A 45 4.90 -12.39 -3.17
C LYS A 45 5.07 -12.06 -4.65
N ASP A 46 3.95 -11.95 -5.35
CA ASP A 46 3.96 -11.84 -6.80
C ASP A 46 3.82 -10.39 -7.25
N ILE A 47 3.98 -9.48 -6.30
CA ILE A 47 3.90 -8.05 -6.59
C ILE A 47 5.23 -7.54 -7.13
N LYS A 48 5.25 -7.16 -8.40
CA LYS A 48 6.45 -6.64 -9.01
C LYS A 48 6.71 -5.21 -8.54
N ARG A 49 7.93 -4.98 -8.08
CA ARG A 49 8.38 -3.66 -7.64
C ARG A 49 8.13 -2.58 -8.71
N THR A 50 8.19 -2.99 -9.96
CA THR A 50 7.94 -2.09 -11.08
C THR A 50 6.47 -1.71 -11.15
N GLU A 51 5.60 -2.70 -10.99
CA GLU A 51 4.16 -2.47 -10.99
C GLU A 51 3.75 -1.65 -9.77
N TYR A 52 4.46 -1.87 -8.67
CA TYR A 52 4.23 -1.13 -7.45
C TYR A 52 4.52 0.36 -7.66
N GLN A 53 5.52 0.64 -8.50
CA GLN A 53 5.83 2.01 -8.88
C GLN A 53 4.61 2.70 -9.48
N LYS A 54 3.90 2.00 -10.36
CA LYS A 54 2.68 2.55 -10.97
C LYS A 54 1.60 2.74 -9.92
N PHE A 55 1.41 1.73 -9.08
CA PHE A 55 0.41 1.79 -8.03
C PHE A 55 0.62 3.03 -7.15
N LEU A 56 1.88 3.34 -6.88
CA LEU A 56 2.21 4.49 -6.05
C LEU A 56 2.01 5.81 -6.80
N ASN A 57 2.44 5.87 -8.05
CA ASN A 57 2.36 7.12 -8.81
C ASN A 57 0.91 7.43 -9.21
N GLU A 58 0.08 6.41 -9.32
CA GLU A 58 -1.35 6.61 -9.56
C GLU A 58 -2.03 7.07 -8.28
N TYR A 59 -1.56 6.55 -7.16
CA TYR A 59 -2.12 6.88 -5.86
C TYR A 59 -1.68 8.28 -5.43
N GLY A 60 -0.45 8.63 -5.76
CA GLY A 60 0.12 9.90 -5.35
C GLY A 60 -0.40 11.09 -6.14
N LEU A 61 -1.23 10.82 -7.14
CA LEU A 61 -1.87 11.89 -7.90
C LEU A 61 -3.20 12.25 -7.26
N THR A 62 -3.87 11.26 -6.71
CA THR A 62 -5.16 11.45 -6.08
C THR A 62 -5.01 11.76 -4.61
N HIS A 63 -4.07 11.09 -3.96
CA HIS A 63 -3.83 11.24 -2.54
C HIS A 63 -2.46 11.84 -2.31
N SER A 64 -2.34 12.69 -1.31
CA SER A 64 -1.09 13.39 -1.04
C SER A 64 -0.07 12.48 -0.36
N TYR A 65 1.10 13.05 -0.07
CA TYR A 65 2.23 12.31 0.49
C TYR A 65 1.87 11.61 1.79
N GLU A 66 1.12 12.29 2.64
CA GLU A 66 0.79 11.76 3.95
C GLU A 66 0.02 10.44 3.83
N THR A 67 -0.94 10.41 2.92
CA THR A 67 -1.78 9.23 2.75
C THR A 67 -1.01 8.10 2.06
N ILE A 68 -0.22 8.43 1.05
CA ILE A 68 0.57 7.42 0.34
C ILE A 68 1.65 6.86 1.27
N ARG A 69 2.17 7.71 2.15
CA ARG A 69 3.14 7.27 3.16
C ARG A 69 2.51 6.21 4.05
N LYS A 70 1.29 6.47 4.50
CA LYS A 70 0.54 5.50 5.29
C LYS A 70 0.36 4.21 4.51
N LEU A 71 -0.11 4.34 3.28
CA LEU A 71 -0.34 3.20 2.41
C LEU A 71 0.90 2.32 2.33
N ASN A 72 2.03 2.93 1.97
CA ASN A 72 3.30 2.22 1.85
C ASN A 72 3.70 1.58 3.18
N SER A 73 3.44 2.29 4.27
CA SER A 73 3.76 1.79 5.59
C SER A 73 2.98 0.51 5.91
N TYR A 74 1.69 0.52 5.59
CA TYR A 74 0.84 -0.64 5.86
C TYR A 74 1.29 -1.82 5.03
N ILE A 75 1.49 -1.58 3.74
CA ILE A 75 1.91 -2.62 2.81
C ILE A 75 3.26 -3.20 3.22
N ARG A 76 4.21 -2.33 3.52
CA ARG A 76 5.56 -2.76 3.87
C ARG A 76 5.57 -3.51 5.20
N ASN A 77 4.68 -3.12 6.12
CA ASN A 77 4.56 -3.82 7.39
C ASN A 77 3.95 -5.20 7.19
N ALA A 78 2.96 -5.29 6.31
CA ALA A 78 2.35 -6.57 5.96
C ALA A 78 3.38 -7.53 5.37
N PHE A 79 4.21 -7.01 4.48
CA PHE A 79 5.29 -7.79 3.90
C PHE A 79 6.33 -8.16 4.95
N ASP A 80 6.60 -7.24 5.86
CA ASP A 80 7.56 -7.47 6.93
C ASP A 80 7.12 -8.63 7.81
N ASP A 81 5.83 -8.68 8.12
CA ASP A 81 5.29 -9.78 8.90
C ASP A 81 5.41 -11.10 8.14
N ALA A 82 5.17 -11.03 6.83
CA ALA A 82 5.26 -12.21 5.97
C ALA A 82 6.70 -12.69 5.82
N ILE A 83 7.61 -11.77 5.52
CA ILE A 83 9.02 -12.10 5.36
C ILE A 83 9.61 -12.56 6.68
N HIS A 84 9.07 -12.01 7.78
CA HIS A 84 9.47 -12.40 9.13
C HIS A 84 9.24 -13.89 9.34
N GLU A 85 8.26 -14.45 8.63
CA GLU A 85 7.93 -15.87 8.71
C GLU A 85 8.68 -16.64 7.62
N GLY A 86 9.17 -15.92 6.63
CA GLY A 86 9.83 -16.54 5.50
C GLY A 86 8.87 -16.81 4.37
N TYR A 87 7.68 -16.21 4.46
CA TYR A 87 6.62 -16.43 3.47
C TYR A 87 6.97 -15.75 2.15
N VAL A 88 7.58 -14.57 2.21
CA VAL A 88 8.01 -13.87 1.01
C VAL A 88 9.53 -13.77 0.98
N ILE A 89 10.11 -13.83 -0.21
CA ILE A 89 11.55 -13.81 -0.37
C ILE A 89 12.11 -12.39 -0.26
N LYS A 90 11.53 -11.47 -1.02
CA LYS A 90 11.94 -10.07 -0.97
C LYS A 90 10.72 -9.17 -1.11
N ASN A 91 10.87 -7.92 -0.67
CA ASN A 91 9.76 -6.99 -0.65
C ASN A 91 9.76 -6.11 -1.90
N PRO A 92 8.58 -5.78 -2.43
CA PRO A 92 8.44 -4.93 -3.61
C PRO A 92 8.82 -3.47 -3.34
N THR A 93 8.86 -3.11 -2.05
CA THR A 93 9.25 -1.76 -1.67
C THR A 93 10.77 -1.60 -1.80
N TYR A 94 11.21 -1.45 -3.04
CA TYR A 94 12.62 -1.37 -3.36
C TYR A 94 12.85 -0.38 -4.50
N LYS A 95 12.26 -0.69 -5.65
CA LYS A 95 12.42 0.14 -6.84
C LYS A 95 11.22 1.09 -6.96
N ALA A 96 10.61 1.37 -5.81
CA ALA A 96 9.45 2.24 -5.74
C ALA A 96 9.60 3.20 -4.57
N GLU A 97 9.10 4.41 -4.75
CA GLU A 97 9.21 5.45 -3.74
C GLU A 97 7.89 6.18 -3.58
N LEU A 98 7.80 7.02 -2.55
CA LEU A 98 6.62 7.83 -2.33
C LEU A 98 6.65 9.06 -3.23
N HIS A 99 6.47 8.83 -4.52
CA HIS A 99 6.57 9.89 -5.51
C HIS A 99 5.19 10.48 -5.77
N ALA A 100 4.62 11.11 -4.77
CA ALA A 100 3.32 11.76 -4.90
C ALA A 100 3.49 13.10 -5.60
N SER A 101 2.39 13.70 -6.00
CA SER A 101 2.44 14.98 -6.67
C SER A 101 1.24 15.85 -6.30
N VAL A 102 0.05 15.39 -6.69
CA VAL A 102 -1.18 16.16 -6.50
C VAL A 102 -1.01 17.57 -7.06
N LEU A 103 -0.89 17.64 -8.38
CA LEU A 103 -0.65 18.89 -9.06
C LEU A 103 -1.80 19.19 -10.01
N GLU A 104 -1.55 20.01 -11.01
CA GLU A 104 -2.55 20.30 -12.02
C GLU A 104 -2.24 19.51 -13.28
N HIS A 105 -3.23 19.34 -14.13
CA HIS A 105 -2.99 18.76 -15.44
C HIS A 105 -3.59 19.64 -16.52
N HIS A 106 -3.63 20.95 -16.23
CA HIS A 106 -3.98 21.95 -17.23
C HIS A 106 -2.73 22.64 -17.75
N HIS A 107 -1.86 23.08 -16.85
CA HIS A 107 -0.60 23.71 -17.24
C HIS A 107 0.28 22.68 -17.94
N HIS A 108 0.31 21.48 -17.38
CA HIS A 108 0.85 20.32 -18.07
C HIS A 108 -0.32 19.47 -18.52
N HIS A 109 -0.74 19.68 -19.76
CA HIS A 109 -2.01 19.14 -20.24
C HIS A 109 -2.05 17.61 -20.26
N HIS A 110 -3.24 17.07 -20.20
CA HIS A 110 -3.46 15.64 -20.32
C HIS A 110 -4.78 15.40 -21.04
N MET A 1 -1.53 -20.47 -1.58
CA MET A 1 -1.18 -19.16 -2.16
C MET A 1 -2.36 -18.20 -2.09
N ILE A 2 -2.31 -17.28 -1.14
CA ILE A 2 -3.38 -16.32 -0.94
C ILE A 2 -3.14 -15.06 -1.77
N THR A 3 -4.22 -14.47 -2.26
CA THR A 3 -4.15 -13.22 -2.99
C THR A 3 -3.80 -12.06 -2.06
N PHE A 4 -2.98 -11.14 -2.56
CA PHE A 4 -2.48 -10.03 -1.76
C PHE A 4 -3.61 -9.17 -1.20
N ALA A 5 -4.61 -8.90 -2.04
CA ALA A 5 -5.74 -8.07 -1.63
C ALA A 5 -6.42 -8.66 -0.39
N ASP A 6 -6.71 -9.95 -0.45
CA ASP A 6 -7.37 -10.64 0.65
C ASP A 6 -6.43 -10.75 1.84
N TYR A 7 -5.16 -11.01 1.56
CA TYR A 7 -4.14 -11.08 2.61
C TYR A 7 -4.04 -9.76 3.37
N PHE A 8 -4.01 -8.66 2.63
CA PHE A 8 -3.87 -7.33 3.22
C PHE A 8 -5.03 -7.05 4.18
N TYR A 9 -6.25 -7.29 3.73
CA TYR A 9 -7.42 -7.03 4.55
C TYR A 9 -7.43 -7.97 5.76
N GLN A 10 -7.03 -9.22 5.55
CA GLN A 10 -6.99 -10.20 6.64
C GLN A 10 -5.94 -9.81 7.67
N TRP A 11 -4.74 -9.48 7.17
CA TRP A 11 -3.66 -9.01 8.02
C TRP A 11 -4.13 -7.83 8.87
N TYR A 12 -4.88 -6.94 8.25
CA TYR A 12 -5.45 -5.81 8.96
C TYR A 12 -6.45 -6.28 10.00
N GLU A 13 -7.47 -7.01 9.56
CA GLU A 13 -8.58 -7.45 10.41
C GLU A 13 -8.08 -8.17 11.67
N VAL A 14 -7.09 -9.02 11.51
CA VAL A 14 -6.58 -9.82 12.61
C VAL A 14 -5.76 -8.97 13.59
N ASN A 15 -5.01 -8.00 13.06
CA ASN A 15 -4.06 -7.25 13.87
C ASN A 15 -4.67 -5.93 14.35
N LYS A 16 -5.07 -5.09 13.41
CA LYS A 16 -5.62 -3.79 13.76
C LYS A 16 -7.11 -3.77 13.45
N LEU A 17 -7.94 -3.80 14.47
CA LEU A 17 -9.37 -3.74 14.25
C LEU A 17 -10.09 -3.08 15.43
N PRO A 18 -10.02 -3.67 16.65
CA PRO A 18 -10.65 -3.09 17.82
C PRO A 18 -9.77 -2.05 18.48
N HIS A 19 -8.56 -1.90 17.95
CA HIS A 19 -7.56 -1.04 18.55
C HIS A 19 -7.40 0.27 17.79
N VAL A 20 -8.17 0.41 16.72
CA VAL A 20 -8.06 1.58 15.87
C VAL A 20 -9.42 2.27 15.72
N SER A 21 -9.40 3.48 15.22
CA SER A 21 -10.63 4.24 15.00
C SER A 21 -11.16 3.99 13.59
N GLU A 22 -12.41 4.38 13.36
CA GLU A 22 -13.03 4.17 12.06
C GLU A 22 -12.27 4.92 10.97
N SER A 23 -11.64 6.03 11.36
CA SER A 23 -10.80 6.80 10.44
C SER A 23 -9.65 5.93 9.93
N THR A 24 -9.04 5.18 10.83
CA THR A 24 -7.94 4.29 10.50
C THR A 24 -8.43 3.20 9.55
N LYS A 25 -9.66 2.74 9.79
CA LYS A 25 -10.26 1.73 8.92
C LYS A 25 -10.41 2.27 7.51
N ARG A 26 -10.87 3.52 7.42
CA ARG A 26 -11.06 4.17 6.13
C ARG A 26 -9.75 4.24 5.35
N HIS A 27 -8.64 4.48 6.05
CA HIS A 27 -7.32 4.49 5.43
C HIS A 27 -7.00 3.12 4.83
N TYR A 28 -7.11 2.07 5.64
CA TYR A 28 -6.82 0.72 5.19
C TYR A 28 -7.76 0.28 4.08
N GLU A 29 -9.03 0.62 4.20
CA GLU A 29 -10.02 0.24 3.20
C GLU A 29 -9.80 0.98 1.89
N SER A 30 -9.38 2.24 1.98
CA SER A 30 -9.02 3.00 0.80
C SER A 30 -7.80 2.39 0.13
N ALA A 31 -6.85 1.94 0.96
CA ALA A 31 -5.68 1.22 0.48
C ALA A 31 -6.12 -0.06 -0.21
N TYR A 32 -6.93 -0.83 0.49
CA TYR A 32 -7.43 -2.12 0.02
C TYR A 32 -8.15 -2.00 -1.32
N LYS A 33 -8.99 -0.98 -1.48
CA LYS A 33 -9.77 -0.84 -2.70
C LYS A 33 -8.87 -0.45 -3.88
N HIS A 34 -7.82 0.32 -3.61
CA HIS A 34 -6.85 0.67 -4.65
C HIS A 34 -5.95 -0.51 -4.97
N ILE A 35 -5.67 -1.33 -3.95
CA ILE A 35 -4.94 -2.57 -4.14
C ILE A 35 -5.74 -3.50 -5.04
N LYS A 36 -7.03 -3.63 -4.73
CA LYS A 36 -7.95 -4.42 -5.54
C LYS A 36 -8.10 -3.82 -6.93
N ASP A 37 -7.92 -2.51 -7.02
CA ASP A 37 -8.04 -1.79 -8.28
C ASP A 37 -6.90 -2.13 -9.23
N HIS A 38 -5.69 -2.18 -8.68
CA HIS A 38 -4.51 -2.52 -9.48
C HIS A 38 -4.30 -4.03 -9.54
N PHE A 39 -4.35 -4.67 -8.39
CA PHE A 39 -4.14 -6.11 -8.29
C PHE A 39 -5.43 -6.77 -7.83
N ARG A 40 -6.33 -7.02 -8.78
CA ARG A 40 -7.67 -7.53 -8.46
C ARG A 40 -7.62 -8.86 -7.73
N HIS A 41 -6.70 -9.72 -8.16
CA HIS A 41 -6.46 -10.98 -7.47
C HIS A 41 -5.05 -11.49 -7.75
N LYS A 42 -4.07 -10.66 -7.43
CA LYS A 42 -2.67 -11.02 -7.57
C LYS A 42 -2.19 -11.67 -6.29
N LEU A 43 -1.34 -12.69 -6.40
CA LEU A 43 -0.86 -13.41 -5.23
C LEU A 43 0.05 -12.53 -4.38
N LEU A 44 0.23 -12.90 -3.12
CA LEU A 44 1.05 -12.13 -2.19
C LEU A 44 2.49 -12.01 -2.70
N LYS A 45 3.04 -13.10 -3.21
CA LYS A 45 4.41 -13.10 -3.73
C LYS A 45 4.41 -12.82 -5.23
N ASP A 46 3.28 -12.36 -5.73
CA ASP A 46 3.11 -12.12 -7.16
C ASP A 46 3.13 -10.62 -7.45
N ILE A 47 3.43 -9.84 -6.42
CA ILE A 47 3.50 -8.40 -6.53
C ILE A 47 4.94 -7.97 -6.83
N LYS A 48 5.18 -7.50 -8.04
CA LYS A 48 6.50 -7.03 -8.42
C LYS A 48 6.79 -5.67 -7.78
N ARG A 49 8.06 -5.40 -7.52
CA ARG A 49 8.46 -4.14 -6.91
C ARG A 49 8.23 -2.98 -7.89
N THR A 50 8.39 -3.26 -9.17
CA THR A 50 8.17 -2.26 -10.21
C THR A 50 6.67 -1.94 -10.36
N GLU A 51 5.83 -2.94 -10.16
CA GLU A 51 4.39 -2.75 -10.22
C GLU A 51 3.94 -1.88 -9.04
N TYR A 52 4.58 -2.12 -7.91
CA TYR A 52 4.32 -1.35 -6.69
C TYR A 52 4.67 0.12 -6.90
N GLN A 53 5.72 0.36 -7.68
CA GLN A 53 6.11 1.72 -8.05
C GLN A 53 4.99 2.41 -8.82
N LYS A 54 4.40 1.68 -9.76
CA LYS A 54 3.31 2.21 -10.59
C LYS A 54 2.10 2.53 -9.71
N PHE A 55 1.86 1.66 -8.73
CA PHE A 55 0.77 1.83 -7.80
C PHE A 55 0.96 3.10 -6.96
N LEU A 56 2.16 3.25 -6.41
CA LEU A 56 2.47 4.43 -5.60
C LEU A 56 2.45 5.70 -6.45
N ASN A 57 2.98 5.59 -7.67
CA ASN A 57 3.06 6.73 -8.58
C ASN A 57 1.68 7.32 -8.83
N GLU A 58 0.73 6.45 -9.17
CA GLU A 58 -0.64 6.88 -9.45
C GLU A 58 -1.32 7.40 -8.17
N TYR A 59 -1.06 6.73 -7.06
CA TYR A 59 -1.69 7.09 -5.80
C TYR A 59 -1.20 8.45 -5.33
N GLY A 60 0.07 8.76 -5.61
CA GLY A 60 0.65 10.02 -5.20
C GLY A 60 0.22 11.17 -6.09
N LEU A 61 -0.40 10.84 -7.21
CA LEU A 61 -0.93 11.85 -8.11
C LEU A 61 -2.38 12.18 -7.76
N THR A 62 -2.97 11.32 -6.95
CA THR A 62 -4.39 11.45 -6.62
C THR A 62 -4.62 11.76 -5.14
N HIS A 63 -3.67 11.38 -4.30
CA HIS A 63 -3.82 11.55 -2.85
C HIS A 63 -2.62 12.28 -2.27
N SER A 64 -2.80 12.85 -1.08
CA SER A 64 -1.78 13.67 -0.43
C SER A 64 -0.57 12.83 -0.01
N TYR A 65 0.52 13.52 0.32
CA TYR A 65 1.78 12.88 0.69
C TYR A 65 1.62 11.98 1.91
N GLU A 66 0.90 12.44 2.93
CA GLU A 66 0.70 11.64 4.12
C GLU A 66 -0.22 10.46 3.83
N THR A 67 -1.11 10.64 2.86
CA THR A 67 -2.03 9.58 2.47
C THR A 67 -1.25 8.43 1.82
N ILE A 68 -0.37 8.77 0.88
CA ILE A 68 0.45 7.78 0.21
C ILE A 68 1.52 7.24 1.17
N ARG A 69 2.02 8.11 2.05
CA ARG A 69 3.00 7.68 3.06
C ARG A 69 2.36 6.68 4.01
N LYS A 70 1.14 6.98 4.45
CA LYS A 70 0.40 6.09 5.32
C LYS A 70 0.16 4.76 4.60
N LEU A 71 -0.29 4.85 3.35
CA LEU A 71 -0.49 3.68 2.50
C LEU A 71 0.77 2.84 2.44
N ASN A 72 1.88 3.48 2.06
CA ASN A 72 3.17 2.81 1.93
C ASN A 72 3.55 2.14 3.25
N SER A 73 3.27 2.81 4.36
CA SER A 73 3.58 2.28 5.68
C SER A 73 2.79 1.01 5.95
N TYR A 74 1.52 0.99 5.56
CA TYR A 74 0.67 -0.17 5.77
C TYR A 74 1.17 -1.37 4.98
N ILE A 75 1.45 -1.14 3.70
CA ILE A 75 1.87 -2.20 2.81
C ILE A 75 3.25 -2.74 3.20
N ARG A 76 4.16 -1.84 3.57
CA ARG A 76 5.48 -2.25 4.05
C ARG A 76 5.33 -3.07 5.32
N ASN A 77 4.48 -2.61 6.23
CA ASN A 77 4.26 -3.30 7.50
C ASN A 77 3.71 -4.71 7.25
N ALA A 78 2.90 -4.86 6.21
CA ALA A 78 2.33 -6.15 5.85
C ALA A 78 3.38 -7.07 5.24
N PHE A 79 4.08 -6.59 4.22
CA PHE A 79 5.11 -7.39 3.55
C PHE A 79 6.28 -7.68 4.48
N ASP A 80 6.59 -6.73 5.35
CA ASP A 80 7.66 -6.91 6.31
C ASP A 80 7.30 -8.03 7.28
N ASP A 81 6.03 -8.11 7.64
CA ASP A 81 5.57 -9.18 8.52
C ASP A 81 5.59 -10.51 7.79
N ALA A 82 5.29 -10.47 6.50
CA ALA A 82 5.33 -11.66 5.66
C ALA A 82 6.76 -12.17 5.51
N ILE A 83 7.71 -11.25 5.29
CA ILE A 83 9.10 -11.62 5.12
C ILE A 83 9.68 -12.21 6.42
N HIS A 84 9.12 -11.78 7.56
CA HIS A 84 9.51 -12.35 8.86
C HIS A 84 9.36 -13.86 8.83
N GLU A 85 8.35 -14.33 8.11
CA GLU A 85 8.04 -15.75 8.05
C GLU A 85 8.72 -16.41 6.85
N GLY A 86 9.17 -15.58 5.91
CA GLY A 86 9.67 -16.10 4.66
C GLY A 86 8.54 -16.33 3.68
N TYR A 87 7.40 -15.68 3.95
CA TYR A 87 6.20 -15.82 3.14
C TYR A 87 6.48 -15.34 1.72
N VAL A 88 7.26 -14.29 1.60
CA VAL A 88 7.62 -13.72 0.31
C VAL A 88 9.11 -13.49 0.20
N ILE A 89 9.58 -13.33 -1.02
CA ILE A 89 10.98 -13.05 -1.28
C ILE A 89 11.08 -12.02 -2.40
N LYS A 90 12.03 -11.09 -2.30
CA LYS A 90 12.15 -9.98 -3.25
C LYS A 90 10.87 -9.17 -3.26
N ASN A 91 10.36 -8.88 -2.07
CA ASN A 91 9.09 -8.19 -1.89
C ASN A 91 9.10 -6.81 -2.55
N PRO A 92 7.92 -6.35 -3.02
CA PRO A 92 7.79 -5.08 -3.76
C PRO A 92 8.24 -3.86 -2.96
N THR A 93 8.19 -3.96 -1.64
CA THR A 93 8.57 -2.86 -0.77
C THR A 93 10.10 -2.77 -0.64
N TYR A 94 10.79 -3.60 -1.40
CA TYR A 94 12.24 -3.58 -1.48
C TYR A 94 12.73 -2.21 -1.96
N LYS A 95 12.08 -1.70 -2.99
CA LYS A 95 12.37 -0.37 -3.52
C LYS A 95 11.09 0.43 -3.68
N ALA A 96 10.81 1.27 -2.70
CA ALA A 96 9.60 2.07 -2.70
C ALA A 96 9.91 3.53 -2.40
N GLU A 97 9.29 4.42 -3.15
CA GLU A 97 9.44 5.85 -2.94
C GLU A 97 8.09 6.53 -3.04
N LEU A 98 7.97 7.68 -2.38
CA LEU A 98 6.70 8.38 -2.32
C LEU A 98 6.67 9.52 -3.33
N HIS A 99 6.09 9.27 -4.49
CA HIS A 99 5.98 10.28 -5.53
C HIS A 99 4.61 10.95 -5.45
N ALA A 100 4.49 11.90 -4.53
CA ALA A 100 3.23 12.60 -4.33
C ALA A 100 3.32 14.03 -4.85
N SER A 101 2.64 14.29 -5.96
CA SER A 101 2.58 15.62 -6.52
C SER A 101 1.47 16.42 -5.85
N VAL A 102 0.68 15.74 -5.03
CA VAL A 102 -0.41 16.37 -4.31
C VAL A 102 0.12 17.02 -3.03
N LEU A 103 0.80 18.14 -3.20
CA LEU A 103 1.35 18.89 -2.08
C LEU A 103 1.41 20.37 -2.41
N GLU A 104 0.48 21.13 -1.87
CA GLU A 104 0.50 22.58 -2.05
C GLU A 104 1.01 23.26 -0.79
N HIS A 105 1.72 24.36 -0.98
CA HIS A 105 2.42 25.00 0.13
C HIS A 105 1.64 26.17 0.68
N HIS A 106 0.92 26.89 -0.18
CA HIS A 106 0.12 28.00 0.28
C HIS A 106 -1.16 28.13 -0.55
N HIS A 107 -2.23 28.56 0.09
CA HIS A 107 -3.51 28.73 -0.60
C HIS A 107 -3.50 30.01 -1.43
N HIS A 108 -3.79 29.86 -2.71
CA HIS A 108 -3.89 31.00 -3.62
C HIS A 108 -5.12 30.83 -4.48
N HIS A 109 -6.02 31.81 -4.42
CA HIS A 109 -7.26 31.75 -5.16
C HIS A 109 -7.54 33.07 -5.86
N HIS A 110 -7.60 33.03 -7.18
CA HIS A 110 -7.88 34.22 -7.97
C HIS A 110 -9.36 34.28 -8.33
N MET A 1 0.10 -19.43 -1.16
CA MET A 1 0.26 -18.10 -1.80
C MET A 1 -1.09 -17.43 -1.99
N ILE A 2 -1.33 -16.40 -1.20
CA ILE A 2 -2.58 -15.65 -1.26
C ILE A 2 -2.40 -14.38 -2.09
N THR A 3 -3.50 -13.87 -2.65
CA THR A 3 -3.49 -12.60 -3.35
C THR A 3 -3.15 -11.46 -2.40
N PHE A 4 -2.39 -10.49 -2.88
CA PHE A 4 -1.93 -9.39 -2.05
C PHE A 4 -3.09 -8.59 -1.47
N ALA A 5 -4.10 -8.33 -2.28
CA ALA A 5 -5.27 -7.56 -1.84
C ALA A 5 -5.96 -8.24 -0.67
N ASP A 6 -6.34 -9.49 -0.87
CA ASP A 6 -7.06 -10.26 0.14
C ASP A 6 -6.19 -10.45 1.38
N TYR A 7 -4.88 -10.60 1.16
CA TYR A 7 -3.94 -10.74 2.25
C TYR A 7 -3.87 -9.46 3.09
N PHE A 8 -3.83 -8.31 2.42
CA PHE A 8 -3.72 -7.03 3.09
C PHE A 8 -4.89 -6.81 4.06
N TYR A 9 -6.11 -7.04 3.57
CA TYR A 9 -7.28 -6.85 4.39
C TYR A 9 -7.35 -7.94 5.47
N GLN A 10 -6.98 -9.15 5.09
CA GLN A 10 -6.96 -10.26 6.03
C GLN A 10 -6.03 -9.95 7.19
N TRP A 11 -4.82 -9.50 6.83
CA TRP A 11 -3.81 -9.10 7.81
C TRP A 11 -4.36 -7.99 8.72
N TYR A 12 -5.04 -7.03 8.11
CA TYR A 12 -5.64 -5.93 8.86
C TYR A 12 -6.68 -6.44 9.86
N GLU A 13 -7.57 -7.31 9.40
CA GLU A 13 -8.61 -7.88 10.24
C GLU A 13 -7.99 -8.60 11.45
N VAL A 14 -6.96 -9.38 11.19
CA VAL A 14 -6.29 -10.14 12.24
C VAL A 14 -5.54 -9.21 13.20
N ASN A 15 -5.04 -8.09 12.69
CA ASN A 15 -4.11 -7.28 13.47
C ASN A 15 -4.72 -5.96 13.95
N LYS A 16 -4.90 -5.01 13.04
CA LYS A 16 -5.19 -3.63 13.43
C LYS A 16 -6.69 -3.40 13.71
N LEU A 17 -7.52 -4.33 13.29
CA LEU A 17 -8.97 -4.21 13.41
C LEU A 17 -9.41 -3.83 14.84
N PRO A 18 -8.99 -4.59 15.89
CA PRO A 18 -9.43 -4.33 17.26
C PRO A 18 -8.73 -3.14 17.92
N HIS A 19 -7.95 -2.39 17.15
CA HIS A 19 -7.19 -1.27 17.70
C HIS A 19 -7.63 0.04 17.09
N VAL A 20 -7.76 0.06 15.78
CA VAL A 20 -8.00 1.30 15.05
C VAL A 20 -9.47 1.74 15.11
N SER A 21 -9.66 3.04 15.18
CA SER A 21 -11.00 3.63 15.16
C SER A 21 -11.50 3.70 13.71
N GLU A 22 -12.76 4.10 13.53
CA GLU A 22 -13.35 4.20 12.19
C GLU A 22 -12.56 5.16 11.31
N SER A 23 -11.93 6.15 11.95
CA SER A 23 -11.10 7.10 11.24
C SER A 23 -9.91 6.42 10.58
N THR A 24 -9.23 5.55 11.33
CA THR A 24 -8.10 4.81 10.80
C THR A 24 -8.59 3.69 9.88
N LYS A 25 -9.78 3.17 10.15
CA LYS A 25 -10.40 2.20 9.25
C LYS A 25 -10.50 2.78 7.85
N ARG A 26 -10.96 4.03 7.77
CA ARG A 26 -11.12 4.72 6.48
C ARG A 26 -9.81 4.74 5.70
N HIS A 27 -8.69 4.82 6.40
CA HIS A 27 -7.38 4.74 5.77
C HIS A 27 -7.19 3.37 5.12
N TYR A 28 -7.37 2.32 5.91
CA TYR A 28 -7.18 0.95 5.44
C TYR A 28 -8.21 0.59 4.36
N GLU A 29 -9.47 0.93 4.61
CA GLU A 29 -10.55 0.62 3.66
C GLU A 29 -10.24 1.21 2.29
N SER A 30 -9.95 2.51 2.25
CA SER A 30 -9.66 3.21 1.00
C SER A 30 -8.42 2.60 0.33
N ALA A 31 -7.43 2.28 1.14
CA ALA A 31 -6.21 1.68 0.63
C ALA A 31 -6.50 0.31 0.01
N TYR A 32 -7.29 -0.49 0.72
CA TYR A 32 -7.67 -1.81 0.24
C TYR A 32 -8.37 -1.74 -1.11
N LYS A 33 -9.22 -0.75 -1.29
CA LYS A 33 -9.95 -0.58 -2.54
C LYS A 33 -9.01 -0.28 -3.67
N HIS A 34 -8.00 0.54 -3.40
CA HIS A 34 -7.01 0.85 -4.42
C HIS A 34 -6.11 -0.35 -4.68
N ILE A 35 -5.81 -1.09 -3.62
CA ILE A 35 -5.00 -2.29 -3.74
C ILE A 35 -5.70 -3.35 -4.56
N LYS A 36 -6.96 -3.65 -4.23
CA LYS A 36 -7.74 -4.65 -4.95
C LYS A 36 -7.98 -4.20 -6.39
N ASP A 37 -7.95 -2.89 -6.58
CA ASP A 37 -8.10 -2.28 -7.90
C ASP A 37 -6.94 -2.65 -8.83
N HIS A 38 -5.72 -2.50 -8.32
CA HIS A 38 -4.52 -2.78 -9.10
C HIS A 38 -4.11 -4.24 -8.98
N PHE A 39 -4.17 -4.77 -7.77
CA PHE A 39 -3.78 -6.13 -7.48
C PHE A 39 -5.02 -6.94 -7.13
N ARG A 40 -5.56 -7.65 -8.11
CA ARG A 40 -6.80 -8.37 -7.93
C ARG A 40 -6.53 -9.84 -7.63
N HIS A 41 -5.92 -10.51 -8.58
CA HIS A 41 -5.56 -11.91 -8.43
C HIS A 41 -4.04 -12.05 -8.39
N LYS A 42 -3.39 -10.95 -8.06
CA LYS A 42 -1.94 -10.90 -7.98
C LYS A 42 -1.51 -11.31 -6.57
N LEU A 43 -0.74 -12.39 -6.49
CA LEU A 43 -0.31 -12.97 -5.22
C LEU A 43 0.69 -12.06 -4.51
N LEU A 44 0.99 -12.38 -3.26
CA LEU A 44 1.89 -11.59 -2.44
C LEU A 44 3.29 -11.55 -3.06
N LYS A 45 3.71 -12.65 -3.66
CA LYS A 45 5.01 -12.71 -4.31
C LYS A 45 4.88 -12.49 -5.82
N ASP A 46 3.69 -12.11 -6.24
CA ASP A 46 3.45 -11.80 -7.65
C ASP A 46 3.58 -10.29 -7.85
N ILE A 47 3.89 -9.61 -6.75
CA ILE A 47 4.04 -8.17 -6.74
C ILE A 47 5.44 -7.80 -7.23
N LYS A 48 5.52 -7.29 -8.45
CA LYS A 48 6.79 -6.77 -8.94
C LYS A 48 6.99 -5.37 -8.37
N ARG A 49 8.23 -5.04 -8.03
CA ARG A 49 8.56 -3.72 -7.51
C ARG A 49 8.13 -2.62 -8.48
N THR A 50 8.17 -2.94 -9.77
CA THR A 50 7.74 -2.00 -10.80
C THR A 50 6.22 -1.81 -10.77
N GLU A 51 5.49 -2.91 -10.49
CA GLU A 51 4.04 -2.86 -10.36
C GLU A 51 3.66 -1.99 -9.18
N TYR A 52 4.41 -2.18 -8.09
CA TYR A 52 4.19 -1.43 -6.87
C TYR A 52 4.48 0.06 -7.11
N GLN A 53 5.48 0.33 -7.93
CA GLN A 53 5.82 1.70 -8.31
C GLN A 53 4.64 2.36 -9.01
N LYS A 54 4.01 1.61 -9.91
CA LYS A 54 2.82 2.09 -10.62
C LYS A 54 1.71 2.40 -9.64
N PHE A 55 1.50 1.48 -8.71
CA PHE A 55 0.47 1.64 -7.67
C PHE A 55 0.69 2.93 -6.89
N LEU A 56 1.95 3.18 -6.53
CA LEU A 56 2.29 4.39 -5.79
C LEU A 56 2.10 5.64 -6.64
N ASN A 57 2.54 5.58 -7.89
CA ASN A 57 2.41 6.71 -8.80
C ASN A 57 0.94 7.04 -9.04
N GLU A 58 0.12 6.00 -9.15
CA GLU A 58 -1.31 6.17 -9.35
C GLU A 58 -1.95 6.77 -8.09
N TYR A 59 -1.54 6.25 -6.93
CA TYR A 59 -2.07 6.72 -5.66
C TYR A 59 -1.62 8.16 -5.38
N GLY A 60 -0.43 8.48 -5.84
CA GLY A 60 0.12 9.81 -5.66
C GLY A 60 -0.42 10.81 -6.67
N LEU A 61 -1.39 10.38 -7.47
CA LEU A 61 -2.11 11.27 -8.36
C LEU A 61 -3.35 11.82 -7.65
N THR A 62 -3.91 11.03 -6.77
CA THR A 62 -5.15 11.37 -6.10
C THR A 62 -4.90 11.81 -4.66
N HIS A 63 -3.78 11.39 -4.09
CA HIS A 63 -3.47 11.67 -2.70
C HIS A 63 -2.12 12.34 -2.58
N SER A 64 -1.90 13.07 -1.49
CA SER A 64 -0.64 13.75 -1.28
C SER A 64 0.40 12.81 -0.66
N TYR A 65 1.57 13.34 -0.39
CA TYR A 65 2.71 12.54 0.06
C TYR A 65 2.45 11.87 1.41
N GLU A 66 1.69 12.52 2.27
CA GLU A 66 1.48 12.00 3.60
C GLU A 66 0.59 10.75 3.57
N THR A 67 -0.51 10.84 2.83
CA THR A 67 -1.45 9.72 2.76
C THR A 67 -0.82 8.52 2.05
N ILE A 68 -0.05 8.78 1.00
CA ILE A 68 0.64 7.70 0.31
C ILE A 68 1.70 7.09 1.22
N ARG A 69 2.30 7.93 2.06
CA ARG A 69 3.25 7.48 3.07
C ARG A 69 2.55 6.58 4.10
N LYS A 70 1.32 6.96 4.47
CA LYS A 70 0.50 6.13 5.37
C LYS A 70 0.26 4.76 4.73
N LEU A 71 -0.17 4.78 3.48
CA LEU A 71 -0.36 3.56 2.70
C LEU A 71 0.93 2.73 2.68
N ASN A 72 2.03 3.40 2.35
CA ASN A 72 3.35 2.79 2.35
C ASN A 72 3.64 2.09 3.69
N SER A 73 3.34 2.78 4.78
CA SER A 73 3.58 2.24 6.11
C SER A 73 2.79 0.94 6.33
N TYR A 74 1.52 0.93 5.91
CA TYR A 74 0.67 -0.24 6.10
C TYR A 74 1.19 -1.40 5.27
N ILE A 75 1.55 -1.11 4.02
CA ILE A 75 2.03 -2.12 3.10
C ILE A 75 3.34 -2.73 3.59
N ARG A 76 4.25 -1.89 4.08
CA ARG A 76 5.54 -2.38 4.58
C ARG A 76 5.33 -3.25 5.81
N ASN A 77 4.42 -2.85 6.68
CA ASN A 77 4.11 -3.62 7.88
C ASN A 77 3.50 -4.97 7.52
N ALA A 78 2.71 -4.98 6.46
CA ALA A 78 2.10 -6.21 5.96
C ALA A 78 3.15 -7.17 5.40
N PHE A 79 4.04 -6.64 4.56
CA PHE A 79 5.11 -7.45 3.98
C PHE A 79 6.08 -7.90 5.06
N ASP A 80 6.39 -7.02 5.99
CA ASP A 80 7.31 -7.32 7.09
C ASP A 80 6.76 -8.44 7.96
N ASP A 81 5.45 -8.48 8.12
CA ASP A 81 4.80 -9.55 8.87
C ASP A 81 4.98 -10.88 8.15
N ALA A 82 4.75 -10.86 6.85
CA ALA A 82 4.86 -12.05 6.02
C ALA A 82 6.30 -12.54 5.91
N ILE A 83 7.22 -11.62 5.63
CA ILE A 83 8.62 -11.95 5.46
C ILE A 83 9.21 -12.50 6.75
N HIS A 84 8.71 -12.02 7.87
CA HIS A 84 9.16 -12.47 9.18
C HIS A 84 8.87 -13.96 9.35
N GLU A 85 7.81 -14.42 8.71
CA GLU A 85 7.41 -15.82 8.81
C GLU A 85 7.87 -16.59 7.58
N GLY A 86 8.58 -15.90 6.69
CA GLY A 86 9.15 -16.55 5.52
C GLY A 86 8.13 -16.77 4.43
N TYR A 87 7.08 -15.97 4.44
CA TYR A 87 6.02 -16.08 3.43
C TYR A 87 6.57 -15.63 2.09
N VAL A 88 7.09 -14.42 2.06
CA VAL A 88 7.66 -13.86 0.84
C VAL A 88 9.19 -13.77 1.00
N ILE A 89 9.91 -13.87 -0.11
CA ILE A 89 11.37 -13.86 -0.08
C ILE A 89 11.90 -12.47 0.34
N LYS A 90 11.59 -11.45 -0.43
CA LYS A 90 12.01 -10.09 -0.10
C LYS A 90 10.89 -9.12 -0.46
N ASN A 91 11.01 -7.88 -0.01
CA ASN A 91 9.96 -6.90 -0.19
C ASN A 91 10.08 -6.19 -1.53
N PRO A 92 9.00 -6.20 -2.33
CA PRO A 92 8.90 -5.43 -3.58
C PRO A 92 8.79 -3.93 -3.28
N THR A 93 8.71 -3.60 -2.00
CA THR A 93 8.62 -2.23 -1.53
C THR A 93 9.96 -1.52 -1.67
N TYR A 94 10.91 -2.17 -2.33
CA TYR A 94 12.21 -1.59 -2.62
C TYR A 94 12.06 -0.33 -3.46
N LYS A 95 11.09 -0.34 -4.35
CA LYS A 95 10.92 0.75 -5.31
C LYS A 95 9.86 1.74 -4.81
N ALA A 96 9.67 1.78 -3.49
CA ALA A 96 8.73 2.70 -2.88
C ALA A 96 9.35 4.07 -2.65
N GLU A 97 9.52 4.82 -3.73
CA GLU A 97 10.10 6.16 -3.66
C GLU A 97 9.03 7.18 -3.28
N LEU A 98 7.77 6.79 -3.41
CA LEU A 98 6.63 7.66 -3.13
C LEU A 98 6.66 8.91 -4.02
N HIS A 99 6.23 8.77 -5.26
CA HIS A 99 6.23 9.89 -6.18
C HIS A 99 4.89 10.62 -6.13
N ALA A 100 4.87 11.75 -5.45
CA ALA A 100 3.68 12.57 -5.37
C ALA A 100 3.59 13.45 -6.60
N SER A 101 3.02 12.89 -7.66
CA SER A 101 2.97 13.55 -8.96
C SER A 101 1.98 14.70 -8.99
N VAL A 102 1.30 14.92 -7.87
CA VAL A 102 0.38 16.05 -7.72
C VAL A 102 1.13 17.37 -7.80
N LEU A 103 2.35 17.38 -7.26
CA LEU A 103 3.14 18.61 -7.20
C LEU A 103 4.35 18.54 -8.11
N GLU A 104 4.42 17.49 -8.94
CA GLU A 104 5.53 17.33 -9.87
C GLU A 104 5.24 18.08 -11.17
N HIS A 105 6.29 18.46 -11.88
CA HIS A 105 6.12 19.27 -13.08
C HIS A 105 6.84 18.65 -14.28
N HIS A 106 6.07 18.30 -15.30
CA HIS A 106 6.63 17.82 -16.55
C HIS A 106 7.29 18.98 -17.29
N HIS A 107 8.30 18.69 -18.10
CA HIS A 107 9.05 19.73 -18.79
C HIS A 107 8.21 20.37 -19.89
N HIS A 108 8.55 21.61 -20.24
CA HIS A 108 7.88 22.30 -21.34
C HIS A 108 8.32 21.68 -22.67
N HIS A 109 9.58 21.24 -22.71
CA HIS A 109 10.09 20.52 -23.86
C HIS A 109 9.46 19.14 -23.92
N HIS A 110 8.73 18.86 -24.99
CA HIS A 110 8.02 17.61 -25.13
C HIS A 110 7.77 17.32 -26.61
N MET A 1 -2.81 -20.20 -3.44
CA MET A 1 -2.04 -19.16 -2.71
C MET A 1 -2.88 -17.91 -2.51
N ILE A 2 -2.62 -17.21 -1.42
CA ILE A 2 -3.36 -16.00 -1.09
C ILE A 2 -2.91 -14.82 -1.95
N THR A 3 -3.87 -14.07 -2.43
CA THR A 3 -3.61 -12.88 -3.22
C THR A 3 -3.28 -11.71 -2.31
N PHE A 4 -2.66 -10.68 -2.87
CA PHE A 4 -2.25 -9.53 -2.08
C PHE A 4 -3.46 -8.81 -1.49
N ALA A 5 -4.53 -8.69 -2.28
CA ALA A 5 -5.75 -8.04 -1.82
C ALA A 5 -6.34 -8.79 -0.64
N ASP A 6 -6.47 -10.10 -0.79
CA ASP A 6 -7.04 -10.94 0.26
C ASP A 6 -6.13 -10.96 1.49
N TYR A 7 -4.83 -10.97 1.25
CA TYR A 7 -3.84 -10.99 2.32
C TYR A 7 -3.90 -9.70 3.13
N PHE A 8 -3.83 -8.56 2.45
CA PHE A 8 -3.79 -7.27 3.10
C PHE A 8 -4.99 -7.08 4.03
N TYR A 9 -6.17 -7.42 3.53
CA TYR A 9 -7.39 -7.26 4.29
C TYR A 9 -7.41 -8.21 5.48
N GLN A 10 -7.04 -9.47 5.24
CA GLN A 10 -7.01 -10.47 6.29
C GLN A 10 -6.01 -10.06 7.38
N TRP A 11 -4.83 -9.67 6.95
CA TRP A 11 -3.77 -9.22 7.84
C TRP A 11 -4.26 -8.09 8.76
N TYR A 12 -4.96 -7.14 8.18
CA TYR A 12 -5.54 -6.04 8.94
C TYR A 12 -6.62 -6.54 9.91
N GLU A 13 -7.55 -7.32 9.37
CA GLU A 13 -8.68 -7.85 10.14
C GLU A 13 -8.24 -8.60 11.39
N VAL A 14 -7.12 -9.32 11.29
CA VAL A 14 -6.63 -10.11 12.40
C VAL A 14 -5.81 -9.26 13.39
N ASN A 15 -5.14 -8.24 12.88
CA ASN A 15 -4.18 -7.50 13.69
C ASN A 15 -4.72 -6.17 14.19
N LYS A 16 -4.76 -5.17 13.32
CA LYS A 16 -5.01 -3.79 13.73
C LYS A 16 -6.49 -3.52 13.98
N LEU A 17 -7.35 -4.40 13.49
CA LEU A 17 -8.80 -4.20 13.53
C LEU A 17 -9.31 -3.82 14.92
N PRO A 18 -9.02 -4.61 15.98
CA PRO A 18 -9.53 -4.32 17.33
C PRO A 18 -8.71 -3.27 18.09
N HIS A 19 -7.80 -2.59 17.40
CA HIS A 19 -6.94 -1.62 18.05
C HIS A 19 -7.12 -0.22 17.45
N VAL A 20 -7.25 -0.16 16.13
CA VAL A 20 -7.35 1.12 15.45
C VAL A 20 -8.78 1.66 15.47
N SER A 21 -8.91 2.97 15.32
CA SER A 21 -10.21 3.62 15.28
C SER A 21 -10.75 3.62 13.85
N GLU A 22 -12.01 4.00 13.69
CA GLU A 22 -12.62 4.05 12.37
C GLU A 22 -11.95 5.09 11.49
N SER A 23 -11.34 6.09 12.11
CA SER A 23 -10.54 7.06 11.39
C SER A 23 -9.39 6.37 10.67
N THR A 24 -8.76 5.43 11.35
CA THR A 24 -7.67 4.65 10.77
C THR A 24 -8.22 3.67 9.75
N LYS A 25 -9.43 3.17 10.00
CA LYS A 25 -10.09 2.24 9.08
C LYS A 25 -10.28 2.88 7.72
N ARG A 26 -10.55 4.19 7.73
CA ARG A 26 -10.72 4.94 6.48
C ARG A 26 -9.46 4.85 5.63
N HIS A 27 -8.30 4.96 6.27
CA HIS A 27 -7.02 4.86 5.57
C HIS A 27 -6.80 3.44 5.06
N TYR A 28 -7.00 2.46 5.93
CA TYR A 28 -6.80 1.06 5.56
C TYR A 28 -7.75 0.62 4.45
N GLU A 29 -9.01 1.04 4.53
CA GLU A 29 -9.99 0.67 3.54
C GLU A 29 -9.79 1.42 2.23
N SER A 30 -9.32 2.67 2.32
CA SER A 30 -8.96 3.43 1.13
C SER A 30 -7.77 2.77 0.45
N ALA A 31 -6.79 2.37 1.25
CA ALA A 31 -5.66 1.62 0.75
C ALA A 31 -6.13 0.34 0.08
N TYR A 32 -7.02 -0.38 0.77
CA TYR A 32 -7.51 -1.66 0.31
C TYR A 32 -8.31 -1.56 -0.98
N LYS A 33 -9.16 -0.52 -1.10
CA LYS A 33 -9.97 -0.38 -2.31
C LYS A 33 -9.09 -0.15 -3.54
N HIS A 34 -8.01 0.60 -3.37
CA HIS A 34 -7.07 0.83 -4.46
C HIS A 34 -6.25 -0.42 -4.74
N ILE A 35 -5.90 -1.14 -3.67
CA ILE A 35 -5.21 -2.42 -3.81
C ILE A 35 -6.09 -3.42 -4.57
N LYS A 36 -7.35 -3.51 -4.18
CA LYS A 36 -8.31 -4.40 -4.82
C LYS A 36 -8.52 -4.02 -6.29
N ASP A 37 -8.36 -2.73 -6.57
CA ASP A 37 -8.57 -2.21 -7.92
C ASP A 37 -7.38 -2.51 -8.83
N HIS A 38 -6.17 -2.36 -8.29
CA HIS A 38 -4.95 -2.63 -9.07
C HIS A 38 -4.61 -4.11 -9.06
N PHE A 39 -4.71 -4.73 -7.90
CA PHE A 39 -4.35 -6.13 -7.74
C PHE A 39 -5.59 -6.94 -7.38
N ARG A 40 -6.30 -7.37 -8.41
CA ARG A 40 -7.57 -8.07 -8.24
C ARG A 40 -7.35 -9.53 -7.94
N HIS A 41 -6.38 -10.13 -8.63
CA HIS A 41 -6.09 -11.54 -8.46
C HIS A 41 -4.59 -11.77 -8.38
N LYS A 42 -3.88 -10.72 -8.00
CA LYS A 42 -2.43 -10.76 -7.91
C LYS A 42 -2.00 -11.46 -6.62
N LEU A 43 -1.11 -12.44 -6.74
CA LEU A 43 -0.59 -13.15 -5.58
C LEU A 43 0.28 -12.22 -4.74
N LEU A 44 0.51 -12.58 -3.48
CA LEU A 44 1.35 -11.77 -2.61
C LEU A 44 2.80 -11.78 -3.11
N LYS A 45 3.20 -12.88 -3.75
CA LYS A 45 4.55 -13.01 -4.29
C LYS A 45 4.66 -12.40 -5.68
N ASP A 46 3.54 -11.93 -6.23
CA ASP A 46 3.53 -11.40 -7.58
C ASP A 46 3.51 -9.88 -7.55
N ILE A 47 3.70 -9.32 -6.37
CA ILE A 47 3.81 -7.88 -6.21
C ILE A 47 5.26 -7.46 -6.27
N LYS A 48 5.70 -7.05 -7.44
CA LYS A 48 7.08 -6.64 -7.64
C LYS A 48 7.28 -5.22 -7.13
N ARG A 49 8.49 -4.93 -6.68
CA ARG A 49 8.83 -3.60 -6.18
C ARG A 49 8.69 -2.55 -7.27
N THR A 50 9.00 -2.94 -8.50
CA THR A 50 8.85 -2.07 -9.65
C THR A 50 7.38 -1.79 -9.94
N GLU A 51 6.58 -2.85 -9.89
CA GLU A 51 5.14 -2.74 -10.10
C GLU A 51 4.50 -1.89 -9.01
N TYR A 52 5.02 -2.03 -7.80
CA TYR A 52 4.52 -1.30 -6.65
C TYR A 52 4.71 0.19 -6.83
N GLN A 53 5.82 0.59 -7.44
CA GLN A 53 6.07 2.02 -7.69
C GLN A 53 4.97 2.63 -8.55
N LYS A 54 4.47 1.86 -9.51
CA LYS A 54 3.39 2.33 -10.38
C LYS A 54 2.10 2.50 -9.60
N PHE A 55 1.88 1.60 -8.64
CA PHE A 55 0.72 1.67 -7.78
C PHE A 55 0.75 2.97 -6.96
N LEU A 56 1.89 3.23 -6.33
CA LEU A 56 2.10 4.47 -5.58
C LEU A 56 1.97 5.67 -6.50
N ASN A 57 2.51 5.52 -7.70
CA ASN A 57 2.54 6.60 -8.68
C ASN A 57 1.13 7.10 -8.99
N GLU A 58 0.26 6.18 -9.44
CA GLU A 58 -1.11 6.54 -9.80
C GLU A 58 -1.87 7.06 -8.57
N TYR A 59 -1.61 6.43 -7.44
CA TYR A 59 -2.26 6.80 -6.19
C TYR A 59 -1.87 8.22 -5.79
N GLY A 60 -0.58 8.52 -5.85
CA GLY A 60 -0.08 9.82 -5.47
C GLY A 60 -0.54 10.93 -6.38
N LEU A 61 -0.73 10.61 -7.66
CA LEU A 61 -1.17 11.61 -8.63
C LEU A 61 -2.63 12.00 -8.40
N THR A 62 -3.33 11.22 -7.58
CA THR A 62 -4.74 11.47 -7.31
C THR A 62 -4.98 11.72 -5.83
N HIS A 63 -3.91 11.82 -5.05
CA HIS A 63 -4.02 12.01 -3.61
C HIS A 63 -2.90 12.91 -3.11
N SER A 64 -2.71 12.94 -1.80
CA SER A 64 -1.66 13.76 -1.21
C SER A 64 -0.55 12.86 -0.66
N TYR A 65 0.49 13.48 -0.10
CA TYR A 65 1.63 12.74 0.41
C TYR A 65 1.24 11.85 1.60
N GLU A 66 0.39 12.37 2.46
CA GLU A 66 -0.01 11.63 3.66
C GLU A 66 -0.74 10.35 3.30
N THR A 67 -1.62 10.43 2.32
CA THR A 67 -2.34 9.26 1.85
C THR A 67 -1.38 8.19 1.33
N ILE A 68 -0.43 8.60 0.49
CA ILE A 68 0.51 7.67 -0.10
C ILE A 68 1.55 7.20 0.92
N ARG A 69 1.94 8.10 1.83
CA ARG A 69 2.93 7.78 2.86
C ARG A 69 2.36 6.72 3.81
N LYS A 70 1.14 6.97 4.28
CA LYS A 70 0.43 6.00 5.10
C LYS A 70 0.26 4.69 4.36
N LEU A 71 -0.16 4.78 3.09
CA LEU A 71 -0.36 3.62 2.23
C LEU A 71 0.88 2.73 2.20
N ASN A 72 2.01 3.34 1.88
CA ASN A 72 3.29 2.64 1.83
C ASN A 72 3.58 1.93 3.14
N SER A 73 3.29 2.62 4.25
CA SER A 73 3.55 2.08 5.58
C SER A 73 2.74 0.80 5.82
N TYR A 74 1.45 0.84 5.48
CA TYR A 74 0.58 -0.32 5.69
C TYR A 74 1.05 -1.52 4.87
N ILE A 75 1.31 -1.26 3.59
CA ILE A 75 1.71 -2.31 2.67
C ILE A 75 3.08 -2.88 3.04
N ARG A 76 4.00 -2.01 3.42
CA ARG A 76 5.32 -2.46 3.84
C ARG A 76 5.22 -3.33 5.08
N ASN A 77 4.40 -2.90 6.03
CA ASN A 77 4.20 -3.64 7.28
C ASN A 77 3.62 -5.02 7.00
N ALA A 78 2.70 -5.10 6.04
CA ALA A 78 2.09 -6.36 5.66
C ALA A 78 3.11 -7.32 5.07
N PHE A 79 3.90 -6.84 4.11
CA PHE A 79 4.93 -7.64 3.48
C PHE A 79 6.05 -7.99 4.47
N ASP A 80 6.37 -7.03 5.33
CA ASP A 80 7.44 -7.22 6.32
C ASP A 80 7.07 -8.36 7.27
N ASP A 81 5.79 -8.45 7.60
CA ASP A 81 5.30 -9.53 8.47
C ASP A 81 5.36 -10.86 7.74
N ALA A 82 4.99 -10.86 6.46
CA ALA A 82 5.07 -12.05 5.62
C ALA A 82 6.52 -12.52 5.50
N ILE A 83 7.44 -11.56 5.40
CA ILE A 83 8.86 -11.85 5.41
C ILE A 83 9.27 -12.43 6.76
N HIS A 84 8.70 -11.87 7.81
CA HIS A 84 9.05 -12.25 9.18
C HIS A 84 8.72 -13.72 9.46
N GLU A 85 7.57 -14.18 8.98
CA GLU A 85 7.19 -15.56 9.17
C GLU A 85 7.89 -16.47 8.16
N GLY A 86 8.39 -15.86 7.08
CA GLY A 86 9.12 -16.61 6.07
C GLY A 86 8.24 -17.04 4.92
N TYR A 87 7.04 -16.47 4.86
CA TYR A 87 6.08 -16.80 3.82
C TYR A 87 6.56 -16.28 2.46
N VAL A 88 7.07 -15.07 2.46
CA VAL A 88 7.64 -14.50 1.24
C VAL A 88 9.07 -13.99 1.55
N ILE A 89 10.01 -14.34 0.68
CA ILE A 89 11.41 -14.04 0.91
C ILE A 89 11.74 -12.56 0.64
N LYS A 90 11.07 -11.97 -0.34
CA LYS A 90 11.35 -10.59 -0.73
C LYS A 90 10.05 -9.85 -0.97
N ASN A 91 10.10 -8.53 -0.82
CA ASN A 91 8.90 -7.71 -0.94
C ASN A 91 9.20 -6.43 -1.74
N PRO A 92 8.15 -5.67 -2.09
CA PRO A 92 8.29 -4.31 -2.63
C PRO A 92 8.80 -3.35 -1.55
N THR A 93 8.41 -2.08 -1.67
CA THR A 93 8.78 -1.02 -0.70
C THR A 93 10.30 -0.94 -0.50
N TYR A 94 11.05 -1.52 -1.43
CA TYR A 94 12.50 -1.62 -1.31
C TYR A 94 13.16 -0.30 -1.70
N LYS A 95 12.86 0.17 -2.90
CA LYS A 95 13.47 1.39 -3.42
C LYS A 95 12.40 2.31 -3.99
N ALA A 96 11.16 2.07 -3.57
CA ALA A 96 10.02 2.86 -4.04
C ALA A 96 9.98 4.19 -3.32
N GLU A 97 9.70 5.24 -4.07
CA GLU A 97 9.63 6.59 -3.51
C GLU A 97 8.19 7.07 -3.45
N LEU A 98 7.98 8.21 -2.80
CA LEU A 98 6.63 8.69 -2.52
C LEU A 98 6.41 10.09 -3.07
N HIS A 99 6.97 10.39 -4.23
CA HIS A 99 6.83 11.72 -4.80
C HIS A 99 5.43 11.88 -5.40
N ALA A 100 4.76 12.96 -5.04
CA ALA A 100 3.42 13.23 -5.52
C ALA A 100 3.42 14.47 -6.38
N SER A 101 3.00 14.32 -7.64
CA SER A 101 2.98 15.44 -8.58
C SER A 101 1.74 16.32 -8.35
N VAL A 102 1.55 16.70 -7.09
CA VAL A 102 0.46 17.59 -6.70
C VAL A 102 1.01 18.64 -5.72
N LEU A 103 2.32 18.59 -5.49
CA LEU A 103 2.94 19.40 -4.45
C LEU A 103 4.13 20.20 -4.99
N GLU A 104 4.16 20.39 -6.30
CA GLU A 104 5.28 21.06 -6.98
C GLU A 104 5.50 22.48 -6.48
N HIS A 105 4.46 23.09 -5.90
CA HIS A 105 4.59 24.40 -5.27
C HIS A 105 4.94 25.46 -6.32
N HIS A 106 4.32 25.36 -7.48
CA HIS A 106 4.70 26.21 -8.61
C HIS A 106 3.74 27.38 -8.78
N HIS A 107 3.16 27.83 -7.65
CA HIS A 107 2.27 29.00 -7.63
C HIS A 107 0.96 28.76 -8.37
N HIS A 108 0.75 27.53 -8.84
CA HIS A 108 -0.45 27.21 -9.58
C HIS A 108 -1.61 26.99 -8.63
N HIS A 109 -1.30 26.51 -7.42
CA HIS A 109 -2.31 26.10 -6.44
C HIS A 109 -3.01 24.83 -6.90
N HIS A 110 -3.63 24.13 -5.96
CA HIS A 110 -4.35 22.90 -6.28
C HIS A 110 -5.33 22.60 -5.15
N MET A 1 0.06 -20.00 -2.31
CA MET A 1 -0.03 -18.67 -2.95
C MET A 1 -1.37 -18.02 -2.66
N ILE A 2 -1.35 -16.89 -1.97
CA ILE A 2 -2.56 -16.14 -1.68
C ILE A 2 -2.53 -14.82 -2.45
N THR A 3 -3.71 -14.26 -2.69
CA THR A 3 -3.82 -12.95 -3.31
C THR A 3 -3.43 -11.86 -2.33
N PHE A 4 -2.54 -10.98 -2.76
CA PHE A 4 -1.99 -9.94 -1.88
C PHE A 4 -3.09 -9.04 -1.33
N ALA A 5 -4.02 -8.65 -2.18
CA ALA A 5 -5.11 -7.77 -1.79
C ALA A 5 -5.90 -8.35 -0.62
N ASP A 6 -6.30 -9.61 -0.77
CA ASP A 6 -7.11 -10.27 0.24
C ASP A 6 -6.30 -10.51 1.52
N TYR A 7 -5.02 -10.83 1.35
CA TYR A 7 -4.13 -10.98 2.49
C TYR A 7 -4.02 -9.67 3.27
N PHE A 8 -3.89 -8.57 2.53
CA PHE A 8 -3.77 -7.25 3.13
C PHE A 8 -4.95 -6.97 4.05
N TYR A 9 -6.15 -7.31 3.59
CA TYR A 9 -7.35 -7.06 4.37
C TYR A 9 -7.40 -7.95 5.61
N GLN A 10 -7.12 -9.24 5.45
CA GLN A 10 -7.17 -10.16 6.59
C GLN A 10 -6.05 -9.84 7.58
N TRP A 11 -4.92 -9.39 7.06
CA TRP A 11 -3.81 -8.97 7.88
C TRP A 11 -4.23 -7.86 8.83
N TYR A 12 -4.94 -6.88 8.29
CA TYR A 12 -5.46 -5.78 9.08
C TYR A 12 -6.57 -6.25 10.02
N GLU A 13 -7.53 -6.96 9.46
CA GLU A 13 -8.72 -7.41 10.18
C GLU A 13 -8.34 -8.22 11.43
N VAL A 14 -7.33 -9.07 11.30
CA VAL A 14 -6.92 -9.94 12.39
C VAL A 14 -5.96 -9.21 13.36
N ASN A 15 -5.24 -8.22 12.86
CA ASN A 15 -4.16 -7.61 13.66
C ASN A 15 -4.50 -6.21 14.15
N LYS A 16 -4.51 -5.24 13.25
CA LYS A 16 -4.49 -3.83 13.65
C LYS A 16 -5.88 -3.31 14.02
N LEU A 17 -6.90 -4.12 13.73
CA LEU A 17 -8.30 -3.71 13.92
C LEU A 17 -8.58 -3.11 15.31
N PRO A 18 -8.30 -3.85 16.42
CA PRO A 18 -8.67 -3.39 17.77
C PRO A 18 -7.75 -2.31 18.33
N HIS A 19 -6.79 -1.87 17.53
CA HIS A 19 -5.80 -0.91 18.01
C HIS A 19 -5.94 0.43 17.30
N VAL A 20 -6.79 0.46 16.27
CA VAL A 20 -6.95 1.66 15.46
C VAL A 20 -8.36 2.21 15.56
N SER A 21 -8.53 3.45 15.11
CA SER A 21 -9.84 4.08 15.10
C SER A 21 -10.55 3.77 13.79
N GLU A 22 -11.84 4.08 13.71
CA GLU A 22 -12.62 3.81 12.51
C GLU A 22 -12.21 4.72 11.37
N SER A 23 -11.64 5.86 11.72
CA SER A 23 -11.04 6.74 10.73
C SER A 23 -9.84 6.03 10.11
N THR A 24 -9.10 5.29 10.92
CA THR A 24 -7.97 4.50 10.45
C THR A 24 -8.46 3.32 9.62
N LYS A 25 -9.64 2.79 9.98
CA LYS A 25 -10.27 1.73 9.18
C LYS A 25 -10.39 2.17 7.74
N ARG A 26 -10.86 3.40 7.54
CA ARG A 26 -11.01 3.97 6.21
C ARG A 26 -9.70 3.96 5.44
N HIS A 27 -8.61 4.31 6.10
CA HIS A 27 -7.28 4.32 5.48
C HIS A 27 -6.94 2.95 4.90
N TYR A 28 -7.16 1.92 5.71
CA TYR A 28 -6.87 0.56 5.29
C TYR A 28 -7.83 0.10 4.20
N GLU A 29 -9.10 0.45 4.34
CA GLU A 29 -10.09 0.06 3.35
C GLU A 29 -9.83 0.73 2.00
N SER A 30 -9.46 2.01 2.04
CA SER A 30 -9.10 2.73 0.83
C SER A 30 -7.88 2.08 0.17
N ALA A 31 -6.88 1.77 0.98
CA ALA A 31 -5.69 1.09 0.50
C ALA A 31 -6.06 -0.26 -0.12
N TYR A 32 -6.81 -1.04 0.64
CA TYR A 32 -7.25 -2.37 0.22
C TYR A 32 -7.98 -2.32 -1.12
N LYS A 33 -8.97 -1.43 -1.24
CA LYS A 33 -9.78 -1.36 -2.45
C LYS A 33 -8.96 -0.90 -3.65
N HIS A 34 -7.95 -0.05 -3.41
CA HIS A 34 -7.07 0.40 -4.48
C HIS A 34 -6.12 -0.71 -4.90
N ILE A 35 -5.63 -1.48 -3.94
CA ILE A 35 -4.74 -2.59 -4.22
C ILE A 35 -5.44 -3.64 -5.07
N LYS A 36 -6.62 -4.06 -4.64
CA LYS A 36 -7.36 -5.08 -5.36
C LYS A 36 -7.85 -4.55 -6.70
N ASP A 37 -8.06 -3.24 -6.77
CA ASP A 37 -8.49 -2.58 -8.00
C ASP A 37 -7.43 -2.72 -9.09
N HIS A 38 -6.17 -2.48 -8.73
CA HIS A 38 -5.07 -2.60 -9.69
C HIS A 38 -4.55 -4.03 -9.75
N PHE A 39 -4.28 -4.60 -8.60
CA PHE A 39 -3.69 -5.94 -8.52
C PHE A 39 -4.79 -7.00 -8.46
N ARG A 40 -5.61 -7.02 -9.50
CA ARG A 40 -6.69 -7.98 -9.64
C ARG A 40 -6.18 -9.41 -9.54
N HIS A 41 -6.54 -10.10 -8.46
CA HIS A 41 -6.15 -11.49 -8.25
C HIS A 41 -4.63 -11.67 -8.26
N LYS A 42 -3.92 -10.62 -7.89
CA LYS A 42 -2.47 -10.67 -7.89
C LYS A 42 -1.94 -11.40 -6.68
N LEU A 43 -1.01 -12.31 -6.91
CA LEU A 43 -0.40 -13.09 -5.84
C LEU A 43 0.47 -12.19 -4.97
N LEU A 44 0.66 -12.60 -3.72
CA LEU A 44 1.41 -11.81 -2.76
C LEU A 44 2.85 -11.61 -3.24
N LYS A 45 3.41 -12.68 -3.79
CA LYS A 45 4.80 -12.66 -4.24
C LYS A 45 4.91 -12.22 -5.70
N ASP A 46 3.78 -11.95 -6.34
CA ASP A 46 3.80 -11.59 -7.75
C ASP A 46 3.84 -10.08 -7.91
N ILE A 47 3.72 -9.39 -6.79
CA ILE A 47 3.87 -7.94 -6.77
C ILE A 47 5.32 -7.60 -7.07
N LYS A 48 5.53 -6.73 -8.04
CA LYS A 48 6.88 -6.37 -8.47
C LYS A 48 7.16 -4.92 -8.12
N ARG A 49 8.44 -4.59 -7.91
CA ARG A 49 8.81 -3.25 -7.47
C ARG A 49 8.50 -2.20 -8.53
N THR A 50 8.72 -2.56 -9.79
CA THR A 50 8.42 -1.65 -10.89
C THR A 50 6.91 -1.50 -11.06
N GLU A 51 6.17 -2.55 -10.70
CA GLU A 51 4.72 -2.54 -10.80
C GLU A 51 4.13 -1.73 -9.66
N TYR A 52 4.73 -1.86 -8.48
CA TYR A 52 4.28 -1.19 -7.27
C TYR A 52 4.49 0.32 -7.38
N GLN A 53 5.62 0.72 -7.95
CA GLN A 53 5.89 2.13 -8.16
C GLN A 53 4.80 2.76 -9.03
N LYS A 54 4.37 2.04 -10.06
CA LYS A 54 3.28 2.49 -10.93
C LYS A 54 2.04 2.81 -10.11
N PHE A 55 1.75 1.96 -9.14
CA PHE A 55 0.60 2.14 -8.25
C PHE A 55 0.77 3.41 -7.44
N LEU A 56 1.97 3.61 -6.91
CA LEU A 56 2.27 4.80 -6.12
C LEU A 56 2.15 6.06 -6.95
N ASN A 57 2.64 6.01 -8.19
CA ASN A 57 2.57 7.14 -9.10
C ASN A 57 1.13 7.62 -9.26
N GLU A 58 0.25 6.68 -9.59
CA GLU A 58 -1.14 7.00 -9.87
C GLU A 58 -1.88 7.38 -8.59
N TYR A 59 -1.57 6.70 -7.50
CA TYR A 59 -2.22 6.97 -6.23
C TYR A 59 -1.87 8.37 -5.74
N GLY A 60 -0.62 8.76 -5.96
CA GLY A 60 -0.15 10.06 -5.52
C GLY A 60 -0.61 11.18 -6.43
N LEU A 61 -1.42 10.85 -7.42
CA LEU A 61 -1.99 11.86 -8.31
C LEU A 61 -3.33 12.35 -7.78
N THR A 62 -3.86 11.67 -6.78
CA THR A 62 -5.17 12.00 -6.23
C THR A 62 -5.15 12.10 -4.71
N HIS A 63 -3.97 11.93 -4.12
CA HIS A 63 -3.86 11.90 -2.66
C HIS A 63 -2.65 12.69 -2.18
N SER A 64 -2.60 12.95 -0.89
CA SER A 64 -1.54 13.78 -0.32
C SER A 64 -0.31 12.92 0.02
N TYR A 65 0.79 13.58 0.32
CA TYR A 65 2.06 12.91 0.58
C TYR A 65 1.99 12.01 1.81
N GLU A 66 1.39 12.49 2.89
CA GLU A 66 1.28 11.70 4.10
C GLU A 66 0.43 10.47 3.84
N THR A 67 -0.57 10.63 2.98
CA THR A 67 -1.47 9.55 2.63
C THR A 67 -0.71 8.42 1.94
N ILE A 68 0.15 8.78 0.98
CA ILE A 68 0.92 7.79 0.24
C ILE A 68 1.98 7.15 1.14
N ARG A 69 2.55 7.94 2.08
CA ARG A 69 3.49 7.39 3.04
C ARG A 69 2.86 6.28 3.86
N LYS A 70 1.70 6.57 4.42
CA LYS A 70 1.01 5.61 5.27
C LYS A 70 0.48 4.45 4.44
N LEU A 71 0.07 4.72 3.22
CA LEU A 71 -0.29 3.66 2.27
C LEU A 71 0.85 2.66 2.18
N ASN A 72 2.03 3.16 1.84
CA ASN A 72 3.23 2.34 1.75
C ASN A 72 3.55 1.69 3.10
N SER A 73 3.35 2.45 4.17
CA SER A 73 3.61 1.95 5.52
C SER A 73 2.77 0.71 5.83
N TYR A 74 1.49 0.74 5.49
CA TYR A 74 0.61 -0.41 5.73
C TYR A 74 1.05 -1.60 4.89
N ILE A 75 1.30 -1.32 3.62
CA ILE A 75 1.71 -2.35 2.67
C ILE A 75 3.04 -2.99 3.10
N ARG A 76 4.00 -2.16 3.49
CA ARG A 76 5.29 -2.65 3.94
C ARG A 76 5.17 -3.46 5.21
N ASN A 77 4.30 -3.05 6.11
CA ASN A 77 4.09 -3.77 7.36
C ASN A 77 3.51 -5.14 7.07
N ALA A 78 2.60 -5.19 6.10
CA ALA A 78 1.99 -6.45 5.69
C ALA A 78 3.05 -7.41 5.15
N PHE A 79 3.91 -6.91 4.26
CA PHE A 79 4.99 -7.72 3.72
C PHE A 79 5.98 -8.12 4.81
N ASP A 80 6.38 -7.15 5.62
CA ASP A 80 7.36 -7.38 6.68
C ASP A 80 6.84 -8.38 7.70
N ASP A 81 5.55 -8.30 8.00
CA ASP A 81 4.92 -9.23 8.93
C ASP A 81 4.92 -10.64 8.36
N ALA A 82 4.56 -10.75 7.08
CA ALA A 82 4.61 -12.03 6.37
C ALA A 82 6.04 -12.58 6.37
N ILE A 83 6.99 -11.73 6.02
CA ILE A 83 8.41 -12.08 6.03
C ILE A 83 8.83 -12.52 7.42
N HIS A 84 8.29 -11.84 8.42
CA HIS A 84 8.69 -12.02 9.81
C HIS A 84 8.51 -13.46 10.26
N GLU A 85 7.43 -14.10 9.84
CA GLU A 85 7.20 -15.49 10.17
C GLU A 85 7.75 -16.40 9.08
N GLY A 86 7.63 -15.95 7.83
CA GLY A 86 8.09 -16.74 6.70
C GLY A 86 6.97 -17.02 5.71
N TYR A 87 5.94 -16.20 5.76
CA TYR A 87 4.79 -16.35 4.89
C TYR A 87 5.15 -15.95 3.46
N VAL A 88 6.11 -15.04 3.34
CA VAL A 88 6.64 -14.63 2.05
C VAL A 88 8.15 -14.49 2.15
N ILE A 89 8.83 -14.63 1.02
CA ILE A 89 10.30 -14.59 1.01
C ILE A 89 10.83 -13.15 1.15
N LYS A 90 10.22 -12.20 0.45
CA LYS A 90 10.67 -10.82 0.50
C LYS A 90 9.57 -9.87 0.02
N ASN A 91 9.90 -8.58 -0.03
CA ASN A 91 8.96 -7.56 -0.43
C ASN A 91 9.42 -6.84 -1.71
N PRO A 92 8.46 -6.40 -2.53
CA PRO A 92 8.74 -5.64 -3.75
C PRO A 92 8.82 -4.14 -3.50
N THR A 93 8.93 -3.75 -2.24
CA THR A 93 8.97 -2.34 -1.89
C THR A 93 10.39 -1.78 -1.98
N TYR A 94 11.20 -2.40 -2.83
CA TYR A 94 12.58 -1.97 -3.04
C TYR A 94 12.61 -0.57 -3.62
N LYS A 95 11.73 -0.31 -4.58
CA LYS A 95 11.59 1.02 -5.14
C LYS A 95 10.20 1.56 -4.86
N ALA A 96 10.13 2.53 -3.97
CA ALA A 96 8.88 3.14 -3.59
C ALA A 96 9.08 4.63 -3.38
N GLU A 97 9.11 5.37 -4.47
CA GLU A 97 9.38 6.80 -4.41
C GLU A 97 8.07 7.56 -4.16
N LEU A 98 7.93 8.08 -2.95
CA LEU A 98 6.72 8.75 -2.55
C LEU A 98 6.65 10.16 -3.15
N HIS A 99 6.07 10.25 -4.32
CA HIS A 99 5.90 11.52 -5.00
C HIS A 99 4.42 11.83 -5.21
N ALA A 100 3.92 12.80 -4.47
CA ALA A 100 2.55 13.22 -4.61
C ALA A 100 2.44 14.33 -5.66
N SER A 101 2.09 13.95 -6.87
CA SER A 101 1.97 14.90 -7.96
C SER A 101 0.54 15.44 -8.03
N VAL A 102 0.27 16.43 -7.20
CA VAL A 102 -1.06 17.03 -7.11
C VAL A 102 -0.93 18.53 -6.91
N LEU A 103 0.09 18.93 -6.16
CA LEU A 103 0.28 20.32 -5.79
C LEU A 103 1.32 20.99 -6.67
N GLU A 104 0.86 21.92 -7.49
CA GLU A 104 1.77 22.75 -8.26
C GLU A 104 1.50 24.22 -7.92
N HIS A 105 2.56 25.00 -7.87
CA HIS A 105 2.43 26.41 -7.54
C HIS A 105 3.04 27.26 -8.66
N HIS A 106 2.26 28.21 -9.14
CA HIS A 106 2.68 29.08 -10.23
C HIS A 106 3.36 30.31 -9.65
N HIS A 107 4.69 30.34 -9.69
CA HIS A 107 5.43 31.44 -9.09
C HIS A 107 5.87 32.43 -10.16
N HIS A 108 5.84 33.70 -9.82
CA HIS A 108 6.35 34.74 -10.70
C HIS A 108 7.87 34.79 -10.57
N HIS A 109 8.56 34.53 -11.67
CA HIS A 109 10.02 34.50 -11.64
C HIS A 109 10.61 35.83 -12.03
N HIS A 110 11.74 36.15 -11.41
CA HIS A 110 12.53 37.30 -11.80
C HIS A 110 14.00 37.03 -11.50
N MET A 1 -0.80 -20.02 -0.90
CA MET A 1 -0.34 -18.64 -1.21
C MET A 1 -1.53 -17.75 -1.56
N ILE A 2 -1.70 -16.70 -0.79
CA ILE A 2 -2.85 -15.83 -0.92
C ILE A 2 -2.53 -14.60 -1.76
N THR A 3 -3.56 -14.08 -2.42
CA THR A 3 -3.46 -12.86 -3.20
C THR A 3 -3.20 -11.64 -2.29
N PHE A 4 -2.49 -10.66 -2.82
CA PHE A 4 -2.08 -9.49 -2.05
C PHE A 4 -3.27 -8.73 -1.48
N ALA A 5 -4.29 -8.54 -2.30
CA ALA A 5 -5.49 -7.80 -1.88
C ALA A 5 -6.14 -8.48 -0.68
N ASP A 6 -6.44 -9.76 -0.85
CA ASP A 6 -7.06 -10.56 0.21
C ASP A 6 -6.17 -10.58 1.44
N TYR A 7 -4.86 -10.75 1.23
CA TYR A 7 -3.91 -10.80 2.32
C TYR A 7 -3.94 -9.50 3.13
N PHE A 8 -3.93 -8.37 2.43
CA PHE A 8 -3.90 -7.07 3.06
C PHE A 8 -5.09 -6.90 4.02
N TYR A 9 -6.27 -7.29 3.54
CA TYR A 9 -7.47 -7.17 4.34
C TYR A 9 -7.41 -8.10 5.55
N GLN A 10 -7.04 -9.36 5.29
CA GLN A 10 -6.94 -10.36 6.36
C GLN A 10 -5.91 -9.93 7.40
N TRP A 11 -4.74 -9.50 6.91
CA TRP A 11 -3.67 -9.03 7.78
C TRP A 11 -4.16 -7.90 8.68
N TYR A 12 -4.83 -6.92 8.10
CA TYR A 12 -5.36 -5.81 8.86
C TYR A 12 -6.38 -6.27 9.89
N GLU A 13 -7.39 -6.99 9.43
CA GLU A 13 -8.53 -7.34 10.27
C GLU A 13 -8.10 -8.25 11.43
N VAL A 14 -7.06 -9.03 11.24
CA VAL A 14 -6.59 -9.92 12.29
C VAL A 14 -5.60 -9.22 13.23
N ASN A 15 -4.89 -8.22 12.73
CA ASN A 15 -3.78 -7.63 13.50
C ASN A 15 -4.05 -6.21 13.97
N LYS A 16 -4.59 -5.36 13.11
CA LYS A 16 -4.72 -3.93 13.42
C LYS A 16 -6.17 -3.53 13.68
N LEU A 17 -7.11 -4.38 13.30
CA LEU A 17 -8.53 -4.06 13.35
C LEU A 17 -8.97 -3.46 14.69
N PRO A 18 -8.76 -4.15 15.82
CA PRO A 18 -9.24 -3.71 17.13
C PRO A 18 -8.28 -2.75 17.83
N HIS A 19 -7.35 -2.18 17.07
CA HIS A 19 -6.37 -1.27 17.64
C HIS A 19 -6.44 0.09 16.97
N VAL A 20 -7.34 0.24 16.01
CA VAL A 20 -7.48 1.47 15.27
C VAL A 20 -8.91 1.98 15.29
N SER A 21 -9.06 3.29 15.18
CA SER A 21 -10.37 3.91 15.17
C SER A 21 -10.94 3.98 13.77
N GLU A 22 -12.17 4.48 13.67
CA GLU A 22 -12.90 4.51 12.42
C GLU A 22 -12.15 5.29 11.33
N SER A 23 -11.40 6.30 11.75
CA SER A 23 -10.61 7.09 10.82
C SER A 23 -9.55 6.21 10.16
N THR A 24 -8.81 5.47 10.96
CA THR A 24 -7.78 4.58 10.46
C THR A 24 -8.40 3.38 9.73
N LYS A 25 -9.58 2.97 10.18
CA LYS A 25 -10.33 1.91 9.52
C LYS A 25 -10.57 2.26 8.06
N ARG A 26 -11.12 3.45 7.82
CA ARG A 26 -11.40 3.90 6.48
C ARG A 26 -10.12 4.11 5.68
N HIS A 27 -9.02 4.46 6.37
CA HIS A 27 -7.71 4.52 5.72
C HIS A 27 -7.40 3.17 5.07
N TYR A 28 -7.53 2.11 5.85
CA TYR A 28 -7.27 0.76 5.36
C TYR A 28 -8.27 0.36 4.29
N GLU A 29 -9.54 0.71 4.48
CA GLU A 29 -10.57 0.39 3.50
C GLU A 29 -10.32 1.11 2.18
N SER A 30 -9.85 2.35 2.27
CA SER A 30 -9.48 3.12 1.07
C SER A 30 -8.27 2.49 0.40
N ALA A 31 -7.30 2.07 1.21
CA ALA A 31 -6.12 1.41 0.71
C ALA A 31 -6.49 0.09 0.03
N TYR A 32 -7.30 -0.71 0.71
CA TYR A 32 -7.72 -2.00 0.21
C TYR A 32 -8.43 -1.89 -1.14
N LYS A 33 -9.31 -0.89 -1.28
CA LYS A 33 -10.06 -0.74 -2.52
C LYS A 33 -9.15 -0.32 -3.68
N HIS A 34 -8.10 0.45 -3.37
CA HIS A 34 -7.14 0.85 -4.40
C HIS A 34 -6.19 -0.29 -4.73
N ILE A 35 -5.87 -1.09 -3.71
CA ILE A 35 -5.05 -2.28 -3.89
C ILE A 35 -5.82 -3.30 -4.74
N LYS A 36 -7.05 -3.57 -4.34
CA LYS A 36 -7.91 -4.52 -5.04
C LYS A 36 -8.19 -4.05 -6.46
N ASP A 37 -8.15 -2.75 -6.67
CA ASP A 37 -8.35 -2.16 -7.99
C ASP A 37 -7.19 -2.49 -8.93
N HIS A 38 -5.97 -2.36 -8.43
CA HIS A 38 -4.79 -2.60 -9.26
C HIS A 38 -4.39 -4.08 -9.24
N PHE A 39 -4.41 -4.67 -8.05
CA PHE A 39 -4.02 -6.06 -7.88
C PHE A 39 -5.24 -6.89 -7.47
N ARG A 40 -5.86 -7.52 -8.44
CA ARG A 40 -7.09 -8.27 -8.20
C ARG A 40 -6.77 -9.72 -7.85
N HIS A 41 -5.93 -10.35 -8.65
CA HIS A 41 -5.56 -11.75 -8.43
C HIS A 41 -4.06 -11.93 -8.47
N LYS A 42 -3.34 -10.92 -8.05
CA LYS A 42 -1.90 -11.03 -7.91
C LYS A 42 -1.55 -11.56 -6.53
N LEU A 43 -0.74 -12.62 -6.51
CA LEU A 43 -0.30 -13.22 -5.25
C LEU A 43 0.54 -12.23 -4.45
N LEU A 44 0.62 -12.44 -3.15
CA LEU A 44 1.43 -11.61 -2.27
C LEU A 44 2.88 -11.57 -2.75
N LYS A 45 3.38 -12.72 -3.17
CA LYS A 45 4.76 -12.84 -3.63
C LYS A 45 4.90 -12.53 -5.11
N ASP A 46 3.77 -12.29 -5.78
CA ASP A 46 3.77 -12.02 -7.21
C ASP A 46 3.87 -10.53 -7.47
N ILE A 47 3.65 -9.74 -6.41
CA ILE A 47 3.73 -8.29 -6.51
C ILE A 47 5.12 -7.85 -6.90
N LYS A 48 5.27 -7.41 -8.13
CA LYS A 48 6.56 -6.94 -8.62
C LYS A 48 6.84 -5.55 -8.06
N ARG A 49 8.06 -5.33 -7.62
CA ARG A 49 8.44 -4.04 -7.03
C ARG A 49 8.33 -2.92 -8.06
N THR A 50 8.50 -3.25 -9.33
CA THR A 50 8.31 -2.29 -10.40
C THR A 50 6.85 -1.87 -10.50
N GLU A 51 5.95 -2.85 -10.43
CA GLU A 51 4.52 -2.61 -10.50
C GLU A 51 4.03 -1.93 -9.23
N TYR A 52 4.68 -2.23 -8.12
CA TYR A 52 4.40 -1.58 -6.85
C TYR A 52 4.64 -0.07 -6.97
N GLN A 53 5.67 0.29 -7.72
CA GLN A 53 5.99 1.68 -7.96
C GLN A 53 4.88 2.34 -8.80
N LYS A 54 4.33 1.59 -9.76
CA LYS A 54 3.21 2.09 -10.57
C LYS A 54 2.02 2.43 -9.67
N PHE A 55 1.76 1.53 -8.73
CA PHE A 55 0.69 1.71 -7.76
C PHE A 55 0.91 3.00 -6.97
N LEU A 56 2.15 3.23 -6.55
CA LEU A 56 2.49 4.43 -5.78
C LEU A 56 2.40 5.68 -6.65
N ASN A 57 2.89 5.59 -7.88
CA ASN A 57 2.86 6.73 -8.80
C ASN A 57 1.43 7.17 -9.06
N GLU A 58 0.58 6.21 -9.40
CA GLU A 58 -0.80 6.49 -9.76
C GLU A 58 -1.56 7.02 -8.54
N TYR A 59 -1.35 6.38 -7.40
CA TYR A 59 -2.00 6.79 -6.16
C TYR A 59 -1.53 8.18 -5.74
N GLY A 60 -0.25 8.45 -5.96
CA GLY A 60 0.34 9.73 -5.55
C GLY A 60 0.00 10.85 -6.52
N LEU A 61 -0.74 10.53 -7.58
CA LEU A 61 -1.21 11.55 -8.50
C LEU A 61 -2.57 12.07 -8.05
N THR A 62 -3.22 11.31 -7.18
CA THR A 62 -4.57 11.64 -6.75
C THR A 62 -4.66 11.86 -5.25
N HIS A 63 -3.52 11.79 -4.56
CA HIS A 63 -3.50 11.89 -3.11
C HIS A 63 -2.33 12.72 -2.61
N SER A 64 -2.44 13.20 -1.38
CA SER A 64 -1.38 13.98 -0.77
C SER A 64 -0.28 13.06 -0.24
N TYR A 65 0.85 13.66 0.15
CA TYR A 65 2.02 12.88 0.55
C TYR A 65 1.76 12.05 1.80
N GLU A 66 1.05 12.59 2.77
CA GLU A 66 0.78 11.86 3.99
C GLU A 66 -0.19 10.72 3.75
N THR A 67 -1.14 10.93 2.83
CA THR A 67 -2.10 9.90 2.50
C THR A 67 -1.42 8.69 1.87
N ILE A 68 -0.50 8.95 0.94
CA ILE A 68 0.26 7.88 0.32
C ILE A 68 1.27 7.29 1.31
N ARG A 69 1.79 8.15 2.19
CA ARG A 69 2.69 7.70 3.25
C ARG A 69 2.03 6.63 4.11
N LYS A 70 0.80 6.90 4.56
CA LYS A 70 0.03 5.92 5.33
C LYS A 70 -0.08 4.61 4.57
N LEU A 71 -0.49 4.72 3.31
CA LEU A 71 -0.64 3.55 2.45
C LEU A 71 0.64 2.73 2.42
N ASN A 72 1.76 3.39 2.16
CA ASN A 72 3.05 2.73 2.08
C ASN A 72 3.42 2.09 3.41
N SER A 73 3.10 2.77 4.50
CA SER A 73 3.36 2.27 5.84
C SER A 73 2.64 0.94 6.06
N TYR A 74 1.36 0.88 5.67
CA TYR A 74 0.57 -0.32 5.84
C TYR A 74 1.13 -1.46 5.00
N ILE A 75 1.46 -1.15 3.75
CA ILE A 75 1.99 -2.15 2.82
C ILE A 75 3.34 -2.67 3.31
N ARG A 76 4.17 -1.78 3.82
CA ARG A 76 5.45 -2.15 4.41
C ARG A 76 5.26 -3.18 5.51
N ASN A 77 4.34 -2.86 6.42
CA ASN A 77 4.06 -3.72 7.57
C ASN A 77 3.48 -5.05 7.13
N ALA A 78 2.64 -5.02 6.10
CA ALA A 78 2.02 -6.23 5.59
C ALA A 78 3.06 -7.20 5.06
N PHE A 79 3.92 -6.72 4.16
CA PHE A 79 4.96 -7.54 3.58
C PHE A 79 5.97 -7.99 4.63
N ASP A 80 6.34 -7.08 5.52
CA ASP A 80 7.32 -7.39 6.54
C ASP A 80 6.81 -8.49 7.47
N ASP A 81 5.54 -8.42 7.83
CA ASP A 81 4.94 -9.45 8.68
C ASP A 81 5.04 -10.81 8.02
N ALA A 82 4.79 -10.84 6.71
CA ALA A 82 4.89 -12.07 5.94
C ALA A 82 6.33 -12.55 5.83
N ILE A 83 7.26 -11.62 5.62
CA ILE A 83 8.67 -11.96 5.48
C ILE A 83 9.24 -12.47 6.81
N HIS A 84 8.68 -11.99 7.92
CA HIS A 84 9.06 -12.50 9.24
C HIS A 84 8.87 -14.02 9.30
N GLU A 85 7.88 -14.51 8.55
CA GLU A 85 7.60 -15.95 8.52
C GLU A 85 8.30 -16.59 7.32
N GLY A 86 8.81 -15.77 6.42
CA GLY A 86 9.41 -16.26 5.21
C GLY A 86 8.36 -16.60 4.18
N TYR A 87 7.14 -16.14 4.44
CA TYR A 87 5.99 -16.44 3.60
C TYR A 87 6.09 -15.70 2.27
N VAL A 88 6.78 -14.57 2.29
CA VAL A 88 6.99 -13.79 1.08
C VAL A 88 8.49 -13.62 0.84
N ILE A 89 8.87 -13.32 -0.39
CA ILE A 89 10.27 -13.05 -0.72
C ILE A 89 10.68 -11.67 -0.26
N LYS A 90 11.80 -11.19 -0.79
CA LYS A 90 12.28 -9.85 -0.50
C LYS A 90 11.19 -8.82 -0.79
N ASN A 91 10.87 -8.03 0.23
CA ASN A 91 9.74 -7.09 0.19
C ASN A 91 9.78 -6.20 -1.06
N PRO A 92 8.66 -6.17 -1.81
CA PRO A 92 8.51 -5.35 -3.02
C PRO A 92 8.65 -3.85 -2.74
N THR A 93 8.71 -3.49 -1.46
CA THR A 93 8.96 -2.12 -1.06
C THR A 93 10.43 -1.75 -1.31
N TYR A 94 11.15 -2.69 -1.93
CA TYR A 94 12.51 -2.49 -2.40
C TYR A 94 12.60 -1.22 -3.25
N LYS A 95 11.56 -0.96 -4.01
CA LYS A 95 11.46 0.25 -4.82
C LYS A 95 10.19 1.01 -4.43
N ALA A 96 10.31 1.87 -3.43
CA ALA A 96 9.17 2.62 -2.93
C ALA A 96 9.45 4.11 -2.90
N GLU A 97 9.21 4.77 -4.01
CA GLU A 97 9.37 6.21 -4.10
C GLU A 97 8.02 6.90 -3.96
N LEU A 98 7.84 7.59 -2.84
CA LEU A 98 6.59 8.29 -2.56
C LEU A 98 6.64 9.68 -3.17
N HIS A 99 6.51 9.75 -4.49
CA HIS A 99 6.56 11.01 -5.19
C HIS A 99 5.16 11.51 -5.49
N ALA A 100 4.55 12.15 -4.50
CA ALA A 100 3.25 12.78 -4.67
C ALA A 100 3.38 13.95 -5.63
N SER A 101 3.03 13.69 -6.88
CA SER A 101 3.29 14.64 -7.96
C SER A 101 2.27 15.78 -7.92
N VAL A 102 1.35 15.71 -6.98
CA VAL A 102 0.37 16.76 -6.79
C VAL A 102 1.02 18.01 -6.20
N LEU A 103 2.00 17.80 -5.32
CA LEU A 103 2.61 18.89 -4.58
C LEU A 103 3.93 19.30 -5.20
N GLU A 104 3.96 20.49 -5.80
CA GLU A 104 5.22 21.09 -6.23
C GLU A 104 5.55 22.26 -5.31
N HIS A 105 6.62 22.14 -4.54
CA HIS A 105 7.04 23.23 -3.66
C HIS A 105 7.67 24.34 -4.50
N HIS A 106 8.28 23.95 -5.59
CA HIS A 106 8.80 24.89 -6.58
C HIS A 106 7.63 25.35 -7.46
N HIS A 107 7.85 26.34 -8.30
CA HIS A 107 6.83 26.75 -9.26
C HIS A 107 7.46 26.95 -10.62
N HIS A 108 7.16 26.05 -11.55
CA HIS A 108 7.72 26.14 -12.89
C HIS A 108 6.62 26.02 -13.94
N HIS A 109 6.77 26.78 -15.01
CA HIS A 109 5.88 26.69 -16.16
C HIS A 109 6.53 27.37 -17.35
N HIS A 110 6.40 28.69 -17.41
CA HIS A 110 7.05 29.48 -18.46
C HIS A 110 6.77 30.95 -18.22
N MET A 1 0.47 -19.87 -0.46
CA MET A 1 0.30 -18.70 -1.36
C MET A 1 -1.08 -18.09 -1.17
N ILE A 2 -1.13 -16.77 -1.17
CA ILE A 2 -2.38 -16.06 -1.04
C ILE A 2 -2.34 -14.79 -1.91
N THR A 3 -3.50 -14.29 -2.25
CA THR A 3 -3.62 -13.08 -3.03
C THR A 3 -3.33 -11.85 -2.16
N PHE A 4 -2.68 -10.85 -2.74
CA PHE A 4 -2.24 -9.68 -2.00
C PHE A 4 -3.41 -8.92 -1.39
N ALA A 5 -4.46 -8.71 -2.17
CA ALA A 5 -5.63 -7.99 -1.70
C ALA A 5 -6.23 -8.67 -0.48
N ASP A 6 -6.49 -9.97 -0.61
CA ASP A 6 -7.06 -10.75 0.47
C ASP A 6 -6.11 -10.82 1.66
N TYR A 7 -4.82 -10.99 1.38
CA TYR A 7 -3.81 -11.04 2.44
C TYR A 7 -3.78 -9.74 3.21
N PHE A 8 -3.76 -8.62 2.49
CA PHE A 8 -3.73 -7.30 3.11
C PHE A 8 -4.94 -7.09 4.01
N TYR A 9 -6.10 -7.48 3.49
CA TYR A 9 -7.34 -7.36 4.24
C TYR A 9 -7.33 -8.27 5.46
N GLN A 10 -6.93 -9.53 5.25
CA GLN A 10 -6.85 -10.50 6.33
C GLN A 10 -5.87 -10.03 7.39
N TRP A 11 -4.69 -9.62 6.95
CA TRP A 11 -3.65 -9.11 7.84
C TRP A 11 -4.20 -7.97 8.70
N TYR A 12 -4.80 -6.99 8.04
CA TYR A 12 -5.34 -5.84 8.73
C TYR A 12 -6.42 -6.26 9.74
N GLU A 13 -7.34 -7.10 9.29
CA GLU A 13 -8.49 -7.50 10.10
C GLU A 13 -8.05 -8.26 11.36
N VAL A 14 -6.84 -8.80 11.34
CA VAL A 14 -6.29 -9.47 12.51
C VAL A 14 -5.37 -8.54 13.29
N ASN A 15 -4.68 -7.67 12.57
CA ASN A 15 -3.54 -6.97 13.13
C ASN A 15 -3.90 -5.63 13.75
N LYS A 16 -4.58 -4.79 12.99
CA LYS A 16 -4.78 -3.41 13.41
C LYS A 16 -6.25 -3.09 13.67
N LEU A 17 -7.12 -4.03 13.29
CA LEU A 17 -8.57 -3.81 13.33
C LEU A 17 -9.06 -3.36 14.73
N PRO A 18 -8.77 -4.13 15.81
CA PRO A 18 -9.28 -3.81 17.14
C PRO A 18 -8.38 -2.82 17.89
N HIS A 19 -7.53 -2.12 17.16
CA HIS A 19 -6.58 -1.21 17.79
C HIS A 19 -6.72 0.21 17.24
N VAL A 20 -6.81 0.35 15.94
CA VAL A 20 -6.88 1.65 15.30
C VAL A 20 -8.30 2.22 15.38
N SER A 21 -8.40 3.54 15.20
CA SER A 21 -9.70 4.19 15.23
C SER A 21 -10.40 4.06 13.88
N GLU A 22 -11.67 4.44 13.82
CA GLU A 22 -12.49 4.28 12.63
C GLU A 22 -11.92 5.06 11.44
N SER A 23 -11.20 6.13 11.73
CA SER A 23 -10.58 6.92 10.68
C SER A 23 -9.53 6.08 9.94
N THR A 24 -8.62 5.46 10.69
CA THR A 24 -7.60 4.62 10.12
C THR A 24 -8.21 3.38 9.48
N LYS A 25 -9.32 2.92 10.05
CA LYS A 25 -10.05 1.79 9.49
C LYS A 25 -10.50 2.09 8.07
N ARG A 26 -10.97 3.31 7.86
CA ARG A 26 -11.40 3.75 6.54
C ARG A 26 -10.20 4.01 5.63
N HIS A 27 -9.07 4.38 6.22
CA HIS A 27 -7.82 4.49 5.46
C HIS A 27 -7.45 3.15 4.86
N TYR A 28 -7.50 2.11 5.68
CA TYR A 28 -7.24 0.75 5.22
C TYR A 28 -8.25 0.34 4.15
N GLU A 29 -9.51 0.71 4.34
CA GLU A 29 -10.55 0.43 3.35
C GLU A 29 -10.21 1.09 2.02
N SER A 30 -9.80 2.35 2.08
CA SER A 30 -9.41 3.10 0.89
C SER A 30 -8.19 2.45 0.24
N ALA A 31 -7.21 2.08 1.05
CA ALA A 31 -6.02 1.40 0.57
C ALA A 31 -6.39 0.09 -0.10
N TYR A 32 -7.19 -0.71 0.59
CA TYR A 32 -7.58 -2.03 0.11
C TYR A 32 -8.35 -1.94 -1.21
N LYS A 33 -9.23 -0.96 -1.35
CA LYS A 33 -10.04 -0.85 -2.56
C LYS A 33 -9.15 -0.52 -3.77
N HIS A 34 -8.10 0.27 -3.56
CA HIS A 34 -7.15 0.56 -4.62
C HIS A 34 -6.31 -0.68 -4.93
N ILE A 35 -5.96 -1.41 -3.88
CA ILE A 35 -5.22 -2.67 -4.03
C ILE A 35 -6.06 -3.69 -4.79
N LYS A 36 -7.33 -3.79 -4.42
CA LYS A 36 -8.26 -4.70 -5.08
C LYS A 36 -8.38 -4.35 -6.56
N ASP A 37 -8.25 -3.07 -6.88
CA ASP A 37 -8.37 -2.61 -8.25
C ASP A 37 -7.10 -2.87 -9.07
N HIS A 38 -5.95 -2.50 -8.50
CA HIS A 38 -4.68 -2.64 -9.21
C HIS A 38 -4.20 -4.09 -9.22
N PHE A 39 -4.46 -4.81 -8.14
CA PHE A 39 -4.03 -6.19 -8.02
C PHE A 39 -5.22 -7.11 -7.76
N ARG A 40 -5.99 -7.37 -8.79
CA ARG A 40 -7.18 -8.21 -8.67
C ARG A 40 -6.79 -9.67 -8.60
N HIS A 41 -6.70 -10.18 -7.37
CA HIS A 41 -6.30 -11.57 -7.10
C HIS A 41 -4.86 -11.82 -7.54
N LYS A 42 -4.06 -10.78 -7.44
CA LYS A 42 -2.62 -10.88 -7.67
C LYS A 42 -1.96 -11.47 -6.43
N LEU A 43 -1.10 -12.47 -6.60
CA LEU A 43 -0.35 -13.05 -5.47
C LEU A 43 0.53 -11.97 -4.84
N LEU A 44 0.58 -11.95 -3.51
CA LEU A 44 1.31 -10.89 -2.79
C LEU A 44 2.78 -10.89 -3.16
N LYS A 45 3.31 -12.06 -3.47
CA LYS A 45 4.70 -12.21 -3.82
C LYS A 45 4.89 -12.08 -5.33
N ASP A 46 3.81 -11.79 -6.03
CA ASP A 46 3.85 -11.62 -7.47
C ASP A 46 3.80 -10.12 -7.81
N ILE A 47 3.69 -9.30 -6.77
CA ILE A 47 3.79 -7.86 -6.92
C ILE A 47 5.22 -7.49 -7.27
N LYS A 48 5.41 -6.95 -8.47
CA LYS A 48 6.72 -6.56 -8.93
C LYS A 48 7.16 -5.30 -8.18
N ARG A 49 8.46 -5.15 -7.99
CA ARG A 49 9.02 -3.96 -7.35
C ARG A 49 8.61 -2.72 -8.13
N THR A 50 8.57 -2.87 -9.44
CA THR A 50 8.14 -1.79 -10.32
C THR A 50 6.64 -1.54 -10.19
N GLU A 51 5.86 -2.62 -10.06
CA GLU A 51 4.41 -2.49 -9.92
C GLU A 51 4.04 -1.75 -8.66
N TYR A 52 4.72 -2.04 -7.56
CA TYR A 52 4.46 -1.37 -6.31
C TYR A 52 4.80 0.11 -6.43
N GLN A 53 5.91 0.41 -7.10
CA GLN A 53 6.30 1.79 -7.33
C GLN A 53 5.27 2.48 -8.23
N LYS A 54 4.82 1.78 -9.27
CA LYS A 54 3.79 2.30 -10.17
C LYS A 54 2.50 2.59 -9.42
N PHE A 55 2.14 1.66 -8.53
CA PHE A 55 0.95 1.81 -7.70
C PHE A 55 1.06 3.08 -6.86
N LEU A 56 2.24 3.34 -6.34
CA LEU A 56 2.49 4.54 -5.56
C LEU A 56 2.38 5.79 -6.44
N ASN A 57 2.86 5.70 -7.67
CA ASN A 57 2.76 6.81 -8.61
C ASN A 57 1.31 7.16 -8.85
N GLU A 58 0.51 6.14 -9.18
CA GLU A 58 -0.91 6.30 -9.46
C GLU A 58 -1.65 6.87 -8.25
N TYR A 59 -1.27 6.40 -7.07
CA TYR A 59 -1.91 6.85 -5.85
C TYR A 59 -1.52 8.30 -5.53
N GLY A 60 -0.27 8.64 -5.84
CA GLY A 60 0.22 9.98 -5.58
C GLY A 60 -0.26 10.99 -6.60
N LEU A 61 -1.02 10.52 -7.58
CA LEU A 61 -1.65 11.41 -8.55
C LEU A 61 -3.03 11.82 -8.09
N THR A 62 -3.56 11.11 -7.10
CA THR A 62 -4.93 11.34 -6.66
C THR A 62 -5.01 11.66 -5.18
N HIS A 63 -3.91 11.52 -4.45
CA HIS A 63 -3.93 11.68 -3.00
C HIS A 63 -2.75 12.51 -2.50
N SER A 64 -2.79 12.83 -1.21
CA SER A 64 -1.76 13.65 -0.57
C SER A 64 -0.53 12.79 -0.23
N TYR A 65 0.56 13.46 0.14
CA TYR A 65 1.83 12.78 0.39
C TYR A 65 1.77 11.93 1.64
N GLU A 66 1.23 12.47 2.72
CA GLU A 66 1.13 11.71 3.95
C GLU A 66 0.25 10.49 3.76
N THR A 67 -0.76 10.63 2.92
CA THR A 67 -1.68 9.55 2.64
C THR A 67 -0.98 8.40 1.92
N ILE A 68 -0.23 8.73 0.86
CA ILE A 68 0.53 7.72 0.14
C ILE A 68 1.66 7.17 1.01
N ARG A 69 2.23 8.04 1.83
CA ARG A 69 3.28 7.63 2.77
C ARG A 69 2.73 6.62 3.78
N LYS A 70 1.52 6.88 4.26
CA LYS A 70 0.87 6.01 5.23
C LYS A 70 0.44 4.70 4.55
N LEU A 71 -0.02 4.81 3.30
CA LEU A 71 -0.34 3.65 2.49
C LEU A 71 0.88 2.74 2.35
N ASN A 72 2.00 3.33 1.95
CA ASN A 72 3.27 2.63 1.84
C ASN A 72 3.59 1.92 3.15
N SER A 73 3.35 2.61 4.26
CA SER A 73 3.59 2.04 5.58
C SER A 73 2.72 0.81 5.80
N TYR A 74 1.43 0.92 5.49
CA TYR A 74 0.48 -0.20 5.68
C TYR A 74 0.99 -1.45 4.97
N ILE A 75 1.27 -1.31 3.69
CA ILE A 75 1.71 -2.44 2.87
C ILE A 75 3.08 -2.95 3.34
N ARG A 76 3.93 -2.03 3.76
CA ARG A 76 5.26 -2.37 4.25
C ARG A 76 5.15 -3.17 5.56
N ASN A 77 4.19 -2.80 6.40
CA ASN A 77 3.92 -3.54 7.63
C ASN A 77 3.40 -4.93 7.30
N ALA A 78 2.50 -5.01 6.32
CA ALA A 78 1.93 -6.28 5.89
C ALA A 78 3.02 -7.24 5.42
N PHE A 79 3.94 -6.72 4.61
CA PHE A 79 5.05 -7.52 4.11
C PHE A 79 6.06 -7.83 5.21
N ASP A 80 6.19 -6.92 6.18
CA ASP A 80 7.05 -7.16 7.34
C ASP A 80 6.56 -8.39 8.09
N ASP A 81 5.24 -8.53 8.20
CA ASP A 81 4.64 -9.73 8.79
C ASP A 81 4.83 -10.92 7.87
N ALA A 82 4.65 -10.71 6.57
CA ALA A 82 4.79 -11.76 5.57
C ALA A 82 6.19 -12.37 5.63
N ILE A 83 7.20 -11.52 5.57
CA ILE A 83 8.59 -11.97 5.63
C ILE A 83 8.90 -12.60 6.98
N HIS A 84 8.23 -12.08 8.01
CA HIS A 84 8.40 -12.57 9.38
C HIS A 84 7.90 -14.00 9.48
N GLU A 85 6.93 -14.34 8.64
CA GLU A 85 6.34 -15.67 8.67
C GLU A 85 6.94 -16.55 7.58
N GLY A 86 7.81 -15.96 6.77
CA GLY A 86 8.47 -16.69 5.70
C GLY A 86 7.58 -16.85 4.49
N TYR A 87 6.67 -15.90 4.29
CA TYR A 87 5.77 -15.94 3.15
C TYR A 87 6.49 -15.46 1.91
N VAL A 88 6.98 -14.22 1.96
CA VAL A 88 7.72 -13.65 0.84
C VAL A 88 9.20 -13.54 1.20
N ILE A 89 10.06 -14.03 0.32
CA ILE A 89 11.50 -14.04 0.55
C ILE A 89 12.06 -12.61 0.56
N LYS A 90 11.74 -11.84 -0.46
CA LYS A 90 12.23 -10.48 -0.58
C LYS A 90 11.06 -9.53 -0.84
N ASN A 91 10.73 -8.72 0.16
CA ASN A 91 9.58 -7.82 0.07
C ASN A 91 9.68 -6.87 -1.11
N PRO A 92 8.55 -6.68 -1.84
CA PRO A 92 8.48 -5.78 -3.00
C PRO A 92 8.50 -4.30 -2.61
N THR A 93 8.85 -4.03 -1.36
CA THR A 93 8.94 -2.67 -0.85
C THR A 93 10.27 -2.05 -1.26
N TYR A 94 11.18 -2.88 -1.75
CA TYR A 94 12.45 -2.42 -2.28
C TYR A 94 12.24 -1.68 -3.59
N LYS A 95 13.01 -0.61 -3.80
CA LYS A 95 12.98 0.16 -5.05
C LYS A 95 11.71 1.03 -5.16
N ALA A 96 10.79 0.85 -4.22
CA ALA A 96 9.57 1.65 -4.18
C ALA A 96 9.84 3.04 -3.62
N GLU A 97 9.26 4.05 -4.26
CA GLU A 97 9.47 5.43 -3.85
C GLU A 97 8.16 6.20 -3.85
N LEU A 98 8.12 7.27 -3.07
CA LEU A 98 6.93 8.11 -3.00
C LEU A 98 7.02 9.24 -4.01
N HIS A 99 5.88 9.60 -4.59
CA HIS A 99 5.85 10.69 -5.55
C HIS A 99 4.45 11.29 -5.64
N ALA A 100 4.19 12.30 -4.82
CA ALA A 100 2.94 13.02 -4.89
C ALA A 100 3.03 14.11 -5.95
N SER A 101 2.49 13.81 -7.13
CA SER A 101 2.65 14.69 -8.28
C SER A 101 1.56 15.76 -8.30
N VAL A 102 0.74 15.78 -7.26
CA VAL A 102 -0.32 16.77 -7.14
C VAL A 102 0.25 18.09 -6.61
N LEU A 103 1.46 18.03 -6.06
CA LEU A 103 2.07 19.18 -5.42
C LEU A 103 2.74 20.09 -6.44
N GLU A 104 2.10 21.24 -6.70
CA GLU A 104 2.69 22.27 -7.52
C GLU A 104 2.73 23.58 -6.75
N HIS A 105 3.94 24.06 -6.46
CA HIS A 105 4.08 25.31 -5.71
C HIS A 105 3.69 26.49 -6.61
N HIS A 106 3.67 26.25 -7.90
CA HIS A 106 3.17 27.22 -8.86
C HIS A 106 2.44 26.49 -9.98
N HIS A 107 1.13 26.55 -9.96
CA HIS A 107 0.33 25.87 -10.97
C HIS A 107 0.01 26.82 -12.12
N HIS A 108 -0.42 26.27 -13.24
CA HIS A 108 -0.81 27.09 -14.38
C HIS A 108 -2.33 27.21 -14.41
N HIS A 109 -2.82 28.43 -14.24
CA HIS A 109 -4.25 28.67 -14.24
C HIS A 109 -4.83 28.41 -15.62
N HIS A 110 -5.82 27.53 -15.68
CA HIS A 110 -6.50 27.20 -16.92
C HIS A 110 -7.76 28.04 -17.04
N MET A 1 -1.20 -20.15 -2.11
CA MET A 1 -0.66 -18.77 -2.07
C MET A 1 -1.79 -17.76 -2.04
N ILE A 2 -1.71 -16.81 -1.12
CA ILE A 2 -2.76 -15.83 -0.94
C ILE A 2 -2.56 -14.64 -1.90
N THR A 3 -3.67 -13.99 -2.23
CA THR A 3 -3.64 -12.79 -3.05
C THR A 3 -3.33 -11.57 -2.19
N PHE A 4 -2.53 -10.65 -2.72
CA PHE A 4 -2.07 -9.50 -1.96
C PHE A 4 -3.23 -8.69 -1.38
N ALA A 5 -4.23 -8.41 -2.20
CA ALA A 5 -5.38 -7.63 -1.77
C ALA A 5 -6.05 -8.26 -0.55
N ASP A 6 -6.44 -9.53 -0.68
CA ASP A 6 -7.13 -10.24 0.38
C ASP A 6 -6.23 -10.44 1.60
N TYR A 7 -4.93 -10.58 1.36
CA TYR A 7 -3.95 -10.72 2.43
C TYR A 7 -3.88 -9.44 3.26
N PHE A 8 -3.82 -8.31 2.57
CA PHE A 8 -3.74 -7.01 3.22
C PHE A 8 -4.95 -6.81 4.13
N TYR A 9 -6.13 -7.13 3.61
CA TYR A 9 -7.36 -6.97 4.36
C TYR A 9 -7.34 -7.85 5.61
N GLN A 10 -6.97 -9.10 5.45
CA GLN A 10 -6.89 -10.04 6.56
C GLN A 10 -5.86 -9.57 7.58
N TRP A 11 -4.70 -9.18 7.10
CA TRP A 11 -3.61 -8.67 7.95
C TRP A 11 -4.11 -7.49 8.79
N TYR A 12 -4.92 -6.63 8.18
CA TYR A 12 -5.47 -5.48 8.88
C TYR A 12 -6.55 -5.90 9.87
N GLU A 13 -7.54 -6.64 9.37
CA GLU A 13 -8.73 -6.99 10.15
C GLU A 13 -8.37 -7.80 11.40
N VAL A 14 -7.41 -8.70 11.27
CA VAL A 14 -7.05 -9.59 12.36
C VAL A 14 -6.06 -8.91 13.32
N ASN A 15 -5.41 -7.85 12.88
CA ASN A 15 -4.35 -7.23 13.66
C ASN A 15 -4.68 -5.80 14.07
N LYS A 16 -4.74 -4.90 13.10
CA LYS A 16 -4.75 -3.46 13.39
C LYS A 16 -6.15 -2.93 13.65
N LEU A 17 -7.16 -3.69 13.24
CA LEU A 17 -8.55 -3.28 13.32
C LEU A 17 -8.98 -2.88 14.75
N PRO A 18 -8.81 -3.77 15.76
CA PRO A 18 -9.31 -3.53 17.13
C PRO A 18 -8.65 -2.35 17.84
N HIS A 19 -7.64 -1.76 17.22
CA HIS A 19 -6.88 -0.70 17.87
C HIS A 19 -7.26 0.68 17.33
N VAL A 20 -7.97 0.70 16.22
CA VAL A 20 -8.28 1.96 15.56
C VAL A 20 -9.78 2.20 15.47
N SER A 21 -10.15 3.33 14.89
CA SER A 21 -11.53 3.68 14.68
C SER A 21 -11.79 3.90 13.18
N GLU A 22 -13.01 4.28 12.85
CA GLU A 22 -13.41 4.53 11.46
C GLU A 22 -12.43 5.46 10.75
N SER A 23 -11.90 6.42 11.48
CA SER A 23 -10.99 7.40 10.91
C SER A 23 -9.78 6.73 10.26
N THR A 24 -9.20 5.73 10.94
CA THR A 24 -8.09 4.99 10.38
C THR A 24 -8.59 3.92 9.40
N LYS A 25 -9.78 3.40 9.67
CA LYS A 25 -10.41 2.42 8.78
C LYS A 25 -10.55 2.97 7.38
N ARG A 26 -10.94 4.24 7.28
CA ARG A 26 -11.09 4.91 5.97
C ARG A 26 -9.82 4.79 5.15
N HIS A 27 -8.68 5.05 5.78
CA HIS A 27 -7.40 4.99 5.10
C HIS A 27 -7.08 3.56 4.66
N TYR A 28 -7.22 2.61 5.58
CA TYR A 28 -6.94 1.22 5.28
C TYR A 28 -7.86 0.67 4.19
N GLU A 29 -9.15 0.95 4.31
CA GLU A 29 -10.15 0.44 3.37
C GLU A 29 -9.91 0.98 1.96
N SER A 30 -9.72 2.28 1.83
CA SER A 30 -9.48 2.87 0.52
C SER A 30 -8.11 2.45 -0.04
N ALA A 31 -7.15 2.21 0.85
CA ALA A 31 -5.86 1.67 0.46
C ALA A 31 -6.02 0.25 -0.08
N TYR A 32 -6.70 -0.57 0.70
CA TYR A 32 -7.03 -1.94 0.32
C TYR A 32 -7.82 -1.95 -0.98
N LYS A 33 -8.70 -0.96 -1.14
CA LYS A 33 -9.51 -0.84 -2.34
C LYS A 33 -8.63 -0.56 -3.55
N HIS A 34 -7.66 0.35 -3.39
CA HIS A 34 -6.70 0.64 -4.45
C HIS A 34 -5.83 -0.58 -4.73
N ILE A 35 -5.49 -1.31 -3.67
CA ILE A 35 -4.72 -2.54 -3.79
C ILE A 35 -5.52 -3.56 -4.60
N LYS A 36 -6.77 -3.78 -4.22
CA LYS A 36 -7.63 -4.73 -4.91
C LYS A 36 -7.91 -4.25 -6.33
N ASP A 37 -7.88 -2.94 -6.52
CA ASP A 37 -8.11 -2.32 -7.83
C ASP A 37 -6.96 -2.63 -8.79
N HIS A 38 -5.73 -2.57 -8.27
CA HIS A 38 -4.55 -2.84 -9.08
C HIS A 38 -4.20 -4.32 -9.09
N PHE A 39 -4.34 -4.96 -7.95
CA PHE A 39 -4.07 -6.37 -7.80
C PHE A 39 -5.30 -7.09 -7.28
N ARG A 40 -6.11 -7.59 -8.19
CA ARG A 40 -7.37 -8.22 -7.84
C ARG A 40 -7.14 -9.61 -7.27
N HIS A 41 -6.41 -10.43 -8.00
CA HIS A 41 -6.10 -11.77 -7.56
C HIS A 41 -4.61 -12.05 -7.74
N LYS A 42 -3.84 -10.98 -7.76
CA LYS A 42 -2.40 -11.05 -7.86
C LYS A 42 -1.83 -11.66 -6.57
N LEU A 43 -1.05 -12.72 -6.70
CA LEU A 43 -0.46 -13.40 -5.55
C LEU A 43 0.47 -12.46 -4.79
N LEU A 44 0.52 -12.63 -3.47
CA LEU A 44 1.36 -11.79 -2.61
C LEU A 44 2.81 -11.78 -3.08
N LYS A 45 3.32 -12.95 -3.44
CA LYS A 45 4.70 -13.10 -3.88
C LYS A 45 4.87 -12.68 -5.33
N ASP A 46 3.77 -12.34 -6.00
CA ASP A 46 3.81 -12.08 -7.43
C ASP A 46 3.83 -10.59 -7.73
N ILE A 47 3.65 -9.78 -6.68
CA ILE A 47 3.73 -8.32 -6.83
C ILE A 47 5.15 -7.93 -7.22
N LYS A 48 5.29 -7.46 -8.46
CA LYS A 48 6.58 -7.05 -8.95
C LYS A 48 6.87 -5.62 -8.51
N ARG A 49 8.13 -5.34 -8.24
CA ARG A 49 8.56 -4.04 -7.72
C ARG A 49 8.22 -2.94 -8.72
N THR A 50 8.26 -3.29 -10.00
CA THR A 50 7.91 -2.36 -11.06
C THR A 50 6.41 -2.05 -11.05
N GLU A 51 5.62 -3.01 -10.58
CA GLU A 51 4.17 -2.83 -10.48
C GLU A 51 3.85 -1.95 -9.28
N TYR A 52 4.49 -2.26 -8.16
CA TYR A 52 4.30 -1.50 -6.93
C TYR A 52 4.71 -0.04 -7.13
N GLN A 53 5.75 0.18 -7.92
CA GLN A 53 6.15 1.53 -8.29
C GLN A 53 4.96 2.28 -8.89
N LYS A 54 4.34 1.68 -9.90
CA LYS A 54 3.19 2.27 -10.57
C LYS A 54 2.03 2.49 -9.59
N PHE A 55 1.82 1.52 -8.71
CA PHE A 55 0.74 1.59 -7.72
C PHE A 55 0.82 2.86 -6.89
N LEU A 56 2.02 3.20 -6.42
CA LEU A 56 2.22 4.37 -5.61
C LEU A 56 2.10 5.65 -6.43
N ASN A 57 2.51 5.59 -7.69
CA ASN A 57 2.41 6.75 -8.58
C ASN A 57 0.96 7.19 -8.72
N GLU A 58 0.09 6.24 -9.04
CA GLU A 58 -1.32 6.53 -9.26
C GLU A 58 -2.00 6.94 -7.96
N TYR A 59 -1.53 6.39 -6.85
CA TYR A 59 -2.09 6.72 -5.54
C TYR A 59 -1.64 8.12 -5.12
N GLY A 60 -0.42 8.47 -5.49
CA GLY A 60 0.11 9.78 -5.16
C GLY A 60 -0.37 10.86 -6.11
N LEU A 61 -1.14 10.47 -7.12
CA LEU A 61 -1.75 11.43 -8.02
C LEU A 61 -3.12 11.84 -7.51
N THR A 62 -3.66 11.04 -6.60
CA THR A 62 -5.02 11.23 -6.12
C THR A 62 -5.08 11.54 -4.63
N HIS A 63 -4.16 10.96 -3.87
CA HIS A 63 -4.20 11.08 -2.42
C HIS A 63 -3.06 11.93 -1.89
N SER A 64 -3.27 12.52 -0.72
CA SER A 64 -2.30 13.40 -0.10
C SER A 64 -1.03 12.62 0.29
N TYR A 65 0.05 13.36 0.55
CA TYR A 65 1.33 12.74 0.84
C TYR A 65 1.26 11.85 2.08
N GLU A 66 0.61 12.34 3.12
CA GLU A 66 0.50 11.58 4.36
C GLU A 66 -0.29 10.29 4.12
N THR A 67 -1.21 10.34 3.18
CA THR A 67 -2.04 9.20 2.85
C THR A 67 -1.22 8.12 2.15
N ILE A 68 -0.42 8.51 1.17
CA ILE A 68 0.44 7.56 0.46
C ILE A 68 1.59 7.11 1.36
N ARG A 69 2.06 8.03 2.21
CA ARG A 69 3.12 7.73 3.17
C ARG A 69 2.72 6.60 4.10
N LYS A 70 1.54 6.71 4.69
CA LYS A 70 1.07 5.69 5.62
C LYS A 70 0.79 4.39 4.86
N LEU A 71 0.29 4.51 3.63
CA LEU A 71 0.06 3.35 2.78
C LEU A 71 1.38 2.59 2.56
N ASN A 72 2.41 3.32 2.17
CA ASN A 72 3.75 2.76 2.00
C ASN A 72 4.16 1.99 3.25
N SER A 73 3.91 2.58 4.41
CA SER A 73 4.22 1.95 5.68
C SER A 73 3.45 0.64 5.84
N TYR A 74 2.16 0.66 5.50
CA TYR A 74 1.33 -0.53 5.59
C TYR A 74 1.85 -1.63 4.68
N ILE A 75 2.20 -1.25 3.44
CA ILE A 75 2.76 -2.19 2.47
C ILE A 75 4.03 -2.82 3.03
N ARG A 76 4.92 -1.97 3.54
CA ARG A 76 6.17 -2.43 4.11
C ARG A 76 5.93 -3.39 5.27
N ASN A 77 5.06 -2.99 6.18
CA ASN A 77 4.74 -3.82 7.36
C ASN A 77 4.07 -5.13 6.95
N ALA A 78 3.18 -5.06 5.97
CA ALA A 78 2.47 -6.25 5.50
C ALA A 78 3.44 -7.26 4.90
N PHE A 79 4.33 -6.79 4.05
CA PHE A 79 5.32 -7.66 3.43
C PHE A 79 6.37 -8.10 4.45
N ASP A 80 6.75 -7.21 5.35
CA ASP A 80 7.74 -7.54 6.38
C ASP A 80 7.18 -8.61 7.31
N ASP A 81 5.88 -8.54 7.55
CA ASP A 81 5.19 -9.54 8.36
C ASP A 81 5.32 -10.91 7.69
N ALA A 82 5.02 -10.94 6.39
CA ALA A 82 5.15 -12.16 5.60
C ALA A 82 6.62 -12.59 5.52
N ILE A 83 7.53 -11.63 5.45
CA ILE A 83 8.96 -11.90 5.46
C ILE A 83 9.36 -12.64 6.74
N HIS A 84 8.89 -12.12 7.86
CA HIS A 84 9.23 -12.67 9.17
C HIS A 84 8.73 -14.11 9.31
N GLU A 85 7.55 -14.37 8.78
CA GLU A 85 6.97 -15.71 8.81
C GLU A 85 7.60 -16.60 7.74
N GLY A 86 8.28 -15.98 6.78
CA GLY A 86 8.92 -16.72 5.71
C GLY A 86 7.94 -17.08 4.61
N TYR A 87 6.91 -16.27 4.48
CA TYR A 87 5.84 -16.53 3.54
C TYR A 87 6.09 -15.87 2.18
N VAL A 88 6.83 -14.76 2.19
CA VAL A 88 7.17 -14.08 0.96
C VAL A 88 8.68 -13.96 0.84
N ILE A 89 9.18 -13.93 -0.39
CA ILE A 89 10.62 -13.93 -0.64
C ILE A 89 11.28 -12.59 -0.31
N LYS A 90 10.71 -11.49 -0.82
CA LYS A 90 11.31 -10.16 -0.66
C LYS A 90 10.26 -9.06 -0.71
N ASN A 91 10.57 -7.93 -0.08
CA ASN A 91 9.71 -6.76 -0.16
C ASN A 91 9.84 -6.10 -1.52
N PRO A 92 8.72 -5.71 -2.14
CA PRO A 92 8.72 -5.04 -3.43
C PRO A 92 9.12 -3.56 -3.31
N THR A 93 9.40 -3.14 -2.08
CA THR A 93 9.84 -1.80 -1.81
C THR A 93 11.28 -1.61 -2.28
N TYR A 94 11.43 -1.27 -3.55
CA TYR A 94 12.72 -1.10 -4.17
C TYR A 94 12.88 0.34 -4.64
N LYS A 95 12.07 0.72 -5.59
CA LYS A 95 12.03 2.09 -6.07
C LYS A 95 10.70 2.72 -5.69
N ALA A 96 10.22 2.34 -4.51
CA ALA A 96 8.96 2.86 -4.00
C ALA A 96 9.19 4.22 -3.33
N GLU A 97 9.27 5.25 -4.16
CA GLU A 97 9.55 6.59 -3.67
C GLU A 97 8.27 7.40 -3.61
N LEU A 98 8.08 8.10 -2.50
CA LEU A 98 6.85 8.85 -2.27
C LEU A 98 6.93 10.22 -2.91
N HIS A 99 6.09 10.46 -3.90
CA HIS A 99 6.05 11.73 -4.58
C HIS A 99 4.62 12.10 -4.94
N ALA A 100 4.04 13.03 -4.18
CA ALA A 100 2.67 13.45 -4.40
C ALA A 100 2.59 14.47 -5.52
N SER A 101 1.85 14.13 -6.56
CA SER A 101 1.67 15.01 -7.72
C SER A 101 0.20 15.36 -7.90
N VAL A 102 -0.52 15.44 -6.79
CA VAL A 102 -1.95 15.71 -6.81
C VAL A 102 -2.24 17.16 -7.20
N LEU A 103 -1.25 18.02 -7.04
CA LEU A 103 -1.45 19.43 -7.28
C LEU A 103 -0.45 20.02 -8.28
N GLU A 104 -0.97 20.92 -9.10
CA GLU A 104 -0.16 21.70 -10.02
C GLU A 104 -0.41 23.18 -9.70
N HIS A 105 0.51 24.05 -10.10
CA HIS A 105 0.40 25.47 -9.77
C HIS A 105 -0.92 26.04 -10.26
N HIS A 106 -1.41 27.05 -9.55
CA HIS A 106 -2.72 27.65 -9.80
C HIS A 106 -2.65 28.59 -11.01
N HIS A 107 -2.14 28.08 -12.13
CA HIS A 107 -1.93 28.88 -13.31
C HIS A 107 -3.20 28.98 -14.15
N HIS A 108 -4.15 28.08 -13.90
CA HIS A 108 -5.44 28.13 -14.56
C HIS A 108 -6.55 28.17 -13.52
N HIS A 109 -7.53 29.02 -13.73
CA HIS A 109 -8.64 29.17 -12.80
C HIS A 109 -9.93 28.67 -13.43
N HIS A 110 -10.63 27.78 -12.74
CA HIS A 110 -11.90 27.27 -13.22
C HIS A 110 -13.03 28.02 -12.55
N MET A 1 0.55 -19.84 -0.50
CA MET A 1 0.47 -18.55 -1.21
C MET A 1 -0.99 -18.08 -1.28
N ILE A 2 -1.18 -16.79 -1.07
CA ILE A 2 -2.51 -16.21 -1.07
C ILE A 2 -2.51 -14.92 -1.89
N THR A 3 -3.68 -14.48 -2.31
CA THR A 3 -3.82 -13.22 -3.02
C THR A 3 -3.47 -12.04 -2.11
N PHE A 4 -2.67 -11.11 -2.62
CA PHE A 4 -2.19 -9.99 -1.82
C PHE A 4 -3.35 -9.11 -1.34
N ALA A 5 -4.37 -8.97 -2.17
CA ALA A 5 -5.53 -8.18 -1.81
C ALA A 5 -6.19 -8.74 -0.55
N ASP A 6 -6.48 -10.03 -0.58
CA ASP A 6 -7.12 -10.70 0.55
C ASP A 6 -6.18 -10.75 1.74
N TYR A 7 -4.90 -10.99 1.45
CA TYR A 7 -3.87 -11.04 2.49
C TYR A 7 -3.80 -9.72 3.25
N PHE A 8 -3.76 -8.62 2.51
CA PHE A 8 -3.63 -7.29 3.10
C PHE A 8 -4.79 -7.00 4.05
N TYR A 9 -6.02 -7.25 3.56
CA TYR A 9 -7.19 -6.98 4.38
C TYR A 9 -7.25 -7.92 5.58
N GLN A 10 -6.94 -9.19 5.36
CA GLN A 10 -6.95 -10.17 6.44
C GLN A 10 -5.92 -9.79 7.51
N TRP A 11 -4.72 -9.44 7.06
CA TRP A 11 -3.66 -8.99 7.95
C TRP A 11 -4.14 -7.80 8.79
N TYR A 12 -4.79 -6.86 8.13
CA TYR A 12 -5.37 -5.70 8.79
C TYR A 12 -6.41 -6.12 9.83
N GLU A 13 -7.34 -6.98 9.41
CA GLU A 13 -8.47 -7.37 10.25
C GLU A 13 -8.01 -8.24 11.43
N VAL A 14 -6.76 -8.67 11.40
CA VAL A 14 -6.20 -9.45 12.50
C VAL A 14 -5.27 -8.59 13.38
N ASN A 15 -4.68 -7.55 12.79
CA ASN A 15 -3.63 -6.81 13.49
C ASN A 15 -4.05 -5.40 13.90
N LYS A 16 -4.89 -4.75 13.11
CA LYS A 16 -5.17 -3.33 13.33
C LYS A 16 -6.64 -3.09 13.68
N LEU A 17 -7.49 -4.02 13.27
CA LEU A 17 -8.94 -3.85 13.33
C LEU A 17 -9.45 -3.30 14.67
N PRO A 18 -9.19 -4.01 15.80
CA PRO A 18 -9.71 -3.60 17.10
C PRO A 18 -8.74 -2.69 17.86
N HIS A 19 -7.81 -2.09 17.14
CA HIS A 19 -6.75 -1.29 17.76
C HIS A 19 -6.76 0.14 17.25
N VAL A 20 -6.78 0.30 15.93
CA VAL A 20 -6.73 1.62 15.32
C VAL A 20 -8.10 2.27 15.32
N SER A 21 -8.14 3.57 15.09
CA SER A 21 -9.40 4.31 15.02
C SER A 21 -10.15 3.97 13.73
N GLU A 22 -11.45 4.23 13.71
CA GLU A 22 -12.26 3.98 12.53
C GLU A 22 -11.90 4.97 11.43
N SER A 23 -11.36 6.11 11.83
CA SER A 23 -10.81 7.06 10.88
C SER A 23 -9.65 6.40 10.13
N THR A 24 -8.83 5.69 10.88
CA THR A 24 -7.71 4.94 10.31
C THR A 24 -8.24 3.79 9.44
N LYS A 25 -9.34 3.18 9.86
CA LYS A 25 -9.98 2.11 9.10
C LYS A 25 -10.33 2.58 7.70
N ARG A 26 -10.74 3.85 7.60
CA ARG A 26 -11.13 4.43 6.32
C ARG A 26 -9.93 4.48 5.36
N HIS A 27 -8.74 4.68 5.92
CA HIS A 27 -7.52 4.68 5.12
C HIS A 27 -7.23 3.28 4.62
N TYR A 28 -7.51 2.28 5.45
CA TYR A 28 -7.35 0.89 5.06
C TYR A 28 -8.32 0.53 3.94
N GLU A 29 -9.54 1.05 4.03
CA GLU A 29 -10.51 0.86 2.96
C GLU A 29 -9.95 1.37 1.64
N SER A 30 -9.45 2.61 1.65
CA SER A 30 -8.87 3.22 0.47
C SER A 30 -7.67 2.42 -0.01
N ALA A 31 -6.82 2.02 0.92
CA ALA A 31 -5.64 1.23 0.59
C ALA A 31 -6.04 -0.08 -0.08
N TYR A 32 -6.88 -0.85 0.61
CA TYR A 32 -7.30 -2.16 0.16
C TYR A 32 -7.99 -2.10 -1.20
N LYS A 33 -8.86 -1.11 -1.40
CA LYS A 33 -9.65 -1.03 -2.62
C LYS A 33 -8.77 -0.69 -3.82
N HIS A 34 -7.74 0.12 -3.62
CA HIS A 34 -6.81 0.45 -4.69
C HIS A 34 -5.87 -0.71 -4.96
N ILE A 35 -5.49 -1.41 -3.89
CA ILE A 35 -4.64 -2.59 -4.02
C ILE A 35 -5.36 -3.67 -4.83
N LYS A 36 -6.59 -3.99 -4.45
CA LYS A 36 -7.35 -5.02 -5.14
C LYS A 36 -7.74 -4.55 -6.54
N ASP A 37 -7.85 -3.24 -6.71
CA ASP A 37 -8.12 -2.64 -8.01
C ASP A 37 -7.02 -2.99 -9.02
N HIS A 38 -5.78 -2.82 -8.60
CA HIS A 38 -4.64 -3.10 -9.48
C HIS A 38 -4.27 -4.58 -9.43
N PHE A 39 -4.10 -5.11 -8.23
CA PHE A 39 -3.61 -6.47 -8.06
C PHE A 39 -4.77 -7.46 -7.95
N ARG A 40 -5.69 -7.40 -8.91
CA ARG A 40 -6.85 -8.29 -8.95
C ARG A 40 -6.41 -9.75 -9.05
N HIS A 41 -6.59 -10.48 -7.95
CA HIS A 41 -6.25 -11.90 -7.87
C HIS A 41 -4.74 -12.11 -8.03
N LYS A 42 -3.97 -11.09 -7.70
CA LYS A 42 -2.52 -11.18 -7.75
C LYS A 42 -2.00 -11.80 -6.45
N LEU A 43 -1.17 -12.84 -6.57
CA LEU A 43 -0.60 -13.51 -5.41
C LEU A 43 0.42 -12.61 -4.71
N LEU A 44 0.57 -12.86 -3.41
CA LEU A 44 1.48 -12.08 -2.55
C LEU A 44 2.89 -12.01 -3.11
N LYS A 45 3.41 -13.14 -3.57
CA LYS A 45 4.78 -13.21 -4.05
C LYS A 45 4.87 -12.76 -5.51
N ASP A 46 3.73 -12.54 -6.15
CA ASP A 46 3.71 -12.23 -7.57
C ASP A 46 3.56 -10.72 -7.77
N ILE A 47 3.60 -9.98 -6.67
CA ILE A 47 3.55 -8.53 -6.74
C ILE A 47 4.83 -7.99 -7.36
N LYS A 48 4.69 -7.38 -8.52
CA LYS A 48 5.83 -6.80 -9.21
C LYS A 48 6.26 -5.53 -8.50
N ARG A 49 7.54 -5.45 -8.13
CA ARG A 49 8.04 -4.31 -7.36
C ARG A 49 7.92 -3.01 -8.14
N THR A 50 8.02 -3.10 -9.46
CA THR A 50 7.83 -1.95 -10.32
C THR A 50 6.36 -1.53 -10.35
N GLU A 51 5.47 -2.53 -10.39
CA GLU A 51 4.04 -2.28 -10.37
C GLU A 51 3.65 -1.66 -9.03
N TYR A 52 4.27 -2.14 -7.97
CA TYR A 52 4.03 -1.61 -6.64
C TYR A 52 4.48 -0.16 -6.53
N GLN A 53 5.66 0.13 -7.08
CA GLN A 53 6.17 1.50 -7.08
C GLN A 53 5.28 2.39 -7.94
N LYS A 54 4.93 1.90 -9.13
CA LYS A 54 4.01 2.58 -10.01
C LYS A 54 2.67 2.84 -9.32
N PHE A 55 2.22 1.86 -8.55
CA PHE A 55 1.00 2.00 -7.76
C PHE A 55 1.09 3.23 -6.84
N LEU A 56 2.21 3.36 -6.14
CA LEU A 56 2.43 4.50 -5.25
C LEU A 56 2.53 5.78 -6.05
N ASN A 57 3.27 5.74 -7.16
CA ASN A 57 3.44 6.91 -8.01
C ASN A 57 2.10 7.43 -8.51
N GLU A 58 1.23 6.52 -8.91
CA GLU A 58 -0.10 6.86 -9.39
C GLU A 58 -0.99 7.35 -8.25
N TYR A 59 -0.92 6.66 -7.12
CA TYR A 59 -1.74 6.98 -5.96
C TYR A 59 -1.50 8.41 -5.49
N GLY A 60 -0.25 8.84 -5.51
CA GLY A 60 0.10 10.16 -5.04
C GLY A 60 -0.13 11.24 -6.08
N LEU A 61 -0.71 10.85 -7.22
CA LEU A 61 -1.09 11.83 -8.24
C LEU A 61 -2.51 12.29 -8.03
N THR A 62 -3.21 11.64 -7.10
CA THR A 62 -4.59 11.99 -6.80
C THR A 62 -4.85 12.03 -5.29
N HIS A 63 -3.79 11.88 -4.51
CA HIS A 63 -3.94 11.84 -3.06
C HIS A 63 -2.81 12.62 -2.38
N SER A 64 -3.08 13.07 -1.16
CA SER A 64 -2.12 13.85 -0.39
C SER A 64 -0.94 12.99 0.02
N TYR A 65 0.19 13.64 0.31
CA TYR A 65 1.41 12.95 0.71
C TYR A 65 1.19 12.14 1.98
N GLU A 66 0.42 12.69 2.89
CA GLU A 66 0.15 12.03 4.15
C GLU A 66 -0.61 10.74 3.92
N THR A 67 -1.51 10.77 2.93
CA THR A 67 -2.33 9.63 2.61
C THR A 67 -1.49 8.52 1.96
N ILE A 68 -0.64 8.89 1.01
CA ILE A 68 0.20 7.92 0.34
C ILE A 68 1.26 7.35 1.28
N ARG A 69 1.76 8.19 2.19
CA ARG A 69 2.70 7.73 3.20
C ARG A 69 2.04 6.73 4.13
N LYS A 70 0.82 7.05 4.54
CA LYS A 70 0.04 6.18 5.41
C LYS A 70 -0.22 4.85 4.72
N LEU A 71 -0.61 4.93 3.44
CA LEU A 71 -0.75 3.76 2.58
C LEU A 71 0.53 2.91 2.57
N ASN A 72 1.64 3.55 2.20
CA ASN A 72 2.96 2.90 2.17
C ASN A 72 3.25 2.17 3.47
N SER A 73 2.98 2.85 4.59
CA SER A 73 3.25 2.30 5.91
C SER A 73 2.49 0.98 6.12
N TYR A 74 1.24 0.94 5.67
CA TYR A 74 0.41 -0.25 5.81
C TYR A 74 1.01 -1.41 5.03
N ILE A 75 1.25 -1.19 3.75
CA ILE A 75 1.74 -2.24 2.85
C ILE A 75 3.12 -2.72 3.29
N ARG A 76 3.96 -1.79 3.71
CA ARG A 76 5.29 -2.12 4.20
C ARG A 76 5.19 -3.04 5.42
N ASN A 77 4.27 -2.72 6.32
CA ASN A 77 4.06 -3.53 7.52
C ASN A 77 3.48 -4.90 7.17
N ALA A 78 2.65 -4.94 6.13
CA ALA A 78 2.03 -6.19 5.68
C ALA A 78 3.07 -7.13 5.10
N PHE A 79 3.94 -6.59 4.23
CA PHE A 79 5.02 -7.38 3.65
C PHE A 79 6.04 -7.77 4.71
N ASP A 80 6.31 -6.86 5.64
CA ASP A 80 7.27 -7.11 6.71
C ASP A 80 6.82 -8.31 7.54
N ASP A 81 5.52 -8.43 7.77
CA ASP A 81 5.00 -9.58 8.50
C ASP A 81 5.15 -10.85 7.67
N ALA A 82 4.89 -10.73 6.37
CA ALA A 82 4.98 -11.86 5.45
C ALA A 82 6.41 -12.39 5.38
N ILE A 83 7.38 -11.49 5.30
CA ILE A 83 8.78 -11.89 5.23
C ILE A 83 9.26 -12.40 6.57
N HIS A 84 8.73 -11.84 7.65
CA HIS A 84 9.01 -12.34 9.00
C HIS A 84 8.49 -13.76 9.16
N GLU A 85 7.43 -14.06 8.43
CA GLU A 85 6.81 -15.37 8.45
C GLU A 85 7.58 -16.33 7.55
N GLY A 86 8.28 -15.76 6.57
CA GLY A 86 8.94 -16.58 5.56
C GLY A 86 7.93 -17.03 4.52
N TYR A 87 6.88 -16.23 4.38
CA TYR A 87 5.75 -16.57 3.55
C TYR A 87 5.84 -15.88 2.18
N VAL A 88 6.90 -15.11 1.99
CA VAL A 88 7.10 -14.40 0.74
C VAL A 88 8.60 -14.10 0.55
N ILE A 89 8.94 -13.45 -0.56
CA ILE A 89 10.32 -13.06 -0.84
C ILE A 89 10.75 -11.90 0.07
N LYS A 90 11.90 -11.29 -0.24
CA LYS A 90 12.44 -10.22 0.58
C LYS A 90 11.80 -8.87 0.24
N ASN A 91 10.50 -8.90 0.00
CA ASN A 91 9.67 -7.71 -0.19
C ASN A 91 9.95 -6.99 -1.52
N PRO A 92 8.87 -6.67 -2.26
CA PRO A 92 8.93 -5.81 -3.44
C PRO A 92 8.98 -4.34 -3.04
N THR A 93 8.86 -4.10 -1.75
CA THR A 93 8.88 -2.75 -1.18
C THR A 93 10.32 -2.23 -1.08
N TYR A 94 11.14 -2.62 -2.04
CA TYR A 94 12.56 -2.26 -2.06
C TYR A 94 12.74 -0.77 -2.38
N LYS A 95 12.31 -0.37 -3.57
CA LYS A 95 12.46 1.01 -4.01
C LYS A 95 11.11 1.72 -4.03
N ALA A 96 10.33 1.49 -2.99
CA ALA A 96 9.02 2.09 -2.88
C ALA A 96 9.11 3.54 -2.42
N GLU A 97 9.06 4.46 -3.37
CA GLU A 97 9.17 5.87 -3.06
C GLU A 97 7.79 6.53 -3.05
N LEU A 98 7.65 7.55 -2.22
CA LEU A 98 6.38 8.27 -2.09
C LEU A 98 6.32 9.39 -3.11
N HIS A 99 5.57 9.15 -4.18
CA HIS A 99 5.45 10.12 -5.27
C HIS A 99 4.12 10.86 -5.17
N ALA A 100 4.15 12.04 -4.57
CA ALA A 100 2.95 12.83 -4.37
C ALA A 100 3.10 14.20 -5.05
N SER A 101 2.39 14.38 -6.14
CA SER A 101 2.47 15.62 -6.90
C SER A 101 1.22 16.46 -6.69
N VAL A 102 0.42 16.07 -5.72
CA VAL A 102 -0.83 16.76 -5.44
C VAL A 102 -0.60 17.98 -4.56
N LEU A 103 -0.54 19.13 -5.18
CA LEU A 103 -0.47 20.40 -4.47
C LEU A 103 -1.49 21.36 -5.03
N GLU A 104 -2.32 21.92 -4.17
CA GLU A 104 -3.36 22.84 -4.60
C GLU A 104 -2.75 24.21 -4.88
N HIS A 105 -1.98 24.70 -3.93
CA HIS A 105 -1.33 26.00 -4.09
C HIS A 105 0.17 25.84 -4.35
N HIS A 106 0.67 26.57 -5.32
CA HIS A 106 2.06 26.49 -5.73
C HIS A 106 2.75 27.84 -5.54
N HIS A 107 2.31 28.82 -6.31
CA HIS A 107 2.86 30.17 -6.23
C HIS A 107 1.76 31.18 -5.92
N HIS A 108 2.10 32.18 -5.14
CA HIS A 108 1.15 33.21 -4.76
C HIS A 108 1.24 34.41 -5.70
N HIS A 109 2.45 34.88 -5.96
CA HIS A 109 2.62 36.03 -6.85
C HIS A 109 4.00 36.00 -7.52
N HIS A 110 4.31 37.06 -8.25
CA HIS A 110 5.61 37.22 -8.89
C HIS A 110 6.10 38.65 -8.69
N MET A 1 -0.97 -19.87 -3.36
CA MET A 1 -0.63 -18.69 -2.53
C MET A 1 -1.77 -17.68 -2.60
N ILE A 2 -1.78 -16.72 -1.67
CA ILE A 2 -2.88 -15.77 -1.59
C ILE A 2 -2.57 -14.47 -2.37
N THR A 3 -3.63 -13.83 -2.80
CA THR A 3 -3.56 -12.52 -3.44
C THR A 3 -3.25 -11.44 -2.41
N PHE A 4 -2.50 -10.42 -2.82
CA PHE A 4 -2.06 -9.38 -1.90
C PHE A 4 -3.25 -8.56 -1.38
N ALA A 5 -4.22 -8.30 -2.25
CA ALA A 5 -5.39 -7.52 -1.84
C ALA A 5 -6.08 -8.16 -0.65
N ASP A 6 -6.46 -9.42 -0.80
CA ASP A 6 -7.12 -10.17 0.25
C ASP A 6 -6.20 -10.30 1.47
N TYR A 7 -4.92 -10.52 1.21
CA TYR A 7 -3.92 -10.64 2.26
C TYR A 7 -3.84 -9.36 3.09
N PHE A 8 -3.83 -8.23 2.41
CA PHE A 8 -3.68 -6.93 3.07
C PHE A 8 -4.83 -6.65 4.04
N TYR A 9 -6.05 -6.89 3.59
CA TYR A 9 -7.21 -6.57 4.41
C TYR A 9 -7.28 -7.51 5.61
N GLN A 10 -7.02 -8.79 5.40
CA GLN A 10 -7.08 -9.76 6.50
C GLN A 10 -5.93 -9.50 7.46
N TRP A 11 -4.77 -9.10 6.92
CA TRP A 11 -3.62 -8.73 7.75
C TRP A 11 -4.01 -7.60 8.70
N TYR A 12 -4.74 -6.64 8.17
CA TYR A 12 -5.24 -5.53 8.96
C TYR A 12 -6.28 -6.00 9.96
N GLU A 13 -7.33 -6.64 9.45
CA GLU A 13 -8.46 -7.07 10.27
C GLU A 13 -8.03 -7.97 11.43
N VAL A 14 -7.13 -8.90 11.15
CA VAL A 14 -6.67 -9.84 12.17
C VAL A 14 -5.82 -9.16 13.24
N ASN A 15 -5.05 -8.14 12.86
CA ASN A 15 -4.10 -7.54 13.78
C ASN A 15 -4.56 -6.17 14.27
N LYS A 16 -4.64 -5.22 13.37
CA LYS A 16 -5.02 -3.86 13.72
C LYS A 16 -6.52 -3.67 13.47
N LEU A 17 -7.33 -3.85 14.50
CA LEU A 17 -8.77 -3.69 14.33
C LEU A 17 -9.44 -3.21 15.63
N PRO A 18 -9.34 -3.99 16.74
CA PRO A 18 -9.97 -3.59 18.01
C PRO A 18 -9.28 -2.41 18.65
N HIS A 19 -8.06 -2.14 18.20
CA HIS A 19 -7.24 -1.08 18.79
C HIS A 19 -7.45 0.23 18.05
N VAL A 20 -8.16 0.16 16.92
CA VAL A 20 -8.40 1.34 16.11
C VAL A 20 -9.90 1.52 15.87
N SER A 21 -10.26 2.65 15.30
CA SER A 21 -11.65 2.91 14.96
C SER A 21 -11.80 2.94 13.43
N GLU A 22 -13.05 2.98 12.96
CA GLU A 22 -13.33 2.99 11.53
C GLU A 22 -12.75 4.21 10.83
N SER A 23 -12.52 5.28 11.58
CA SER A 23 -11.82 6.44 11.03
C SER A 23 -10.42 6.03 10.57
N THR A 24 -9.78 5.18 11.35
CA THR A 24 -8.48 4.63 10.97
C THR A 24 -8.65 3.57 9.90
N LYS A 25 -9.71 2.77 10.04
CA LYS A 25 -10.03 1.76 9.03
C LYS A 25 -10.19 2.41 7.66
N ARG A 26 -10.74 3.61 7.64
CA ARG A 26 -10.99 4.32 6.40
C ARG A 26 -9.69 4.50 5.60
N HIS A 27 -8.59 4.74 6.29
CA HIS A 27 -7.30 4.88 5.63
C HIS A 27 -6.80 3.54 5.11
N TYR A 28 -6.87 2.52 5.96
CA TYR A 28 -6.44 1.18 5.57
C TYR A 28 -7.32 0.63 4.44
N GLU A 29 -8.62 0.84 4.56
CA GLU A 29 -9.56 0.40 3.55
C GLU A 29 -9.38 1.18 2.27
N SER A 30 -9.15 2.49 2.38
CA SER A 30 -8.84 3.32 1.22
C SER A 30 -7.71 2.69 0.43
N ALA A 31 -6.65 2.32 1.14
CA ALA A 31 -5.55 1.59 0.54
C ALA A 31 -6.04 0.31 -0.10
N TYR A 32 -6.79 -0.48 0.67
CA TYR A 32 -7.30 -1.77 0.21
C TYR A 32 -8.14 -1.64 -1.06
N LYS A 33 -9.02 -0.65 -1.14
CA LYS A 33 -9.89 -0.49 -2.31
C LYS A 33 -9.04 -0.26 -3.55
N HIS A 34 -8.05 0.61 -3.42
CA HIS A 34 -7.18 0.92 -4.54
C HIS A 34 -6.25 -0.24 -4.83
N ILE A 35 -5.86 -0.97 -3.78
CA ILE A 35 -5.08 -2.19 -3.96
C ILE A 35 -5.89 -3.22 -4.72
N LYS A 36 -7.12 -3.44 -4.30
CA LYS A 36 -8.02 -4.40 -4.94
C LYS A 36 -8.30 -3.99 -6.38
N ASP A 37 -8.25 -2.68 -6.63
CA ASP A 37 -8.47 -2.13 -7.97
C ASP A 37 -7.31 -2.45 -8.89
N HIS A 38 -6.08 -2.24 -8.42
CA HIS A 38 -4.90 -2.46 -9.24
C HIS A 38 -4.44 -3.91 -9.17
N PHE A 39 -4.76 -4.56 -8.06
CA PHE A 39 -4.35 -5.94 -7.82
C PHE A 39 -5.56 -6.79 -7.45
N ARG A 40 -6.28 -7.25 -8.46
CA ARG A 40 -7.43 -8.12 -8.22
C ARG A 40 -6.92 -9.52 -7.92
N HIS A 41 -6.30 -10.12 -8.92
CA HIS A 41 -5.66 -11.42 -8.75
C HIS A 41 -4.18 -11.32 -9.07
N LYS A 42 -3.44 -10.86 -8.09
CA LYS A 42 -1.99 -10.79 -8.17
C LYS A 42 -1.41 -11.22 -6.83
N LEU A 43 -0.82 -12.41 -6.83
CA LEU A 43 -0.24 -12.98 -5.62
C LEU A 43 0.79 -12.03 -5.02
N LEU A 44 0.98 -12.09 -3.71
CA LEU A 44 1.96 -11.21 -3.07
C LEU A 44 3.39 -11.63 -3.42
N LYS A 45 3.53 -12.76 -4.11
CA LYS A 45 4.82 -13.18 -4.64
C LYS A 45 5.00 -12.70 -6.08
N ASP A 46 3.93 -12.16 -6.64
CA ASP A 46 3.95 -11.68 -8.02
C ASP A 46 4.28 -10.20 -8.02
N ILE A 47 3.83 -9.52 -6.98
CA ILE A 47 4.08 -8.11 -6.82
C ILE A 47 5.56 -7.87 -6.49
N LYS A 48 6.13 -6.89 -7.16
CA LYS A 48 7.54 -6.58 -7.00
C LYS A 48 7.70 -5.07 -6.99
N ARG A 49 8.94 -4.60 -6.96
CA ARG A 49 9.20 -3.16 -6.86
C ARG A 49 8.56 -2.39 -8.01
N THR A 50 8.55 -2.96 -9.21
CA THR A 50 7.92 -2.31 -10.35
C THR A 50 6.41 -2.32 -10.21
N GLU A 51 5.88 -3.41 -9.67
CA GLU A 51 4.45 -3.56 -9.48
C GLU A 51 3.95 -2.59 -8.42
N TYR A 52 4.77 -2.39 -7.40
CA TYR A 52 4.48 -1.46 -6.32
C TYR A 52 4.54 -0.03 -6.83
N GLN A 53 5.52 0.24 -7.69
CA GLN A 53 5.68 1.56 -8.30
C GLN A 53 4.43 1.97 -9.06
N LYS A 54 3.81 1.00 -9.75
CA LYS A 54 2.57 1.25 -10.50
C LYS A 54 1.51 1.82 -9.57
N PHE A 55 1.30 1.11 -8.47
CA PHE A 55 0.30 1.48 -7.49
C PHE A 55 0.59 2.84 -6.87
N LEU A 56 1.86 3.05 -6.52
CA LEU A 56 2.28 4.31 -5.90
C LEU A 56 2.04 5.50 -6.82
N ASN A 57 2.39 5.34 -8.09
CA ASN A 57 2.25 6.43 -9.04
C ASN A 57 0.81 6.87 -9.19
N GLU A 58 -0.08 5.91 -9.42
CA GLU A 58 -1.48 6.21 -9.64
C GLU A 58 -2.16 6.71 -8.36
N TYR A 59 -1.69 6.23 -7.21
CA TYR A 59 -2.27 6.63 -5.93
C TYR A 59 -1.79 8.02 -5.54
N GLY A 60 -0.51 8.30 -5.81
CA GLY A 60 0.07 9.56 -5.42
C GLY A 60 -0.45 10.73 -6.22
N LEU A 61 -0.90 10.46 -7.43
CA LEU A 61 -1.41 11.52 -8.30
C LEU A 61 -2.83 11.91 -7.92
N THR A 62 -3.43 11.17 -7.00
CA THR A 62 -4.81 11.41 -6.61
C THR A 62 -4.94 11.63 -5.11
N HIS A 63 -3.82 11.67 -4.40
CA HIS A 63 -3.85 11.77 -2.94
C HIS A 63 -2.71 12.64 -2.43
N SER A 64 -2.80 13.04 -1.16
CA SER A 64 -1.76 13.85 -0.55
C SER A 64 -0.51 13.01 -0.29
N TYR A 65 0.62 13.69 -0.11
CA TYR A 65 1.90 13.02 0.10
C TYR A 65 1.85 12.13 1.34
N GLU A 66 1.23 12.60 2.41
CA GLU A 66 1.19 11.83 3.64
C GLU A 66 0.27 10.63 3.49
N THR A 67 -0.77 10.77 2.68
CA THR A 67 -1.70 9.69 2.43
C THR A 67 -0.99 8.50 1.81
N ILE A 68 -0.17 8.77 0.79
CA ILE A 68 0.61 7.72 0.14
C ILE A 68 1.77 7.28 1.04
N ARG A 69 2.32 8.21 1.82
CA ARG A 69 3.41 7.90 2.74
C ARG A 69 2.98 6.89 3.80
N LYS A 70 1.81 7.12 4.39
CA LYS A 70 1.29 6.21 5.41
C LYS A 70 0.89 4.89 4.78
N LEU A 71 0.40 4.97 3.54
CA LEU A 71 0.13 3.78 2.73
C LEU A 71 1.39 2.93 2.59
N ASN A 72 2.48 3.59 2.21
CA ASN A 72 3.78 2.93 2.05
C ASN A 72 4.18 2.21 3.34
N SER A 73 3.92 2.84 4.48
CA SER A 73 4.25 2.27 5.77
C SER A 73 3.46 0.98 6.03
N TYR A 74 2.19 0.98 5.63
CA TYR A 74 1.32 -0.17 5.86
C TYR A 74 1.79 -1.37 5.05
N ILE A 75 2.03 -1.15 3.77
CA ILE A 75 2.44 -2.23 2.87
C ILE A 75 3.81 -2.77 3.24
N ARG A 76 4.70 -1.89 3.69
CA ARG A 76 6.01 -2.31 4.17
C ARG A 76 5.87 -3.19 5.40
N ASN A 77 4.96 -2.83 6.30
CA ASN A 77 4.72 -3.60 7.51
C ASN A 77 4.06 -4.94 7.16
N ALA A 78 3.12 -4.90 6.21
CA ALA A 78 2.41 -6.11 5.79
C ALA A 78 3.35 -7.14 5.19
N PHE A 79 4.26 -6.69 4.33
CA PHE A 79 5.23 -7.58 3.71
C PHE A 79 6.32 -7.97 4.69
N ASP A 80 6.63 -7.08 5.62
CA ASP A 80 7.62 -7.38 6.66
C ASP A 80 7.13 -8.53 7.52
N ASP A 81 5.83 -8.54 7.82
CA ASP A 81 5.22 -9.68 8.51
C ASP A 81 5.33 -10.93 7.64
N ALA A 82 4.97 -10.79 6.37
CA ALA A 82 4.99 -11.91 5.43
C ALA A 82 6.38 -12.56 5.36
N ILE A 83 7.40 -11.75 5.20
CA ILE A 83 8.77 -12.24 5.09
C ILE A 83 9.25 -12.80 6.43
N HIS A 84 8.77 -12.21 7.51
CA HIS A 84 9.16 -12.62 8.86
C HIS A 84 8.51 -13.95 9.20
N GLU A 85 7.39 -14.24 8.58
CA GLU A 85 6.64 -15.46 8.86
C GLU A 85 7.00 -16.58 7.90
N GLY A 86 7.92 -16.30 6.99
CA GLY A 86 8.27 -17.28 5.98
C GLY A 86 7.13 -17.51 5.02
N TYR A 87 6.30 -16.49 4.87
CA TYR A 87 5.14 -16.55 4.01
C TYR A 87 5.59 -16.36 2.56
N VAL A 88 6.33 -15.28 2.33
CA VAL A 88 6.97 -15.02 1.06
C VAL A 88 8.34 -14.44 1.31
N ILE A 89 9.20 -14.44 0.30
CA ILE A 89 10.52 -13.87 0.44
C ILE A 89 10.78 -12.82 -0.65
N LYS A 90 10.10 -11.69 -0.51
CA LYS A 90 10.25 -10.58 -1.44
C LYS A 90 10.06 -9.25 -0.74
N ASN A 91 10.77 -8.25 -1.23
CA ASN A 91 10.57 -6.88 -0.79
C ASN A 91 10.22 -6.00 -1.98
N PRO A 92 8.93 -5.94 -2.33
CA PRO A 92 8.45 -5.12 -3.46
C PRO A 92 8.40 -3.64 -3.10
N THR A 93 8.76 -3.36 -1.86
CA THR A 93 8.71 -2.02 -1.32
C THR A 93 9.98 -1.23 -1.66
N TYR A 94 10.82 -1.82 -2.51
CA TYR A 94 12.01 -1.17 -3.01
C TYR A 94 11.64 -0.34 -4.24
N LYS A 95 12.48 0.64 -4.58
CA LYS A 95 12.22 1.55 -5.70
C LYS A 95 11.04 2.46 -5.38
N ALA A 96 10.72 2.55 -4.09
CA ALA A 96 9.59 3.33 -3.63
C ALA A 96 9.71 4.77 -4.05
N GLU A 97 8.65 5.30 -4.60
CA GLU A 97 8.63 6.67 -5.05
C GLU A 97 7.27 7.28 -4.78
N LEU A 98 7.23 8.14 -3.77
CA LEU A 98 5.99 8.81 -3.41
C LEU A 98 5.75 9.98 -4.37
N HIS A 99 5.39 9.62 -5.60
CA HIS A 99 5.25 10.57 -6.68
C HIS A 99 3.90 11.29 -6.57
N ALA A 100 3.70 12.00 -5.47
CA ALA A 100 2.48 12.73 -5.24
C ALA A 100 2.53 14.11 -5.86
N SER A 101 2.13 14.20 -7.12
CA SER A 101 2.07 15.49 -7.80
C SER A 101 0.79 16.21 -7.39
N VAL A 102 0.74 16.59 -6.12
CA VAL A 102 -0.39 17.27 -5.54
C VAL A 102 0.08 18.35 -4.56
N LEU A 103 1.16 18.04 -3.84
CA LEU A 103 1.64 18.92 -2.78
C LEU A 103 3.11 19.31 -2.98
N GLU A 104 3.51 19.56 -4.23
CA GLU A 104 4.84 20.10 -4.49
C GLU A 104 4.99 21.43 -3.77
N HIS A 105 5.86 21.47 -2.76
CA HIS A 105 5.93 22.63 -1.89
C HIS A 105 7.37 23.11 -1.71
N HIS A 106 7.60 24.36 -2.08
CA HIS A 106 8.89 25.01 -1.88
C HIS A 106 8.80 25.94 -0.68
N HIS A 107 9.82 25.90 0.17
CA HIS A 107 9.80 26.67 1.41
C HIS A 107 11.22 26.91 1.93
N HIS A 108 11.38 27.97 2.70
CA HIS A 108 12.67 28.29 3.30
C HIS A 108 12.49 28.68 4.77
N HIS A 109 13.32 28.11 5.62
CA HIS A 109 13.34 28.47 7.05
C HIS A 109 14.74 28.81 7.49
N HIS A 110 14.89 29.99 8.07
CA HIS A 110 16.16 30.40 8.66
C HIS A 110 15.96 30.73 10.13
#